data_8QCA
#
_entry.id   8QCA
#
_cell.length_a   1.00
_cell.length_b   1.00
_cell.length_c   1.00
_cell.angle_alpha   90.00
_cell.angle_beta   90.00
_cell.angle_gamma   90.00
#
_symmetry.space_group_name_H-M   'P 1'
#
loop_
_entity.id
_entity.type
_entity.pdbx_description
1 polymer 'Antiviral helicase SKI2'
2 polymer 'Superkiller protein 3'
3 polymer 'Antiviral protein SKI8'
4 polymer 'Superkiller protein 7'
5 polymer "RNA (5'-R(P*UP*UP*UP*U)-3')"
#
loop_
_entity_poly.entity_id
_entity_poly.type
_entity_poly.pdbx_seq_one_letter_code
_entity_poly.pdbx_strand_id
1 'polypeptide(L)'
;MSEGFSSSSIQELYQSLKEITNNADVELFEDRITKLDFESTDEPKHANDIIKDRFLRPSNALPWSLLDMVQDVPHTSSPE
DCSGKLDYKELLKVPDPINRTSYQFKRTGLEGKISGYKEEVDLKEVANANASNSLSITRSINHNQNSVRGSTAQLPFTPG
GIPMKSVKTDSEQNGSSTMANATKLLHKDGQGLFDIPEGMNRGIKPMDSPAENEDQNGQFKELKQLNEIDNELDIRIEAN
EAKLKEEEKSAKSISEEIMEEATEETTADNADDAEIDELLPIGIDFGRTKPVSKSVPVKKEWAHVVDLNHKIENFDELIP
NPARSWPFELDTFQKEAVYHLEQGDSVFVAAHTSAGKTVVAEYAIAMAHRNMTKTIYTSPIKALSNQKFRDFKETFDDVN
IGLITGDVQINPDANCLIMTTEILRSMLYRGADLIRDVEFVIFDEVHYVNDQDRGVVWEEVIIMLPQHVKFILLSATVPN
TYEFANWIGRTKQKNIYVISTPKRPVPLEINIWAKKELIPVINQNSEFLEANFRKHKEILNGESAKGAPSKTDNGRGGST
ARGGRGGSNTRDGRGGRGNSTRGGANRGGSRGAGAIGSNKRKFFTQDGPSKKTWPEIVNYLRKRELLPMVVFVFSKKRCE
EYADWLEGINFCNNKEKSQIHMFIEKSITRLKKEDRDLPQILKTRSLLERGIAVHHGGLLPIVKELIEILFSKGFIKVLF
ATETFAMGLNLPTRTVIFSSIRKHDGNGLRELTPGEFTQMAGRAGRRGLDSTGTVIVMAYNSPLSIATFKEVTMGVPTRL
QSQFRLTYNMILNLLRIEALRVEEMIKYSFSENAKETLQPEHEKQIKVLQEELQTIEYKSCEICDNDIEKFLELMLAYKE
ATVNLMQEMVKSPSILHILKEGRLVAFRDPNDCLKLGFVFKVSLKDAVCVIMTFTKPYKLPNGEPNHLIYFPKADGYRRR
NFPKFQKTDFYMEEVPVTAIEVITKRKFAAPLGKVIKKDVAALNEFNAETNNILDGKTLKEAINIEKQGLKIHQILLDRT
NIRDEIFKLKSIKCPNLSQHIVPKFKAHVIKKKIEELYHLMSDQNLSLLPDYEKRLAVLKDTEFIDQNHNVLLKGRVACE
INSGYELVLTELILDNFLGSFEPEEIVALLSVFVYEGKTREEEPPIVTPRLAKGKQRIEEIYKKMLCVFNTHQIPLTQDE
AEFLDRKRFAMMNVVYEWARGLSFKEIMEMSPEAEGTVVRVITWLDEICREVKTASIIIGNSTLHMKMSRAQELIKRDIV
FAASLYL
;
A
2 'polypeptide(L)'
;GPDSMSDIKQLLKEAKQELTNRDYEETIEISEKVLKLDPDNYFAHIFLGKALSSLPASNNVSSNRNLERATNHYVSAAKL
VPDNLLAWKGLFLLFRTTEVVPDILSYDEYFDLCGQYADALLKQEQSQVELINDIKLLKKTHPDCQKAFYQHLKPGSLMA
ETIGRHLSTPQDALLNLIKILSNIETTEIGKTLSQNRLKLKASDPDYQIKLNSFSWEIIKNSEIDQLYNQLVNILADDQK
RSEIENQWLEYRIKVLKSMPLDVKKDFFTKVKEMVEDMVLVNHQSLLAWQKYFEWTDYEDLDNMDAPLIIKYFKKFPKDP
LAMILYSWLSSKLSKYDIKSLESANKPPEGHKKTEKETDIKDVDETNEDEVKDRVEDEVKDRVEDEVKDQDEEAKEDEEE
DLDDIEIGLLEEEVVTVLTENIVKCKNNILAHRILCQYYLLTKEYEAALPYIKNGISLIAYNIKDLGVHLPLTKREFSLD
LATVYTYVDAPKDHNAALKLYDNILSGDFSNIQAKMGKGIIFIERKNWKDAMTLLTQVHEQSPNNLEVLSELSWSKAHMG
YMDEALAGLDTVIKGIKGMDLRSIDFRALNLWRQAKVYIMKHASINDAKQENVKCAFKLLIQSIKILDTFAPGFSTLGDI
YCHYYKDHLRAFKCYFKAFDLDAGDYTAAKYITETYASKPNWQAASSIASRLIKGEKAKAELRSNNWPFRVVGIAHLEKQ
EESDSIEWFQSALRVDPNDVESWVGLGQAYHACGRIEASIKVFDKAIQLRPSHTFAQYFKAISLCDVGEYLESLDILEKV
CQEAATEESFQIGLVEVLMRCSLDLYSQGFLLKSVSIAKDTIERIKIIISELKCENQQVWIYLSQVLRLFIWIESKVDTL
PVESLVSIFENSQFSGSEEIDSVDNIKIDTLLDSTTDDNVSIACKFLILASKYSVSDQKFTDIAGTVRASYWYNIGISEL
TAFITLKEPQYRDAAIFAFKKSIQLQSNTSETWIGLGIATMDINFRVSQHCFIKATALEPKATNTWFNLAMLGLKKKDTE
FAQQVLNKLQSLAPQDSSPWLGMALILEEQGDIIGSSKLFAHSFILSNGRSKAAQFMYAKNVLENHINNGDDERDIETVE
KLTTASIALEQFFKKSPDSQFALQCALLTLERLHHYENANELANRLIGILEKKFEKTQDERELFNFAIIKGQFARIHLGL
GNFELSIENADLSQGIISESSDEKSMKTKISNHICLGLSYFFLNDFDQTLNQFQELLSISKDSKHLVVLIAKVLYDVGES
DTKEIALQELTEYIATSGADLLVTLTIAAMSILDDKREDLSIILEELKALPLSKQIIDKHKDAPYLIEEITKRLYRNDTG
KQVWQRSAYFFPNNLKVWERLDKNIQRRIASNGQNKVTAEEMSKLYCESKNLRSIQRGMFLCPWNVTAVKALNECF
;
B
3 'polypeptide(L)'
;MSKVFIATANAGKAHDADIFSVSACNSFTVSCSGDGYLKVWDNKLLDNENPKDKSYSHFVHKSGLHHVDVLQAIERDAFE
LCLVATTSFSGDLLFYRITREDETKKVIFEKLDLLDSDMKKHSFWALKWGASNDRLLSHRLVATDVKGTTYIWKFHPFAD
ESNSLTLNWSPTLELQGTVESPMTPSQFATSVDISERGLIATGFNNGTVQISELSTLRPLYNFESQHSMINNSNSIRSVK
FSPQGSLLAIAHDSNSFGCITLYETEFGERIGSLSVPTHSSQASLGEFAHSSWVMSLSFNDSGETLCSAGWDGKLRFWDV
KTKERITTLNMHCDDIEIEEDILAVDEHGDSLAEPGVFDVKFLKKGWRSGMGADLNESLCCVCLDRSIRWFREAGGK
;
C,D
4 'polypeptide(L)'
;GPDSMSLLEQLARKRIEKSKGLLSADQSHSTSKSASLLERLHKNRETKDNNAETKRKDLKTLLAKDKVKRSDFTPNQHSV
SLSLKLSALKKSNSDLEKQGKSVTLDSKENELPTKRKSPDDKLNLEESWKAIKEMNHYCFLKNDPCINQTDDFAFTNFII
KDKKNSLSTSIPLSSQNSSFLSLKKHNNELLGIFVPCNLPKTTRKVAIENFNRPSPDDIIQSAQLNAFNEKLENLNIKSA
GSWSHPQFEK
;
E
5 'polyribonucleotide' UUUUUUUUUUUUUUUUUUUUUUUUUUUUUU X
#
# COMPACT_ATOMS: atom_id res chain seq x y z
N SER A 8 -0.63 -45.28 8.55
CA SER A 8 0.67 -44.69 8.81
C SER A 8 0.57 -43.18 8.97
N SER A 9 0.72 -42.69 10.20
CA SER A 9 0.65 -41.27 10.47
C SER A 9 1.91 -40.58 9.97
N ILE A 10 1.98 -39.25 10.19
CA ILE A 10 3.13 -38.49 9.74
C ILE A 10 4.40 -38.94 10.45
N GLN A 11 4.29 -39.39 11.70
CA GLN A 11 5.47 -39.83 12.43
C GLN A 11 6.14 -41.03 11.77
N GLU A 12 5.33 -42.00 11.33
CA GLU A 12 5.89 -43.17 10.66
C GLU A 12 6.56 -42.79 9.35
N LEU A 13 5.91 -41.92 8.57
CA LEU A 13 6.49 -41.49 7.30
C LEU A 13 7.81 -40.74 7.51
N TYR A 14 7.86 -39.88 8.54
CA TYR A 14 9.10 -39.14 8.80
C TYR A 14 10.18 -40.05 9.35
N GLN A 15 9.82 -41.08 10.11
CA GLN A 15 10.81 -42.06 10.54
C GLN A 15 11.36 -42.84 9.36
N SER A 16 10.51 -43.15 8.39
CA SER A 16 10.98 -43.86 7.19
C SER A 16 11.95 -43.00 6.39
N LEU A 17 11.85 -41.67 6.50
CA LEU A 17 12.69 -40.79 5.71
C LEU A 17 14.15 -40.88 6.15
N LYS A 18 14.39 -41.04 7.45
CA LYS A 18 15.76 -41.00 7.98
C LYS A 18 16.60 -42.16 7.48
N GLU A 19 15.99 -43.21 6.94
CA GLU A 19 16.75 -44.31 6.37
C GLU A 19 17.44 -43.95 5.06
N ILE A 20 17.14 -42.79 4.49
CA ILE A 20 17.78 -42.34 3.26
C ILE A 20 19.22 -41.98 3.57
N THR A 21 20.16 -42.83 3.15
CA THR A 21 21.55 -42.69 3.49
C THR A 21 22.32 -42.01 2.37
N ASN A 22 23.18 -41.07 2.73
CA ASN A 22 24.02 -40.39 1.75
C ASN A 22 25.07 -41.36 1.20
N ASN A 23 25.29 -41.27 -0.11
CA ASN A 23 26.25 -42.12 -0.80
C ASN A 23 27.36 -41.27 -1.40
N ALA A 24 28.27 -41.92 -2.11
CA ALA A 24 29.38 -41.23 -2.76
C ALA A 24 29.09 -40.96 -4.22
N LEU A 28 26.60 -35.54 -8.83
CA LEU A 28 25.84 -34.44 -9.39
C LEU A 28 24.35 -34.61 -9.14
N PHE A 29 23.62 -33.50 -9.15
CA PHE A 29 22.18 -33.54 -8.92
C PHE A 29 21.47 -34.21 -10.09
N GLU A 30 20.48 -35.04 -9.77
CA GLU A 30 19.65 -35.72 -10.76
C GLU A 30 18.19 -35.49 -10.41
N ASP A 31 17.41 -35.04 -11.39
CA ASP A 31 15.99 -34.80 -11.20
C ASP A 31 15.26 -36.13 -11.24
N ARG A 32 14.87 -36.62 -10.07
CA ARG A 32 14.31 -37.95 -9.94
C ARG A 32 12.79 -37.93 -10.05
N ILE A 33 12.23 -39.10 -10.34
CA ILE A 33 10.79 -39.28 -10.52
C ILE A 33 10.31 -40.30 -9.48
N THR A 34 9.24 -39.95 -8.77
CA THR A 34 8.74 -40.81 -7.71
C THR A 34 8.14 -42.09 -8.27
N LYS A 35 8.16 -43.14 -7.45
CA LYS A 35 7.52 -44.40 -7.77
C LYS A 35 6.10 -44.50 -7.22
N LEU A 36 5.62 -43.46 -6.54
CA LEU A 36 4.29 -43.50 -5.96
C LEU A 36 3.22 -43.33 -7.04
N ASP A 37 2.10 -44.03 -6.86
CA ASP A 37 0.97 -43.96 -7.77
C ASP A 37 -0.15 -43.19 -7.09
N PHE A 38 -0.38 -41.94 -7.55
CA PHE A 38 -1.39 -41.10 -6.92
C PHE A 38 -2.79 -41.68 -7.11
N GLU A 39 -3.09 -42.20 -8.28
CA GLU A 39 -4.40 -42.77 -8.57
C GLU A 39 -4.62 -44.05 -7.75
N LYS A 45 -14.95 -51.31 -3.25
CA LYS A 45 -15.39 -50.00 -3.70
C LYS A 45 -15.68 -49.08 -2.52
N HIS A 46 -14.65 -48.35 -2.07
CA HIS A 46 -14.77 -47.43 -0.95
C HIS A 46 -15.31 -46.06 -1.35
N ALA A 47 -15.93 -45.95 -2.53
CA ALA A 47 -16.50 -44.68 -2.97
C ALA A 47 -17.67 -44.23 -2.11
N ASN A 48 -18.22 -45.11 -1.28
CA ASN A 48 -19.29 -44.71 -0.37
C ASN A 48 -18.77 -43.80 0.74
N ASP A 49 -17.50 -43.98 1.12
CA ASP A 49 -16.94 -43.16 2.19
C ASP A 49 -16.91 -41.69 1.81
N ILE A 50 -16.60 -41.39 0.55
CA ILE A 50 -16.60 -40.01 0.09
C ILE A 50 -18.04 -39.48 0.03
N ILE A 51 -18.97 -40.28 -0.48
CA ILE A 51 -20.36 -39.86 -0.59
C ILE A 51 -20.96 -39.63 0.79
N LYS A 52 -20.70 -40.54 1.73
CA LYS A 52 -21.22 -40.39 3.09
C LYS A 52 -20.63 -39.16 3.76
N ASP A 53 -19.33 -38.92 3.59
CA ASP A 53 -18.69 -37.75 4.19
C ASP A 53 -19.13 -36.45 3.52
N ARG A 54 -19.62 -36.52 2.28
CA ARG A 54 -19.94 -35.32 1.51
C ARG A 54 -21.42 -34.97 1.51
N PHE A 55 -22.31 -35.97 1.48
CA PHE A 55 -23.74 -35.71 1.34
C PHE A 55 -24.58 -36.11 2.54
N LEU A 56 -24.11 -36.99 3.42
CA LEU A 56 -24.94 -37.52 4.49
C LEU A 56 -24.17 -37.56 5.80
N ARG A 57 -23.47 -36.49 6.14
CA ARG A 57 -22.70 -36.42 7.38
C ARG A 57 -23.20 -35.28 8.26
N PRO A 58 -23.96 -35.57 9.31
CA PRO A 58 -24.34 -34.51 10.26
C PRO A 58 -23.12 -33.95 10.97
N SER A 59 -23.18 -32.66 11.29
CA SER A 59 -22.06 -31.94 11.87
C SER A 59 -22.47 -31.25 13.15
N ASN A 60 -21.48 -31.00 14.00
CA ASN A 60 -21.69 -30.26 15.24
C ASN A 60 -21.84 -28.77 15.03
N ALA A 61 -21.20 -28.21 14.00
CA ALA A 61 -21.25 -26.78 13.73
C ALA A 61 -22.46 -26.48 12.86
N LEU A 62 -23.39 -25.70 13.39
CA LEU A 62 -24.59 -25.35 12.65
C LEU A 62 -24.25 -24.35 11.55
N PRO A 63 -24.64 -24.59 10.30
CA PRO A 63 -24.36 -23.64 9.23
C PRO A 63 -25.20 -22.38 9.38
N TRP A 64 -24.83 -21.36 8.60
CA TRP A 64 -25.54 -20.09 8.66
C TRP A 64 -27.00 -20.21 8.24
N SER A 65 -27.35 -21.26 7.49
CA SER A 65 -28.75 -21.46 7.10
C SER A 65 -29.64 -21.71 8.32
N LEU A 66 -29.17 -22.51 9.27
CA LEU A 66 -29.94 -22.75 10.49
C LEU A 66 -29.87 -21.57 11.45
N LEU A 67 -28.73 -20.89 11.50
CA LEU A 67 -28.62 -19.69 12.32
C LEU A 67 -29.54 -18.59 11.82
N ASP A 68 -29.81 -18.55 10.52
CA ASP A 68 -30.78 -17.60 9.99
C ASP A 68 -32.16 -17.83 10.58
N MET A 69 -32.45 -19.07 10.99
CA MET A 69 -33.75 -19.43 11.55
C MET A 69 -33.80 -19.37 13.07
N VAL A 70 -32.69 -19.64 13.75
CA VAL A 70 -32.69 -19.76 15.21
C VAL A 70 -32.09 -18.54 15.91
N GLN A 71 -31.52 -17.60 15.18
CA GLN A 71 -30.88 -16.43 15.77
C GLN A 71 -31.72 -15.19 15.54
N ASP A 72 -31.83 -14.36 16.58
CA ASP A 72 -32.56 -13.11 16.50
C ASP A 72 -31.72 -11.99 17.12
N VAL A 73 -31.71 -10.85 16.45
CA VAL A 73 -30.96 -9.69 16.97
C VAL A 73 -31.62 -9.22 18.27
N PRO A 74 -30.85 -8.85 19.30
CA PRO A 74 -31.43 -8.36 20.56
C PRO A 74 -32.16 -7.03 20.39
N TYR A 88 -26.90 9.53 25.05
CA TYR A 88 -26.13 10.61 24.45
C TYR A 88 -25.04 11.09 25.40
N LYS A 89 -25.16 10.69 26.67
CA LYS A 89 -24.19 11.12 27.67
C LYS A 89 -22.81 10.51 27.42
N GLU A 90 -22.76 9.29 26.91
CA GLU A 90 -21.49 8.60 26.71
C GLU A 90 -20.84 8.90 25.37
N LEU A 91 -21.53 9.63 24.48
CA LEU A 91 -20.94 10.05 23.22
C LEU A 91 -20.16 11.35 23.34
N LEU A 92 -20.30 12.07 24.45
CA LEU A 92 -19.64 13.34 24.64
C LEU A 92 -18.17 13.13 25.01
N LYS A 93 -17.41 14.23 25.00
CA LYS A 93 -16.00 14.22 25.37
C LYS A 93 -15.78 15.23 26.48
N VAL A 94 -15.51 14.73 27.68
CA VAL A 94 -15.26 15.62 28.82
C VAL A 94 -13.91 16.31 28.63
N PRO A 95 -13.83 17.63 28.80
CA PRO A 95 -12.53 18.31 28.64
C PRO A 95 -11.52 17.83 29.67
N ASP A 96 -10.26 17.81 29.26
CA ASP A 96 -9.17 17.31 30.07
C ASP A 96 -8.72 18.35 31.09
N PRO A 97 -8.03 17.93 32.16
CA PRO A 97 -7.62 18.88 33.20
C PRO A 97 -6.63 19.91 32.69
N ILE A 98 -6.30 20.86 33.57
CA ILE A 98 -5.45 21.99 33.24
C ILE A 98 -4.44 22.21 34.36
N ASN A 99 -3.19 22.52 33.98
CA ASN A 99 -2.12 22.79 34.92
C ASN A 99 -1.45 24.09 34.52
N ARG A 100 -1.42 25.05 35.44
CA ARG A 100 -0.83 26.36 35.18
C ARG A 100 0.47 26.60 35.92
N THR A 101 0.88 25.68 36.79
CA THR A 101 2.09 25.82 37.58
C THR A 101 3.22 25.02 36.95
N SER A 102 4.46 25.46 37.21
CA SER A 102 5.63 24.82 36.62
C SER A 102 6.84 25.09 37.50
N TYR A 103 8.02 24.79 36.97
CA TYR A 103 9.28 24.94 37.67
C TYR A 103 10.17 25.96 36.94
N GLN A 104 10.88 26.77 37.72
CA GLN A 104 11.85 27.72 37.20
C GLN A 104 13.17 27.56 37.96
N PHE A 105 14.27 27.63 37.23
CA PHE A 105 15.59 27.39 37.79
C PHE A 105 16.33 28.71 37.95
N LYS A 106 16.92 28.91 39.13
CA LYS A 106 17.60 30.16 39.48
C LYS A 106 19.06 29.84 39.80
N ARG A 107 19.94 30.08 38.84
CA ARG A 107 21.36 29.84 39.04
C ARG A 107 21.96 30.94 39.91
N THR A 108 23.14 30.66 40.46
CA THR A 108 23.79 31.55 41.41
C THR A 108 25.27 31.68 41.09
N GLY A 109 25.80 32.88 41.33
CA GLY A 109 27.22 33.13 41.25
C GLY A 109 27.74 33.18 39.82
N LEU A 110 29.03 33.48 39.71
CA LEU A 110 29.71 33.45 38.43
C LEU A 110 29.83 32.01 37.95
N GLU A 111 29.87 31.85 36.62
CA GLU A 111 29.78 30.53 35.99
C GLU A 111 28.50 29.83 36.46
N GLY A 112 27.36 30.43 36.10
CA GLY A 112 26.06 30.04 36.61
C GLY A 112 25.76 28.57 36.65
N LYS A 113 25.54 28.06 37.85
CA LYS A 113 25.16 26.67 38.08
C LYS A 113 23.81 26.64 38.80
N ILE A 114 23.01 25.63 38.48
CA ILE A 114 21.66 25.54 39.05
C ILE A 114 21.76 25.39 40.55
N SER A 115 21.16 26.32 41.28
CA SER A 115 21.20 26.35 42.74
C SER A 115 19.87 26.02 43.39
N GLY A 116 18.76 26.52 42.86
CA GLY A 116 17.47 26.28 43.45
C GLY A 116 16.36 26.38 42.43
N TYR A 117 15.17 25.94 42.86
CA TYR A 117 13.98 25.96 42.02
C TYR A 117 12.81 26.49 42.82
N LYS A 118 11.83 27.05 42.11
CA LYS A 118 10.65 27.63 42.74
C LYS A 118 9.40 27.16 42.01
N GLU A 119 8.29 27.12 42.73
CA GLU A 119 7.00 26.70 42.19
C GLU A 119 6.23 27.95 41.79
N GLU A 120 6.21 28.24 40.49
CA GLU A 120 5.68 29.49 39.97
C GLU A 120 4.52 29.22 39.02
N VAL A 121 3.57 30.15 39.00
CA VAL A 121 2.42 30.08 38.12
C VAL A 121 2.86 30.24 36.67
N ALA A 129 -2.76 23.94 24.16
CA ALA A 129 -2.24 24.41 22.88
C ALA A 129 -1.71 23.24 22.05
N ASN A 130 -2.41 22.92 20.97
CA ASN A 130 -2.04 21.84 20.08
C ASN A 130 -1.92 22.37 18.65
N ALA A 131 -1.65 21.46 17.72
CA ALA A 131 -1.45 21.86 16.33
C ALA A 131 -2.72 22.39 15.68
N SER A 132 -3.90 22.01 16.18
CA SER A 132 -5.17 22.42 15.62
C SER A 132 -5.83 23.56 16.37
N ASN A 133 -5.11 24.21 17.30
CA ASN A 133 -5.71 25.26 18.11
C ASN A 133 -4.90 26.55 18.07
N SER A 134 -3.57 26.44 18.02
CA SER A 134 -2.69 27.60 18.16
C SER A 134 -1.76 27.72 16.97
N LEU A 135 -1.32 28.96 16.72
CA LEU A 135 -0.34 29.26 15.69
C LEU A 135 1.06 29.46 16.27
N SER A 136 1.24 29.22 17.56
CA SER A 136 2.50 29.51 18.22
C SER A 136 3.54 28.44 17.92
N ILE A 137 4.81 28.85 17.94
CA ILE A 137 5.91 27.91 17.77
C ILE A 137 6.10 27.04 19.00
N THR A 138 5.54 27.44 20.14
CA THR A 138 5.71 26.71 21.39
C THR A 138 4.59 25.71 21.65
N ARG A 139 3.72 25.47 20.68
CA ARG A 139 2.64 24.52 20.85
C ARG A 139 3.18 23.09 20.94
N SER A 140 2.36 22.20 21.47
CA SER A 140 2.77 20.83 21.71
C SER A 140 3.05 20.10 20.41
N ILE A 141 4.04 19.22 20.44
CA ILE A 141 4.41 18.40 19.30
C ILE A 141 3.70 17.07 19.39
N ASN A 142 2.99 16.69 18.33
CA ASN A 142 2.33 15.40 18.25
C ASN A 142 3.20 14.46 17.41
N HIS A 143 3.60 13.35 18.02
CA HIS A 143 4.55 12.43 17.39
C HIS A 143 3.90 11.47 16.40
N ASN A 144 2.57 11.47 16.29
CA ASN A 144 1.90 10.57 15.36
C ASN A 144 2.03 11.03 13.92
N GLN A 145 1.96 12.34 13.67
CA GLN A 145 2.04 12.86 12.31
C GLN A 145 3.48 13.00 11.85
N ASN A 146 3.64 13.14 10.53
CA ASN A 146 4.96 13.29 9.94
C ASN A 146 5.56 14.63 10.33
N SER A 147 6.83 14.60 10.74
CA SER A 147 7.55 15.83 11.08
C SER A 147 8.20 16.49 9.87
N VAL A 148 8.16 15.84 8.71
CA VAL A 148 8.76 16.38 7.50
C VAL A 148 7.71 17.00 6.58
N ARG A 149 6.64 16.28 6.30
CA ARG A 149 5.63 16.77 5.37
C ARG A 149 4.53 17.56 6.07
N GLY A 150 3.91 16.99 7.09
CA GLY A 150 2.80 17.62 7.77
C GLY A 150 1.46 17.17 7.24
N SER A 151 0.43 17.93 7.61
CA SER A 151 -0.93 17.63 7.18
C SER A 151 -1.77 18.88 7.26
N THR A 152 -2.89 18.87 6.55
CA THR A 152 -3.84 19.98 6.61
C THR A 152 -4.61 20.02 7.93
N ALA A 153 -4.55 18.96 8.72
CA ALA A 153 -5.13 18.98 10.05
C ALA A 153 -4.32 19.82 11.03
N GLN A 154 -3.12 20.25 10.64
CA GLN A 154 -2.28 21.11 11.45
C GLN A 154 -2.27 22.51 10.89
N LEU A 155 -2.45 23.50 11.76
CA LEU A 155 -2.30 24.89 11.35
C LEU A 155 -0.82 25.19 11.13
N PRO A 156 -0.52 26.15 10.24
CA PRO A 156 0.88 26.56 10.08
C PRO A 156 1.40 27.33 11.27
N PHE A 157 2.64 27.79 11.22
CA PHE A 157 3.16 28.68 12.24
C PHE A 157 3.00 30.12 11.77
N THR A 158 3.08 31.04 12.72
CA THR A 158 2.86 32.45 12.43
C THR A 158 3.93 32.96 11.47
N PRO A 159 3.57 33.50 10.31
CA PRO A 159 4.58 34.09 9.42
C PRO A 159 5.27 35.26 10.08
N GLY A 160 6.55 35.42 9.76
CA GLY A 160 7.35 36.46 10.38
C GLY A 160 7.23 37.79 9.65
N GLY A 161 7.19 38.86 10.44
CA GLY A 161 7.25 40.21 9.91
C GLY A 161 5.96 40.75 9.33
N ILE A 162 4.86 40.00 9.38
CA ILE A 162 3.61 40.45 8.79
C ILE A 162 2.74 41.16 9.83
N LEU A 185 -21.48 41.08 18.71
CA LEU A 185 -22.22 41.25 17.46
C LEU A 185 -23.12 40.06 17.21
N LEU A 186 -22.59 38.85 17.39
CA LEU A 186 -23.35 37.63 17.20
C LEU A 186 -24.38 37.40 18.29
N HIS A 187 -24.35 38.19 19.36
CA HIS A 187 -25.24 37.98 20.51
C HIS A 187 -26.67 38.26 20.09
N LYS A 188 -27.46 37.20 19.92
CA LYS A 188 -28.89 37.28 19.69
C LYS A 188 -29.55 36.69 20.94
N ASP A 189 -29.74 37.54 21.94
CA ASP A 189 -30.18 37.10 23.26
C ASP A 189 -31.70 37.27 23.39
N GLY A 190 -32.34 36.24 23.94
CA GLY A 190 -33.76 36.30 24.22
C GLY A 190 -34.05 36.08 25.69
N GLN A 191 -34.55 37.11 26.36
CA GLN A 191 -34.85 37.08 27.80
C GLN A 191 -33.61 36.78 28.63
N GLY A 192 -32.44 37.17 28.15
CA GLY A 192 -31.20 37.07 28.89
C GLY A 192 -30.30 35.92 28.50
N LEU A 193 -30.78 34.94 27.74
CA LEU A 193 -30.01 33.76 27.38
C LEU A 193 -29.87 33.66 25.86
N PHE A 194 -28.71 33.21 25.42
CA PHE A 194 -28.47 33.04 24.00
C PHE A 194 -29.38 31.95 23.41
N ASP A 195 -29.83 32.18 22.18
CA ASP A 195 -30.68 31.21 21.49
C ASP A 195 -30.27 30.93 20.06
N ILE A 196 -29.55 31.83 19.40
CA ILE A 196 -29.19 31.70 18.00
C ILE A 196 -27.68 31.52 17.90
N PRO A 197 -27.18 30.37 17.45
CA PRO A 197 -25.74 30.22 17.26
C PRO A 197 -25.24 31.07 16.10
N GLU A 198 -23.93 31.30 16.10
CA GLU A 198 -23.32 32.11 15.05
C GLU A 198 -23.37 31.38 13.71
N GLY A 199 -23.81 32.08 12.67
CA GLY A 199 -23.87 31.51 11.35
C GLY A 199 -25.12 30.72 11.03
N MET A 200 -26.19 30.88 11.80
CA MET A 200 -27.43 30.16 11.56
C MET A 200 -28.61 31.10 11.80
N ASN A 201 -29.81 30.61 11.45
CA ASN A 201 -31.02 31.42 11.52
C ASN A 201 -32.01 30.94 12.57
N ARG A 202 -31.69 29.89 13.32
CA ARG A 202 -32.62 29.37 14.32
C ARG A 202 -31.84 28.62 15.38
N GLY A 203 -32.50 28.41 16.51
CA GLY A 203 -31.96 27.65 17.63
C GLY A 203 -32.51 26.25 17.69
N ILE A 204 -32.83 25.79 18.90
CA ILE A 204 -33.35 24.45 19.13
C ILE A 204 -34.83 24.58 19.49
N LYS A 205 -35.67 23.91 18.72
CA LYS A 205 -37.10 23.84 19.01
C LYS A 205 -37.44 22.42 19.47
N PRO A 206 -37.75 22.21 20.74
CA PRO A 206 -37.98 20.85 21.23
C PRO A 206 -39.21 20.22 20.59
N MET A 207 -39.14 18.91 20.43
CA MET A 207 -40.23 18.15 19.82
C MET A 207 -40.35 16.76 20.44
N GLU A 301 15.33 46.53 9.51
CA GLU A 301 14.28 46.80 8.54
C GLU A 301 14.79 47.65 7.39
N TRP A 302 16.02 47.35 6.94
CA TRP A 302 16.64 48.09 5.84
C TRP A 302 17.56 47.15 5.08
N ALA A 303 17.97 47.60 3.90
CA ALA A 303 18.93 46.88 3.07
C ALA A 303 20.14 47.76 2.83
N HIS A 304 21.32 47.16 2.87
CA HIS A 304 22.58 47.89 2.76
C HIS A 304 23.39 47.35 1.59
N VAL A 305 24.16 48.24 0.97
CA VAL A 305 24.99 47.93 -0.18
C VAL A 305 26.46 48.10 0.22
N VAL A 306 27.26 47.08 -0.03
CA VAL A 306 28.68 47.08 0.32
C VAL A 306 29.51 47.25 -0.94
N ASP A 307 30.53 48.11 -0.87
CA ASP A 307 31.40 48.37 -2.01
C ASP A 307 32.66 47.51 -1.88
N LEU A 308 33.02 46.82 -2.96
CA LEU A 308 34.19 45.97 -2.98
C LEU A 308 35.34 46.64 -3.70
N ILE A 319 37.05 36.58 10.64
CA ILE A 319 36.68 35.57 11.62
C ILE A 319 37.94 34.95 12.23
N PRO A 320 38.01 34.95 13.57
CA PRO A 320 39.19 34.36 14.23
C PRO A 320 39.16 32.84 14.24
N ASN A 321 37.97 32.26 14.31
CA ASN A 321 37.78 30.81 14.32
C ASN A 321 36.77 30.47 13.24
N PRO A 322 37.21 30.42 11.98
CA PRO A 322 36.26 30.15 10.89
C PRO A 322 35.70 28.74 10.97
N ALA A 323 34.43 28.60 10.56
CA ALA A 323 33.77 27.31 10.57
C ALA A 323 34.26 26.40 9.46
N ARG A 324 34.96 26.94 8.46
CA ARG A 324 35.47 26.14 7.35
C ARG A 324 36.66 26.87 6.75
N SER A 325 37.63 26.09 6.28
CA SER A 325 38.86 26.62 5.70
C SER A 325 39.08 26.03 4.33
N TRP A 326 39.75 26.80 3.47
CA TRP A 326 40.04 26.40 2.11
C TRP A 326 41.52 26.61 1.82
N PRO A 327 42.10 25.82 0.91
CA PRO A 327 43.52 26.02 0.58
C PRO A 327 43.81 27.34 -0.09
N PHE A 328 43.05 27.69 -1.13
CA PHE A 328 43.30 28.92 -1.86
C PHE A 328 42.81 30.13 -1.07
N GLU A 329 43.29 31.31 -1.47
CA GLU A 329 42.89 32.55 -0.83
C GLU A 329 41.54 32.99 -1.38
N LEU A 330 40.64 33.38 -0.47
CA LEU A 330 39.28 33.73 -0.86
C LEU A 330 39.24 35.04 -1.62
N ASP A 331 38.19 35.21 -2.42
CA ASP A 331 37.93 36.46 -3.10
C ASP A 331 37.40 37.50 -2.11
N THR A 332 37.39 38.76 -2.55
CA THR A 332 36.92 39.83 -1.68
C THR A 332 35.43 39.67 -1.36
N PHE A 333 34.62 39.32 -2.36
CA PHE A 333 33.19 39.20 -2.12
C PHE A 333 32.88 37.97 -1.25
N GLN A 334 33.65 36.89 -1.42
CA GLN A 334 33.47 35.73 -0.55
C GLN A 334 33.78 36.08 0.90
N LYS A 335 34.87 36.83 1.13
CA LYS A 335 35.21 37.24 2.49
C LYS A 335 34.13 38.15 3.08
N GLU A 336 33.62 39.08 2.26
CA GLU A 336 32.55 39.97 2.74
C GLU A 336 31.32 39.17 3.12
N ALA A 337 30.92 38.22 2.27
CA ALA A 337 29.74 37.40 2.56
C ALA A 337 29.94 36.57 3.82
N VAL A 338 31.13 35.97 3.98
CA VAL A 338 31.39 35.17 5.17
C VAL A 338 31.34 36.03 6.43
N TYR A 339 31.94 37.23 6.37
CA TYR A 339 31.91 38.11 7.53
C TYR A 339 30.49 38.50 7.89
N HIS A 340 29.68 38.86 6.89
CA HIS A 340 28.32 39.30 7.18
C HIS A 340 27.45 38.15 7.66
N LEU A 341 27.69 36.93 7.18
CA LEU A 341 26.99 35.77 7.73
C LEU A 341 27.40 35.52 9.17
N GLU A 342 28.69 35.67 9.48
CA GLU A 342 29.17 35.47 10.84
C GLU A 342 28.57 36.49 11.79
N GLN A 343 28.39 37.74 11.33
CA GLN A 343 27.79 38.75 12.17
C GLN A 343 26.34 38.44 12.54
N GLY A 344 25.68 37.56 11.78
CA GLY A 344 24.38 37.06 12.17
C GLY A 344 23.19 37.67 11.46
N ASP A 345 23.30 37.87 10.15
CA ASP A 345 22.18 38.38 9.37
C ASP A 345 22.29 37.83 7.94
N SER A 346 21.56 38.44 7.02
CA SER A 346 21.38 37.91 5.68
C SER A 346 22.32 38.57 4.68
N VAL A 347 22.52 37.89 3.55
CA VAL A 347 23.33 38.40 2.45
C VAL A 347 22.60 38.13 1.14
N PHE A 348 22.96 38.89 0.11
CA PHE A 348 22.37 38.76 -1.22
C PHE A 348 23.48 38.95 -2.25
N VAL A 349 24.06 37.83 -2.72
CA VAL A 349 25.24 37.84 -3.57
C VAL A 349 24.82 37.67 -5.02
N ALA A 350 25.33 38.55 -5.89
CA ALA A 350 25.05 38.49 -7.32
C ALA A 350 26.39 38.52 -8.05
N ALA A 351 26.82 37.36 -8.56
CA ALA A 351 28.10 37.22 -9.23
C ALA A 351 27.96 36.30 -10.43
N HIS A 352 28.99 36.30 -11.27
CA HIS A 352 28.99 35.46 -12.46
C HIS A 352 29.00 33.98 -12.07
N THR A 353 28.51 33.15 -12.98
CA THR A 353 28.49 31.72 -12.74
C THR A 353 29.91 31.17 -12.64
N SER A 354 30.07 30.14 -11.81
CA SER A 354 31.36 29.48 -11.59
C SER A 354 32.43 30.45 -11.09
N ALA A 355 32.00 31.49 -10.35
CA ALA A 355 32.92 32.41 -9.72
C ALA A 355 33.20 32.07 -8.25
N GLY A 356 32.51 31.08 -7.70
CA GLY A 356 32.76 30.67 -6.33
C GLY A 356 31.65 31.05 -5.36
N LYS A 357 30.40 30.98 -5.80
CA LYS A 357 29.27 31.24 -4.92
C LYS A 357 28.93 30.05 -4.03
N THR A 358 29.46 28.86 -4.32
CA THR A 358 29.24 27.70 -3.48
C THR A 358 29.98 27.78 -2.16
N VAL A 359 31.04 28.59 -2.09
CA VAL A 359 31.77 28.78 -0.84
C VAL A 359 30.87 29.37 0.22
N VAL A 360 30.03 30.33 -0.16
CA VAL A 360 29.11 30.96 0.80
C VAL A 360 28.12 29.93 1.34
N ALA A 361 27.57 29.09 0.46
CA ALA A 361 26.63 28.06 0.91
C ALA A 361 27.31 27.06 1.82
N GLU A 362 28.53 26.65 1.48
CA GLU A 362 29.27 25.70 2.31
C GLU A 362 29.54 26.28 3.70
N TYR A 363 29.94 27.55 3.75
CA TYR A 363 30.19 28.18 5.03
C TYR A 363 28.91 28.32 5.85
N ALA A 364 27.79 28.62 5.19
CA ALA A 364 26.51 28.69 5.91
C ALA A 364 26.14 27.33 6.50
N ILE A 365 26.33 26.26 5.72
CA ILE A 365 26.03 24.92 6.22
C ILE A 365 26.93 24.56 7.40
N ALA A 366 28.22 24.89 7.30
CA ALA A 366 29.14 24.61 8.40
C ALA A 366 28.76 25.40 9.65
N MET A 367 28.39 26.68 9.47
CA MET A 367 27.96 27.49 10.60
C MET A 367 26.73 26.91 11.28
N ALA A 368 25.76 26.47 10.48
CA ALA A 368 24.56 25.87 11.06
C ALA A 368 24.89 24.58 11.80
N HIS A 369 25.78 23.76 11.24
CA HIS A 369 26.17 22.52 11.90
C HIS A 369 26.89 22.79 13.22
N ARG A 370 27.68 23.86 13.27
CA ARG A 370 28.38 24.21 14.50
C ARG A 370 27.40 24.56 15.61
N ASN A 371 26.31 25.26 15.28
CA ASN A 371 25.35 25.73 16.27
C ASN A 371 24.25 24.73 16.56
N MET A 372 24.35 23.51 16.04
CA MET A 372 23.38 22.45 16.28
C MET A 372 22.00 22.82 15.71
N THR A 373 22.00 23.39 14.51
CA THR A 373 20.76 23.69 13.80
C THR A 373 20.80 23.05 12.41
N LYS A 374 19.83 23.39 11.56
CA LYS A 374 19.71 22.75 10.25
C LYS A 374 19.64 23.81 9.16
N THR A 375 19.81 23.35 7.93
CA THR A 375 19.83 24.19 6.74
C THR A 375 18.96 23.56 5.66
N ILE A 376 18.33 24.42 4.86
CA ILE A 376 17.50 23.98 3.73
C ILE A 376 18.06 24.64 2.47
N TYR A 377 18.35 23.82 1.46
CA TYR A 377 18.87 24.29 0.18
C TYR A 377 17.82 24.04 -0.89
N THR A 378 17.32 25.12 -1.50
CA THR A 378 16.26 25.04 -2.47
C THR A 378 16.73 25.58 -3.82
N SER A 379 16.23 24.96 -4.89
CA SER A 379 16.43 25.41 -6.25
C SER A 379 15.15 25.17 -7.03
N PRO A 380 14.84 26.01 -8.02
CA PRO A 380 13.59 25.85 -8.76
C PRO A 380 13.59 24.72 -9.78
N ILE A 381 14.70 24.03 -9.98
CA ILE A 381 14.82 22.96 -10.96
C ILE A 381 15.16 21.67 -10.23
N LYS A 382 14.40 20.61 -10.51
CA LYS A 382 14.60 19.34 -9.82
C LYS A 382 15.84 18.60 -10.31
N ALA A 383 16.35 18.93 -11.50
CA ALA A 383 17.54 18.27 -12.00
C ALA A 383 18.78 18.68 -11.22
N LEU A 384 18.81 19.91 -10.71
CA LEU A 384 19.97 20.39 -9.97
C LEU A 384 20.06 19.79 -8.57
N SER A 385 18.94 19.28 -8.04
CA SER A 385 18.92 18.77 -6.67
C SER A 385 19.83 17.56 -6.51
N ASN A 386 19.78 16.62 -7.46
CA ASN A 386 20.62 15.43 -7.37
C ASN A 386 22.10 15.78 -7.49
N GLN A 387 22.43 16.69 -8.42
CA GLN A 387 23.83 17.11 -8.57
C GLN A 387 24.33 17.80 -7.30
N LYS A 388 23.51 18.66 -6.71
CA LYS A 388 23.93 19.33 -5.48
C LYS A 388 24.05 18.34 -4.33
N PHE A 389 23.18 17.34 -4.28
CA PHE A 389 23.27 16.31 -3.26
C PHE A 389 24.58 15.56 -3.37
N ARG A 390 24.96 15.16 -4.59
CA ARG A 390 26.23 14.47 -4.78
C ARG A 390 27.41 15.38 -4.43
N ASP A 391 27.34 16.65 -4.85
CA ASP A 391 28.43 17.58 -4.57
C ASP A 391 28.63 17.77 -3.07
N PHE A 392 27.55 17.94 -2.32
CA PHE A 392 27.67 18.15 -0.88
C PHE A 392 28.01 16.85 -0.16
N LYS A 393 27.62 15.70 -0.70
CA LYS A 393 28.07 14.43 -0.15
C LYS A 393 29.59 14.29 -0.27
N GLU A 394 30.13 14.66 -1.44
CA GLU A 394 31.57 14.54 -1.64
C GLU A 394 32.35 15.60 -0.87
N THR A 395 31.79 16.81 -0.73
CA THR A 395 32.52 17.90 -0.12
C THR A 395 32.60 17.78 1.39
N PHE A 396 31.52 17.33 2.03
CA PHE A 396 31.34 17.51 3.46
C PHE A 396 31.70 16.25 4.24
N ASP A 397 32.45 16.45 5.33
CA ASP A 397 32.73 15.42 6.31
C ASP A 397 32.14 15.85 7.65
N ASP A 398 31.79 14.85 8.46
CA ASP A 398 31.25 15.00 9.81
C ASP A 398 29.86 15.61 9.83
N VAL A 399 29.30 15.99 8.69
CA VAL A 399 27.93 16.50 8.61
C VAL A 399 27.18 15.69 7.56
N ASN A 400 25.97 15.26 7.92
CA ASN A 400 25.16 14.41 7.04
C ASN A 400 24.12 15.27 6.33
N ILE A 401 23.88 14.96 5.05
CA ILE A 401 22.94 15.71 4.24
C ILE A 401 21.83 14.77 3.80
N GLY A 402 20.67 15.36 3.48
CA GLY A 402 19.53 14.60 3.02
C GLY A 402 18.91 15.25 1.80
N LEU A 403 18.01 14.50 1.17
CA LEU A 403 17.30 14.96 -0.01
C LEU A 403 15.82 14.68 0.17
N ILE A 404 14.99 15.69 -0.08
CA ILE A 404 13.54 15.57 0.05
C ILE A 404 12.94 15.80 -1.33
N THR A 405 12.18 14.83 -1.81
CA THR A 405 11.47 14.92 -3.07
C THR A 405 9.96 14.78 -2.82
N GLY A 406 9.19 14.69 -3.90
CA GLY A 406 7.75 14.55 -3.75
C GLY A 406 7.34 13.28 -3.05
N ASP A 407 8.12 12.21 -3.22
CA ASP A 407 7.78 10.91 -2.64
C ASP A 407 8.89 10.31 -1.80
N VAL A 408 10.15 10.49 -2.20
CA VAL A 408 11.29 9.81 -1.57
C VAL A 408 11.94 10.76 -0.58
N GLN A 409 12.26 10.22 0.60
CA GLN A 409 12.97 10.96 1.64
C GLN A 409 14.23 10.20 1.99
N ILE A 410 15.38 10.87 1.89
CA ILE A 410 16.68 10.29 2.20
C ILE A 410 17.26 11.06 3.37
N ASN A 411 17.58 10.34 4.45
CA ASN A 411 18.08 10.92 5.69
C ASN A 411 17.20 12.07 6.16
N PRO A 412 15.96 11.79 6.58
CA PRO A 412 15.09 12.89 7.04
C PRO A 412 15.64 13.65 8.23
N ASP A 413 16.37 12.98 9.12
CA ASP A 413 16.99 13.63 10.27
C ASP A 413 18.46 13.95 9.98
N ALA A 414 18.66 14.80 8.98
CA ALA A 414 19.98 15.22 8.55
C ALA A 414 20.16 16.71 8.81
N ASN A 415 21.43 17.12 8.95
CA ASN A 415 21.71 18.52 9.23
C ASN A 415 21.36 19.42 8.06
N CYS A 416 21.62 18.97 6.84
CA CYS A 416 21.30 19.72 5.63
C CYS A 416 20.29 18.94 4.80
N LEU A 417 19.24 19.62 4.35
CA LEU A 417 18.20 19.01 3.53
C LEU A 417 18.08 19.79 2.22
N ILE A 418 18.10 19.07 1.11
CA ILE A 418 18.03 19.65 -0.22
C ILE A 418 16.68 19.32 -0.82
N MET A 419 15.96 20.34 -1.28
CA MET A 419 14.63 20.16 -1.84
C MET A 419 14.40 21.26 -2.88
N THR A 420 13.18 21.32 -3.41
CA THR A 420 12.78 22.38 -4.32
C THR A 420 12.00 23.43 -3.54
N THR A 421 11.59 24.49 -4.25
CA THR A 421 10.86 25.57 -3.60
C THR A 421 9.40 25.18 -3.33
N GLU A 422 8.79 24.41 -4.22
CA GLU A 422 7.38 24.04 -4.02
C GLU A 422 7.23 23.08 -2.84
N ILE A 423 8.21 22.19 -2.63
CA ILE A 423 8.17 21.29 -1.48
C ILE A 423 8.25 22.10 -0.19
N LEU A 424 9.14 23.09 -0.15
CA LEU A 424 9.25 23.96 1.02
C LEU A 424 7.96 24.73 1.26
N ARG A 425 7.33 25.25 0.20
CA ARG A 425 6.08 25.97 0.36
C ARG A 425 4.97 25.06 0.90
N SER A 426 4.89 23.84 0.37
CA SER A 426 3.89 22.89 0.88
C SER A 426 4.15 22.54 2.33
N MET A 427 5.42 22.40 2.71
CA MET A 427 5.77 22.18 4.11
C MET A 427 5.32 23.36 4.97
N LEU A 428 5.53 24.58 4.48
CA LEU A 428 5.20 25.76 5.26
C LEU A 428 3.70 25.89 5.46
N TYR A 429 2.90 25.58 4.43
CA TYR A 429 1.45 25.75 4.56
C TYR A 429 0.81 24.69 5.44
N ARG A 430 1.53 23.65 5.84
CA ARG A 430 0.97 22.58 6.66
C ARG A 430 1.65 22.44 8.02
N GLY A 431 2.48 23.41 8.41
CA GLY A 431 3.06 23.46 9.74
C GLY A 431 3.92 22.27 10.11
N ALA A 432 4.82 21.89 9.22
CA ALA A 432 5.73 20.78 9.51
C ALA A 432 6.66 21.14 10.66
N ASP A 433 6.92 20.16 11.52
CA ASP A 433 7.79 20.37 12.67
C ASP A 433 9.26 20.52 12.27
N LEU A 434 9.58 20.27 11.01
CA LEU A 434 10.97 20.39 10.55
C LEU A 434 11.49 21.82 10.68
N ILE A 435 10.63 22.81 10.38
CA ILE A 435 11.06 24.20 10.39
C ILE A 435 11.39 24.72 11.78
N ARG A 436 11.13 23.93 12.83
CA ARG A 436 11.42 24.36 14.19
C ARG A 436 12.92 24.57 14.40
N ASP A 437 13.75 23.69 13.82
CA ASP A 437 15.19 23.71 14.05
C ASP A 437 15.97 24.29 12.88
N VAL A 438 15.29 24.69 11.81
CA VAL A 438 15.97 25.19 10.61
C VAL A 438 16.46 26.61 10.87
N GLU A 439 17.73 26.86 10.57
CA GLU A 439 18.34 28.18 10.75
C GLU A 439 18.48 28.95 9.45
N PHE A 440 18.85 28.29 8.36
CA PHE A 440 19.10 28.93 7.08
C PHE A 440 18.22 28.32 6.00
N VAL A 441 17.74 29.16 5.09
CA VAL A 441 17.16 28.72 3.83
C VAL A 441 17.88 29.43 2.71
N ILE A 442 18.46 28.68 1.79
CA ILE A 442 19.29 29.21 0.72
C ILE A 442 18.49 29.16 -0.58
N PHE A 443 18.37 30.29 -1.26
CA PHE A 443 17.65 30.40 -2.52
C PHE A 443 18.67 30.54 -3.64
N ASP A 444 18.77 29.51 -4.48
CA ASP A 444 19.70 29.50 -5.59
C ASP A 444 18.95 29.71 -6.90
N GLU A 445 19.66 30.27 -7.88
CA GLU A 445 19.10 30.59 -9.20
C GLU A 445 17.87 31.49 -9.06
N VAL A 446 18.01 32.54 -8.24
CA VAL A 446 16.92 33.49 -8.03
C VAL A 446 16.60 34.22 -9.32
N HIS A 447 17.61 34.50 -10.14
CA HIS A 447 17.43 35.20 -11.40
C HIS A 447 16.63 34.40 -12.42
N TYR A 448 16.41 33.11 -12.20
CA TYR A 448 15.68 32.29 -13.16
C TYR A 448 14.27 32.81 -13.35
N VAL A 449 13.86 32.93 -14.61
CA VAL A 449 12.55 33.45 -14.98
C VAL A 449 11.98 32.58 -16.09
N ASN A 450 10.87 31.88 -15.80
CA ASN A 450 10.16 31.09 -16.79
C ASN A 450 8.67 31.34 -16.65
N ASP A 451 7.96 31.31 -17.76
CA ASP A 451 6.52 31.57 -17.75
C ASP A 451 5.71 30.28 -17.67
N GLY A 455 6.66 26.68 -10.52
CA GLY A 455 7.68 26.22 -9.61
C GLY A 455 8.52 27.34 -9.02
N VAL A 456 8.43 28.51 -9.65
CA VAL A 456 9.17 29.69 -9.16
C VAL A 456 8.23 30.42 -8.21
N VAL A 457 8.23 29.97 -6.96
CA VAL A 457 7.30 30.47 -5.95
C VAL A 457 8.07 30.94 -4.72
N TRP A 458 9.29 31.43 -4.90
CA TRP A 458 10.14 31.73 -3.76
C TRP A 458 9.65 32.94 -2.97
N GLU A 459 8.93 33.87 -3.62
CA GLU A 459 8.43 35.03 -2.90
C GLU A 459 7.36 34.63 -1.89
N GLU A 460 6.50 33.68 -2.25
CA GLU A 460 5.52 33.17 -1.31
C GLU A 460 6.21 32.52 -0.11
N VAL A 461 7.30 31.81 -0.35
CA VAL A 461 8.09 31.22 0.73
C VAL A 461 8.67 32.31 1.63
N ILE A 462 9.22 33.37 1.03
CA ILE A 462 9.73 34.50 1.80
C ILE A 462 8.62 35.06 2.70
N ILE A 463 7.42 35.24 2.14
CA ILE A 463 6.32 35.79 2.92
C ILE A 463 5.94 34.86 4.08
N MET A 464 5.89 33.56 3.81
CA MET A 464 5.32 32.60 4.76
C MET A 464 6.32 32.05 5.77
N LEU A 465 7.59 32.43 5.70
CA LEU A 465 8.57 31.84 6.59
C LEU A 465 8.40 32.36 8.02
N PRO A 466 8.76 31.55 9.02
CA PRO A 466 8.77 32.03 10.41
C PRO A 466 9.87 33.07 10.66
N GLN A 467 9.91 33.61 11.87
CA GLN A 467 10.75 34.78 12.16
C GLN A 467 12.16 34.40 12.63
N HIS A 468 12.45 33.12 12.84
CA HIS A 468 13.78 32.70 13.28
C HIS A 468 14.66 32.24 12.13
N VAL A 469 14.18 32.34 10.90
CA VAL A 469 14.90 31.82 9.73
C VAL A 469 15.58 32.99 9.02
N LYS A 470 16.85 32.80 8.66
CA LYS A 470 17.62 33.78 7.91
C LYS A 470 17.71 33.36 6.44
N PHE A 471 18.14 34.30 5.60
CA PHE A 471 18.12 34.12 4.16
C PHE A 471 19.51 34.27 3.57
N ILE A 472 19.84 33.39 2.63
CA ILE A 472 21.01 33.54 1.75
C ILE A 472 20.52 33.32 0.32
N LEU A 473 20.66 34.35 -0.52
CA LEU A 473 20.15 34.30 -1.89
C LEU A 473 21.31 34.43 -2.86
N LEU A 474 21.43 33.46 -3.77
CA LEU A 474 22.49 33.43 -4.76
C LEU A 474 21.87 33.67 -6.14
N SER A 475 22.47 34.59 -6.90
CA SER A 475 21.89 35.00 -8.17
C SER A 475 23.01 35.45 -9.11
N ALA A 476 22.65 35.55 -10.39
CA ALA A 476 23.57 36.06 -11.40
C ALA A 476 23.58 37.58 -11.36
N THR A 477 24.36 38.19 -12.25
CA THR A 477 24.52 39.64 -12.28
C THR A 477 23.29 40.27 -12.92
N VAL A 478 22.49 40.95 -12.11
CA VAL A 478 21.32 41.67 -12.60
C VAL A 478 21.33 43.08 -12.03
N PRO A 479 20.78 44.07 -12.72
CA PRO A 479 20.79 45.45 -12.21
C PRO A 479 19.63 45.82 -11.30
N ASN A 480 18.81 44.86 -10.86
CA ASN A 480 17.64 45.13 -10.04
C ASN A 480 17.76 44.50 -8.66
N THR A 481 18.99 44.37 -8.13
CA THR A 481 19.19 43.63 -6.89
C THR A 481 18.67 44.39 -5.68
N TYR A 482 18.96 45.70 -5.61
CA TYR A 482 18.64 46.46 -4.42
C TYR A 482 17.15 46.54 -4.17
N GLU A 483 16.34 46.55 -5.24
CA GLU A 483 14.90 46.62 -5.06
C GLU A 483 14.36 45.40 -4.32
N PHE A 484 14.75 44.20 -4.78
CA PHE A 484 14.28 42.98 -4.12
C PHE A 484 14.88 42.84 -2.73
N ALA A 485 16.15 43.21 -2.55
CA ALA A 485 16.75 43.15 -1.22
C ALA A 485 16.01 44.06 -0.24
N ASN A 486 15.71 45.29 -0.67
CA ASN A 486 14.97 46.21 0.17
C ASN A 486 13.57 45.70 0.47
N TRP A 487 12.91 45.12 -0.54
CA TRP A 487 11.57 44.58 -0.31
C TRP A 487 11.59 43.48 0.75
N ILE A 488 12.54 42.55 0.65
CA ILE A 488 12.62 41.46 1.62
C ILE A 488 12.94 42.01 3.01
N GLY A 489 13.92 42.92 3.10
CA GLY A 489 14.29 43.46 4.40
C GLY A 489 13.15 44.22 5.06
N ARG A 490 12.41 45.01 4.28
CA ARG A 490 11.27 45.73 4.83
C ARG A 490 10.16 44.79 5.24
N THR A 491 9.89 43.75 4.45
CA THR A 491 8.79 42.85 4.74
C THR A 491 9.07 42.03 5.99
N LYS A 492 10.25 41.42 6.07
CA LYS A 492 10.55 40.50 7.17
C LYS A 492 11.30 41.15 8.33
N GLN A 493 11.52 42.47 8.27
CA GLN A 493 12.31 43.18 9.28
C GLN A 493 13.67 42.50 9.49
N LYS A 494 14.34 42.21 8.39
CA LYS A 494 15.64 41.56 8.40
C LYS A 494 16.67 42.49 7.77
N ASN A 495 17.89 42.41 8.28
CA ASN A 495 19.02 43.14 7.70
C ASN A 495 19.69 42.28 6.65
N ILE A 496 19.75 42.78 5.41
CA ILE A 496 20.27 42.03 4.28
C ILE A 496 21.29 42.89 3.56
N TYR A 497 22.38 42.26 3.12
CA TYR A 497 23.49 42.95 2.48
C TYR A 497 23.59 42.52 1.02
N VAL A 498 23.93 43.47 0.16
CA VAL A 498 24.00 43.25 -1.29
C VAL A 498 25.46 43.28 -1.71
N ILE A 499 25.95 42.15 -2.22
CA ILE A 499 27.31 42.03 -2.71
C ILE A 499 27.25 41.71 -4.19
N SER A 500 27.93 42.53 -5.00
CA SER A 500 27.95 42.37 -6.45
C SER A 500 29.38 42.35 -6.95
N THR A 501 29.66 41.47 -7.90
CA THR A 501 30.99 41.34 -8.47
C THR A 501 30.91 40.99 -9.95
N PRO A 502 31.53 41.78 -10.82
CA PRO A 502 31.54 41.48 -12.27
C PRO A 502 32.77 40.73 -12.76
N LYS A 503 33.68 40.33 -11.87
CA LYS A 503 34.93 39.69 -12.27
C LYS A 503 34.68 38.23 -12.66
N ARG A 504 35.35 37.81 -13.73
CA ARG A 504 35.30 36.44 -14.21
C ARG A 504 36.71 35.87 -14.22
N PRO A 505 36.93 34.66 -13.69
CA PRO A 505 38.31 34.16 -13.57
C PRO A 505 39.00 33.92 -14.90
N VAL A 506 38.26 33.60 -15.96
CA VAL A 506 38.84 33.35 -17.28
C VAL A 506 38.26 34.35 -18.26
N PRO A 507 39.07 35.20 -18.88
CA PRO A 507 38.52 36.16 -19.86
C PRO A 507 37.95 35.44 -21.07
N LEU A 508 36.95 36.07 -21.67
CA LEU A 508 36.23 35.51 -22.81
C LEU A 508 36.43 36.38 -24.04
N GLU A 509 36.78 35.75 -25.16
CA GLU A 509 36.97 36.44 -26.43
C GLU A 509 35.93 35.96 -27.43
N ILE A 510 35.32 36.90 -28.14
CA ILE A 510 34.24 36.62 -29.08
C ILE A 510 34.82 36.53 -30.49
N ASN A 511 34.53 35.43 -31.18
CA ASN A 511 35.01 35.21 -32.54
C ASN A 511 33.82 34.97 -33.46
N ILE A 512 34.07 35.11 -34.77
CA ILE A 512 33.08 34.82 -35.80
C ILE A 512 33.71 33.85 -36.79
N TRP A 513 32.98 32.77 -37.09
CA TRP A 513 33.46 31.73 -38.00
C TRP A 513 32.86 31.95 -39.38
N ALA A 514 33.72 32.22 -40.36
CA ALA A 514 33.26 32.49 -41.72
C ALA A 514 34.35 32.08 -42.70
N LYS A 515 33.99 31.24 -43.67
CA LYS A 515 34.90 30.79 -44.73
C LYS A 515 36.15 30.15 -44.14
N LYS A 516 35.96 29.26 -43.17
CA LYS A 516 37.06 28.52 -42.52
C LYS A 516 38.08 29.47 -41.89
N GLU A 517 37.59 30.57 -41.31
CA GLU A 517 38.45 31.54 -40.66
C GLU A 517 37.80 32.00 -39.36
N LEU A 518 38.59 32.09 -38.30
CA LEU A 518 38.15 32.64 -37.01
C LEU A 518 38.55 34.11 -36.97
N ILE A 519 37.56 34.98 -36.95
CA ILE A 519 37.77 36.42 -36.94
C ILE A 519 37.32 36.96 -35.58
N PRO A 520 38.23 37.42 -34.74
CA PRO A 520 37.82 38.03 -33.47
C PRO A 520 37.16 39.38 -33.70
N VAL A 521 36.10 39.64 -32.94
CA VAL A 521 35.39 40.92 -33.02
C VAL A 521 35.29 41.64 -31.69
N ILE A 522 35.40 40.95 -30.56
CA ILE A 522 35.45 41.57 -29.24
C ILE A 522 36.66 41.00 -28.51
N ASN A 523 37.60 41.87 -28.15
CA ASN A 523 38.84 41.41 -27.53
C ASN A 523 38.61 41.16 -26.04
N GLN A 524 39.70 40.99 -25.29
CA GLN A 524 39.61 40.65 -23.88
C GLN A 524 38.94 41.76 -23.07
N ASN A 525 39.24 43.02 -23.38
CA ASN A 525 38.73 44.16 -22.63
C ASN A 525 37.33 44.59 -23.07
N SER A 526 36.58 43.71 -23.74
CA SER A 526 35.22 44.00 -24.19
C SER A 526 35.19 45.23 -25.12
N GLU A 527 36.17 45.31 -26.01
CA GLU A 527 36.23 46.37 -27.00
C GLU A 527 35.84 45.84 -28.36
N PHE A 528 34.88 46.49 -29.01
CA PHE A 528 34.44 46.06 -30.33
C PHE A 528 35.47 46.44 -31.39
N LEU A 529 35.59 45.59 -32.40
CA LEU A 529 36.52 45.79 -33.51
C LEU A 529 35.71 45.94 -34.79
N GLU A 530 35.65 47.16 -35.32
CA GLU A 530 34.87 47.41 -36.53
C GLU A 530 35.59 46.90 -37.78
N ALA A 531 36.92 46.99 -37.79
CA ALA A 531 37.68 46.55 -38.96
C ALA A 531 37.51 45.05 -39.19
N ASN A 532 37.56 44.25 -38.13
CA ASN A 532 37.41 42.81 -38.29
C ASN A 532 35.99 42.45 -38.72
N PHE A 533 34.99 43.18 -38.22
CA PHE A 533 33.62 42.94 -38.67
C PHE A 533 33.45 43.28 -40.15
N ARG A 534 34.08 44.36 -40.60
CA ARG A 534 34.05 44.69 -42.01
C ARG A 534 34.76 43.63 -42.84
N LYS A 535 35.87 43.11 -42.32
CA LYS A 535 36.59 42.02 -43.00
C LYS A 535 35.68 40.80 -43.14
N HIS A 536 34.98 40.44 -42.07
CA HIS A 536 33.99 39.37 -42.11
C HIS A 536 32.94 39.61 -43.18
N LYS A 537 32.34 40.80 -43.16
CA LYS A 537 31.25 41.11 -44.08
C LYS A 537 31.70 41.05 -45.53
N GLU A 538 32.89 41.59 -45.83
CA GLU A 538 33.37 41.58 -47.20
C GLU A 538 33.87 40.20 -47.62
N ILE A 539 34.36 39.40 -46.67
CA ILE A 539 34.85 38.06 -47.01
C ILE A 539 33.70 37.14 -47.36
N LEU A 540 32.59 37.23 -46.63
CA LEU A 540 31.47 36.34 -46.93
C LEU A 540 30.89 36.61 -48.32
N ASN A 541 30.76 37.87 -48.70
CA ASN A 541 30.22 38.20 -50.02
C ASN A 541 31.30 38.73 -50.97
N ASP A 607 19.79 30.68 -43.96
CA ASP A 607 21.15 30.15 -43.94
C ASP A 607 21.36 29.26 -42.72
N GLY A 608 21.90 28.07 -42.95
CA GLY A 608 22.15 27.13 -41.89
C GLY A 608 23.32 26.21 -42.19
N PRO A 609 23.72 25.41 -41.21
CA PRO A 609 24.83 24.48 -41.43
C PRO A 609 24.47 23.43 -42.47
N SER A 610 25.49 22.99 -43.21
CA SER A 610 25.36 21.94 -44.21
C SER A 610 25.99 20.66 -43.69
N LYS A 611 25.95 19.62 -44.52
CA LYS A 611 26.46 18.31 -44.13
C LYS A 611 27.98 18.21 -44.20
N LYS A 612 28.68 19.33 -44.36
CA LYS A 612 30.14 19.30 -44.43
C LYS A 612 30.80 20.44 -43.67
N THR A 613 30.08 21.10 -42.77
CA THR A 613 30.64 22.24 -42.03
C THR A 613 31.11 21.88 -40.63
N TRP A 614 30.42 20.98 -39.93
CA TRP A 614 30.86 20.59 -38.60
C TRP A 614 32.21 19.88 -38.60
N PRO A 615 32.48 18.90 -39.47
CA PRO A 615 33.82 18.28 -39.47
C PRO A 615 34.95 19.27 -39.72
N GLU A 616 34.72 20.29 -40.57
CA GLU A 616 35.76 21.27 -40.83
C GLU A 616 36.13 22.04 -39.57
N ILE A 617 35.11 22.52 -38.84
CA ILE A 617 35.37 23.25 -37.60
C ILE A 617 36.00 22.33 -36.56
N VAL A 618 35.54 21.07 -36.50
CA VAL A 618 36.08 20.14 -35.51
C VAL A 618 37.56 19.90 -35.77
N ASN A 619 37.93 19.66 -37.03
CA ASN A 619 39.33 19.45 -37.37
C ASN A 619 40.15 20.71 -37.14
N TYR A 620 39.57 21.88 -37.43
CA TYR A 620 40.27 23.13 -37.20
C TYR A 620 40.61 23.32 -35.72
N LEU A 621 39.65 23.01 -34.85
CA LEU A 621 39.90 23.15 -33.41
C LEU A 621 40.81 22.06 -32.88
N ARG A 622 40.79 20.86 -33.46
CA ARG A 622 41.75 19.83 -33.07
C ARG A 622 43.17 20.23 -33.45
N LYS A 623 43.34 20.87 -34.62
CA LYS A 623 44.66 21.30 -35.04
C LYS A 623 45.24 22.33 -34.08
N ARG A 624 44.41 23.26 -33.60
CA ARG A 624 44.84 24.30 -32.69
C ARG A 624 44.65 23.94 -31.22
N GLU A 625 44.17 22.73 -30.93
CA GLU A 625 43.96 22.26 -29.56
C GLU A 625 43.00 23.17 -28.79
N LEU A 626 41.75 23.24 -29.28
CA LEU A 626 40.72 24.06 -28.67
C LEU A 626 39.56 23.24 -28.15
N LEU A 627 39.79 21.98 -27.82
CA LEU A 627 38.78 21.08 -27.28
C LEU A 627 38.92 20.97 -25.77
N PRO A 628 37.85 20.61 -25.04
CA PRO A 628 36.48 20.29 -25.48
C PRO A 628 35.67 21.51 -25.90
N MET A 629 34.68 21.30 -26.77
CA MET A 629 33.85 22.36 -27.29
C MET A 629 32.38 21.99 -27.15
N VAL A 630 31.55 23.00 -26.92
CA VAL A 630 30.11 22.83 -26.75
C VAL A 630 29.39 23.70 -27.77
N VAL A 631 28.46 23.10 -28.50
CA VAL A 631 27.65 23.80 -29.49
C VAL A 631 26.21 23.83 -29.00
N PHE A 632 25.62 25.00 -28.97
CA PHE A 632 24.26 25.18 -28.47
C PHE A 632 23.30 25.26 -29.65
N VAL A 633 22.38 24.30 -29.72
CA VAL A 633 21.35 24.26 -30.76
C VAL A 633 19.99 24.21 -30.07
N PHE A 634 19.07 25.04 -30.55
CA PHE A 634 17.79 25.25 -29.86
C PHE A 634 16.66 24.42 -30.46
N SER A 635 16.95 23.20 -30.91
CA SER A 635 15.95 22.26 -31.36
C SER A 635 16.43 20.85 -31.10
N LYS A 636 15.52 19.99 -30.64
CA LYS A 636 15.88 18.63 -30.27
C LYS A 636 16.40 17.84 -31.46
N LYS A 637 15.74 17.98 -32.61
CA LYS A 637 16.08 17.14 -33.76
C LYS A 637 17.42 17.53 -34.37
N ARG A 638 17.71 18.83 -34.43
CA ARG A 638 18.93 19.27 -35.10
C ARG A 638 20.18 18.88 -34.33
N CYS A 639 20.09 18.75 -33.00
CA CYS A 639 21.25 18.27 -32.24
C CYS A 639 21.66 16.87 -32.68
N GLU A 640 20.69 15.94 -32.70
CA GLU A 640 20.97 14.58 -33.13
C GLU A 640 21.38 14.53 -34.60
N GLU A 641 20.76 15.37 -35.43
CA GLU A 641 21.14 15.42 -36.83
C GLU A 641 22.59 15.88 -37.01
N TYR A 642 22.99 16.91 -36.26
CA TYR A 642 24.36 17.42 -36.34
C TYR A 642 25.36 16.39 -35.84
N ALA A 643 25.02 15.67 -34.76
CA ALA A 643 25.93 14.67 -34.23
C ALA A 643 26.18 13.54 -35.21
N ASP A 644 25.19 13.22 -36.05
CA ASP A 644 25.36 12.13 -37.02
C ASP A 644 26.25 12.53 -38.19
N TRP A 645 26.45 13.83 -38.41
CA TRP A 645 27.32 14.28 -39.49
C TRP A 645 28.80 14.20 -39.13
N LEU A 646 29.12 13.86 -37.89
CA LEU A 646 30.51 13.70 -37.44
C LEU A 646 31.02 12.29 -37.61
N GLU A 647 30.34 11.46 -38.40
CA GLU A 647 30.76 10.09 -38.62
C GLU A 647 32.14 10.04 -39.24
N GLY A 648 33.01 9.18 -38.70
CA GLY A 648 34.38 9.08 -39.14
C GLY A 648 35.38 9.85 -38.30
N ILE A 649 34.93 10.45 -37.19
CA ILE A 649 35.80 11.19 -36.28
C ILE A 649 35.81 10.48 -34.94
N ASN A 650 37.01 10.25 -34.40
CA ASN A 650 37.16 9.53 -33.14
C ASN A 650 38.06 10.33 -32.21
N PHE A 651 37.72 10.33 -30.92
CA PHE A 651 38.44 11.11 -29.93
C PHE A 651 38.90 10.28 -28.73
N CYS A 652 38.73 8.96 -28.78
CA CYS A 652 39.03 8.11 -27.64
C CYS A 652 40.09 7.08 -27.99
N ASN A 653 40.91 6.75 -27.00
CA ASN A 653 41.92 5.70 -27.13
C ASN A 653 41.29 4.34 -26.82
N ASN A 654 42.11 3.30 -26.72
CA ASN A 654 41.60 1.98 -26.35
C ASN A 654 41.26 1.93 -24.86
N LYS A 655 42.15 2.47 -24.02
CA LYS A 655 41.88 2.48 -22.59
C LYS A 655 40.68 3.35 -22.25
N GLU A 656 40.57 4.51 -22.91
CA GLU A 656 39.41 5.38 -22.68
C GLU A 656 38.11 4.68 -23.10
N LYS A 657 38.12 4.00 -24.24
CA LYS A 657 36.94 3.27 -24.68
C LYS A 657 36.58 2.17 -23.70
N SER A 658 37.58 1.45 -23.20
CA SER A 658 37.32 0.38 -22.23
C SER A 658 36.72 0.95 -20.95
N GLN A 659 37.26 2.07 -20.45
CA GLN A 659 36.73 2.67 -19.22
C GLN A 659 35.31 3.18 -19.43
N ILE A 660 35.03 3.80 -20.58
CA ILE A 660 33.68 4.28 -20.86
C ILE A 660 32.71 3.10 -20.94
N HIS A 661 33.11 2.01 -21.59
CA HIS A 661 32.26 0.83 -21.65
C HIS A 661 31.99 0.27 -20.27
N MET A 662 33.02 0.21 -19.42
CA MET A 662 32.84 -0.30 -18.06
C MET A 662 31.87 0.58 -17.28
N PHE A 663 32.02 1.90 -17.37
CA PHE A 663 31.15 2.80 -16.63
C PHE A 663 29.71 2.70 -17.11
N ILE A 664 29.50 2.63 -18.43
CA ILE A 664 28.14 2.50 -18.96
C ILE A 664 27.53 1.17 -18.51
N GLU A 665 28.30 0.10 -18.53
CA GLU A 665 27.79 -1.19 -18.09
C GLU A 665 27.41 -1.16 -16.61
N LYS A 666 28.23 -0.53 -15.78
CA LYS A 666 27.95 -0.48 -14.35
C LYS A 666 26.83 0.49 -14.01
N SER A 667 26.53 1.46 -14.88
CA SER A 667 25.46 2.41 -14.60
C SER A 667 24.07 1.82 -14.80
N ILE A 668 23.91 0.94 -15.79
CA ILE A 668 22.59 0.46 -16.19
C ILE A 668 22.29 -0.92 -15.61
N THR A 669 22.99 -1.32 -14.54
CA THR A 669 22.74 -2.61 -13.93
C THR A 669 21.48 -2.63 -13.06
N ARG A 670 20.88 -1.47 -12.78
CA ARG A 670 19.65 -1.40 -12.01
C ARG A 670 18.40 -1.57 -12.87
N LEU A 671 18.54 -1.65 -14.18
CA LEU A 671 17.42 -1.79 -15.09
C LEU A 671 17.27 -3.25 -15.52
N LYS A 672 16.18 -3.53 -16.22
CA LYS A 672 15.96 -4.85 -16.80
C LYS A 672 16.63 -4.95 -18.17
N LYS A 673 16.66 -6.16 -18.71
CA LYS A 673 17.20 -6.37 -20.05
C LYS A 673 16.36 -5.65 -21.10
N GLU A 674 15.05 -5.57 -20.89
CA GLU A 674 14.20 -4.81 -21.80
C GLU A 674 14.53 -3.33 -21.75
N ASP A 675 14.81 -2.80 -20.55
CA ASP A 675 15.16 -1.39 -20.41
C ASP A 675 16.56 -1.11 -20.94
N ARG A 676 17.49 -2.05 -20.71
CA ARG A 676 18.86 -1.86 -21.20
C ARG A 676 18.94 -1.85 -22.72
N ASP A 677 17.94 -2.39 -23.41
CA ASP A 677 17.97 -2.54 -24.86
C ASP A 677 17.17 -1.47 -25.58
N LEU A 678 16.79 -0.40 -24.89
CA LEU A 678 16.06 0.67 -25.56
C LEU A 678 16.94 1.32 -26.62
N PRO A 679 16.36 1.72 -27.76
CA PRO A 679 17.19 2.28 -28.85
C PRO A 679 17.98 3.52 -28.44
N GLN A 680 17.44 4.35 -27.56
CA GLN A 680 18.14 5.55 -27.13
C GLN A 680 19.44 5.20 -26.42
N ILE A 681 19.40 4.20 -25.54
CA ILE A 681 20.61 3.80 -24.81
C ILE A 681 21.65 3.25 -25.77
N LEU A 682 21.24 2.42 -26.72
CA LEU A 682 22.18 1.88 -27.68
C LEU A 682 22.81 2.98 -28.53
N LYS A 683 22.00 3.93 -29.01
CA LYS A 683 22.52 5.02 -29.82
C LYS A 683 23.50 5.89 -29.01
N THR A 684 23.14 6.21 -27.76
CA THR A 684 24.02 7.03 -26.94
C THR A 684 25.32 6.29 -26.64
N ARG A 685 25.24 4.99 -26.36
CA ARG A 685 26.46 4.21 -26.11
C ARG A 685 27.34 4.18 -27.35
N SER A 686 26.73 4.07 -28.53
CA SER A 686 27.51 4.15 -29.77
C SER A 686 28.19 5.50 -29.90
N LEU A 687 27.50 6.58 -29.52
CA LEU A 687 28.11 7.91 -29.61
C LEU A 687 29.13 8.13 -28.52
N LEU A 688 28.84 7.67 -27.29
CA LEU A 688 29.70 8.00 -26.15
C LEU A 688 31.09 7.40 -26.28
N GLU A 689 31.20 6.23 -26.92
CA GLU A 689 32.48 5.54 -27.04
C GLU A 689 33.41 6.16 -28.08
N ARG A 690 33.05 7.34 -28.60
CA ARG A 690 33.91 8.06 -29.53
C ARG A 690 34.21 9.48 -29.08
N GLY A 691 33.71 9.89 -27.91
CA GLY A 691 33.91 11.25 -27.44
C GLY A 691 32.86 12.24 -27.89
N ILE A 692 31.70 11.78 -28.33
CA ILE A 692 30.64 12.65 -28.83
C ILE A 692 29.36 12.33 -28.08
N ALA A 693 28.58 13.36 -27.77
CA ALA A 693 27.35 13.19 -27.03
C ALA A 693 26.37 14.29 -27.41
N VAL A 694 25.11 14.10 -27.04
CA VAL A 694 24.03 15.04 -27.31
C VAL A 694 23.20 15.20 -26.05
N HIS A 695 22.89 16.44 -25.67
CA HIS A 695 22.15 16.74 -24.46
C HIS A 695 20.94 17.60 -24.81
N HIS A 696 19.75 17.08 -24.55
CA HIS A 696 18.52 17.85 -24.74
C HIS A 696 17.45 17.28 -23.82
N GLY A 697 16.27 17.90 -23.85
CA GLY A 697 15.21 17.58 -22.92
C GLY A 697 14.35 16.38 -23.27
N GLY A 698 14.56 15.79 -24.45
CA GLY A 698 13.81 14.63 -24.88
C GLY A 698 14.42 13.30 -24.50
N LEU A 699 15.51 13.29 -23.74
CA LEU A 699 16.17 12.06 -23.34
C LEU A 699 15.65 11.60 -21.98
N LEU A 700 15.91 10.33 -21.68
CA LEU A 700 15.57 9.79 -20.37
C LEU A 700 16.47 10.40 -19.29
N PRO A 701 15.96 10.58 -18.08
CA PRO A 701 16.80 11.17 -17.02
C PRO A 701 18.06 10.38 -16.71
N ILE A 702 18.02 9.05 -16.80
CA ILE A 702 19.20 8.25 -16.55
C ILE A 702 20.25 8.48 -17.63
N VAL A 703 19.82 8.62 -18.89
CA VAL A 703 20.74 8.91 -19.98
C VAL A 703 21.38 10.27 -19.78
N LYS A 704 20.58 11.26 -19.38
CA LYS A 704 21.13 12.59 -19.14
C LYS A 704 22.13 12.59 -17.98
N GLU A 705 21.81 11.88 -16.90
CA GLU A 705 22.75 11.78 -15.78
C GLU A 705 24.05 11.11 -16.20
N LEU A 706 23.96 10.04 -16.99
CA LEU A 706 25.15 9.35 -17.47
C LEU A 706 26.00 10.28 -18.33
N ILE A 707 25.36 11.04 -19.23
CA ILE A 707 26.09 11.96 -20.09
C ILE A 707 26.77 13.05 -19.27
N GLU A 708 26.05 13.60 -18.28
CA GLU A 708 26.64 14.65 -17.45
C GLU A 708 27.83 14.13 -16.65
N ILE A 709 27.71 12.94 -16.07
CA ILE A 709 28.81 12.39 -15.28
C ILE A 709 30.01 12.09 -16.17
N LEU A 710 29.78 11.53 -17.35
CA LEU A 710 30.89 11.23 -18.25
C LEU A 710 31.57 12.51 -18.74
N PHE A 711 30.79 13.56 -18.99
CA PHE A 711 31.40 14.84 -19.38
C PHE A 711 32.20 15.43 -18.23
N SER A 712 31.70 15.31 -16.99
CA SER A 712 32.45 15.80 -15.83
C SER A 712 33.74 15.03 -15.66
N LYS A 713 33.75 13.74 -16.02
CA LYS A 713 34.98 12.95 -15.95
C LYS A 713 36.00 13.33 -17.00
N GLY A 714 35.62 14.15 -17.98
CA GLY A 714 36.56 14.60 -19.00
C GLY A 714 36.69 13.71 -20.22
N PHE A 715 35.72 12.83 -20.47
CA PHE A 715 35.81 11.90 -21.58
C PHE A 715 35.21 12.42 -22.87
N ILE A 716 34.25 13.33 -22.80
CA ILE A 716 33.54 13.82 -23.98
C ILE A 716 34.25 15.05 -24.52
N LYS A 717 34.50 15.07 -25.82
CA LYS A 717 35.20 16.18 -26.48
C LYS A 717 34.26 17.11 -27.24
N VAL A 718 33.22 16.57 -27.88
CA VAL A 718 32.26 17.36 -28.63
C VAL A 718 30.87 17.08 -28.09
N LEU A 719 30.13 18.14 -27.81
CA LEU A 719 28.78 18.01 -27.24
C LEU A 719 27.86 19.04 -27.87
N PHE A 720 26.67 18.60 -28.25
CA PHE A 720 25.60 19.47 -28.75
C PHE A 720 24.51 19.53 -27.69
N ALA A 721 24.19 20.73 -27.22
CA ALA A 721 23.31 20.89 -26.08
C ALA A 721 22.27 21.97 -26.33
N THR A 722 21.11 21.82 -25.68
CA THR A 722 20.09 22.85 -25.63
C THR A 722 20.26 23.70 -24.38
N GLU A 723 19.24 24.51 -24.06
CA GLU A 723 19.33 25.39 -22.91
C GLU A 723 19.27 24.64 -21.58
N THR A 724 18.89 23.37 -21.58
CA THR A 724 18.88 22.55 -20.37
C THR A 724 20.27 22.51 -19.73
N PHE A 725 21.29 22.45 -20.57
CA PHE A 725 22.66 22.24 -20.12
C PHE A 725 23.35 23.55 -19.74
N ALA A 726 22.69 24.69 -19.93
CA ALA A 726 23.27 26.00 -19.66
C ALA A 726 22.96 26.53 -18.26
N MET A 727 22.24 25.77 -17.44
CA MET A 727 21.94 26.18 -16.08
C MET A 727 23.04 25.64 -15.17
N GLY A 728 22.92 25.89 -13.86
CA GLY A 728 23.98 25.53 -12.94
C GLY A 728 24.29 24.04 -12.93
N LEU A 729 25.43 23.69 -13.55
CA LEU A 729 25.89 22.32 -13.69
C LEU A 729 27.41 22.33 -13.82
N ASN A 730 28.06 21.21 -13.54
CA ASN A 730 29.50 21.13 -13.80
C ASN A 730 29.76 21.08 -15.30
N LEU A 731 30.58 22.02 -15.78
CA LEU A 731 30.87 22.15 -17.21
C LEU A 731 32.30 22.60 -17.42
N PRO A 732 33.24 21.67 -17.42
CA PRO A 732 34.61 22.01 -17.87
C PRO A 732 34.71 22.05 -19.38
N THR A 733 34.79 23.24 -19.96
CA THR A 733 34.88 23.38 -21.40
C THR A 733 35.87 24.49 -21.73
N ARG A 734 36.46 24.41 -22.92
CA ARG A 734 37.42 25.41 -23.38
C ARG A 734 36.91 26.28 -24.51
N THR A 735 35.87 25.86 -25.22
CA THR A 735 35.32 26.62 -26.33
C THR A 735 33.80 26.49 -26.34
N VAL A 736 33.12 27.57 -26.67
CA VAL A 736 31.66 27.60 -26.79
C VAL A 736 31.30 28.13 -28.16
N ILE A 737 30.44 27.40 -28.87
CA ILE A 737 30.03 27.75 -30.22
C ILE A 737 28.51 27.88 -30.25
N PHE A 738 28.03 28.95 -30.89
CA PHE A 738 26.60 29.21 -31.03
C PHE A 738 26.17 28.88 -32.46
N SER A 739 25.26 27.92 -32.61
CA SER A 739 24.71 27.63 -33.93
C SER A 739 23.93 28.81 -34.47
N SER A 740 23.14 29.47 -33.61
CA SER A 740 22.31 30.59 -34.03
C SER A 740 22.08 31.49 -32.83
N ILE A 741 21.64 32.72 -33.11
CA ILE A 741 21.35 33.70 -32.09
C ILE A 741 19.85 33.97 -31.97
N ARG A 742 19.02 33.11 -32.56
CA ARG A 742 17.57 33.23 -32.48
C ARG A 742 17.01 31.96 -31.87
N LYS A 743 16.08 32.12 -30.92
CA LYS A 743 15.45 31.00 -30.23
C LYS A 743 13.94 31.10 -30.36
N HIS A 744 13.30 30.00 -30.74
CA HIS A 744 11.84 29.96 -30.89
C HIS A 744 11.24 29.45 -29.58
N ASP A 745 10.64 30.38 -28.82
CA ASP A 745 9.94 30.03 -27.60
C ASP A 745 8.48 30.51 -27.69
N GLY A 746 7.62 29.86 -26.91
CA GLY A 746 6.23 30.27 -26.82
C GLY A 746 5.53 30.31 -28.16
N ASN A 747 5.27 31.52 -28.64
CA ASN A 747 4.66 31.73 -29.96
C ASN A 747 5.51 32.75 -30.73
N GLY A 748 6.44 32.25 -31.54
CA GLY A 748 7.23 33.11 -32.40
C GLY A 748 8.72 33.04 -32.16
N LEU A 749 9.49 33.11 -33.25
CA LEU A 749 10.94 33.16 -33.13
C LEU A 749 11.37 34.47 -32.50
N ARG A 750 12.45 34.42 -31.71
CA ARG A 750 12.87 35.56 -30.92
C ARG A 750 14.39 35.52 -30.76
N GLU A 751 15.03 36.67 -30.93
CA GLU A 751 16.47 36.75 -30.79
C GLU A 751 16.88 36.66 -29.32
N LEU A 752 18.01 36.01 -29.06
CA LEU A 752 18.43 35.75 -27.68
C LEU A 752 18.57 37.05 -26.90
N THR A 753 18.07 37.04 -25.67
CA THR A 753 18.25 38.17 -24.78
C THR A 753 19.70 38.20 -24.27
N PRO A 754 20.19 39.38 -23.89
CA PRO A 754 21.58 39.46 -23.39
C PRO A 754 21.84 38.60 -22.17
N GLY A 755 20.86 38.38 -21.30
CA GLY A 755 21.07 37.51 -20.16
C GLY A 755 21.29 36.07 -20.55
N GLU A 756 20.49 35.56 -21.49
CA GLU A 756 20.67 34.18 -21.96
C GLU A 756 22.04 34.00 -22.58
N PHE A 757 22.44 34.92 -23.45
CA PHE A 757 23.76 34.81 -24.08
C PHE A 757 24.87 34.90 -23.04
N THR A 758 24.74 35.82 -22.08
CA THR A 758 25.76 35.98 -21.06
C THR A 758 25.91 34.71 -20.23
N GLN A 759 24.81 34.07 -19.88
CA GLN A 759 24.90 32.82 -19.12
C GLN A 759 25.47 31.70 -19.97
N MET A 760 25.06 31.60 -21.24
CA MET A 760 25.48 30.50 -22.09
C MET A 760 26.92 30.66 -22.53
N ALA A 761 27.32 31.88 -22.90
CA ALA A 761 28.68 32.16 -23.34
C ALA A 761 29.68 32.29 -22.20
N GLY A 762 29.22 32.36 -20.96
CA GLY A 762 30.08 32.53 -19.81
C GLY A 762 30.66 31.26 -19.25
N ARG A 763 30.55 30.14 -19.96
CA ARG A 763 31.02 28.85 -19.49
C ARG A 763 32.13 28.29 -20.38
N ALA A 764 32.93 29.17 -20.99
CA ALA A 764 33.91 28.78 -22.00
C ALA A 764 35.34 28.73 -21.48
N GLY A 765 35.56 28.89 -20.19
CA GLY A 765 36.91 28.87 -19.67
C GLY A 765 37.07 28.15 -18.35
N ARG A 766 38.07 27.28 -18.26
CA ARG A 766 38.34 26.53 -17.03
C ARG A 766 39.41 27.26 -16.21
N ARG A 767 39.12 27.47 -14.93
CA ARG A 767 40.04 28.20 -14.07
C ARG A 767 41.22 27.30 -13.69
N GLY A 768 42.44 27.73 -14.02
CA GLY A 768 43.63 27.01 -13.69
C GLY A 768 44.14 26.06 -14.75
N LEU A 769 43.29 25.68 -15.70
CA LEU A 769 43.70 24.79 -16.78
C LEU A 769 43.64 25.43 -18.16
N ASP A 770 42.93 26.55 -18.31
CA ASP A 770 42.81 27.25 -19.58
C ASP A 770 43.17 28.70 -19.39
N SER A 771 43.81 29.30 -20.40
CA SER A 771 44.22 30.70 -20.32
C SER A 771 43.10 31.65 -20.72
N THR A 772 42.37 31.33 -21.80
CA THR A 772 41.30 32.18 -22.28
C THR A 772 40.10 31.32 -22.67
N GLY A 773 38.93 31.94 -22.68
CA GLY A 773 37.72 31.27 -23.11
C GLY A 773 37.27 31.72 -24.48
N THR A 774 37.28 30.81 -25.45
CA THR A 774 36.96 31.16 -26.83
C THR A 774 35.48 30.98 -27.09
N VAL A 775 34.85 32.02 -27.64
CA VAL A 775 33.44 31.99 -28.01
C VAL A 775 33.35 32.25 -29.52
N ILE A 776 32.66 31.36 -30.23
CA ILE A 776 32.56 31.41 -31.68
C ILE A 776 31.10 31.52 -32.08
N VAL A 777 30.77 32.54 -32.84
CA VAL A 777 29.45 32.70 -33.45
C VAL A 777 29.59 32.45 -34.94
N MET A 778 28.79 31.54 -35.47
CA MET A 778 28.98 31.04 -36.83
C MET A 778 28.04 31.74 -37.81
N ALA A 779 28.60 32.14 -38.95
CA ALA A 779 27.85 32.70 -40.06
C ALA A 779 28.01 31.80 -41.27
N TYR A 780 26.90 31.49 -41.93
CA TYR A 780 26.89 30.52 -43.04
C TYR A 780 26.53 31.25 -44.34
N ASN A 781 27.55 31.60 -45.11
CA ASN A 781 27.40 32.17 -46.45
C ASN A 781 26.56 33.44 -46.46
N SER A 782 26.40 34.10 -45.32
CA SER A 782 25.62 35.32 -45.23
C SER A 782 26.09 36.15 -44.04
N PRO A 783 26.37 37.44 -44.23
CA PRO A 783 26.87 38.25 -43.12
C PRO A 783 25.81 38.44 -42.04
N LEU A 784 26.29 38.55 -40.81
CA LEU A 784 25.43 38.78 -39.65
C LEU A 784 25.15 40.27 -39.51
N SER A 785 23.91 40.59 -39.16
CA SER A 785 23.53 41.99 -38.96
C SER A 785 24.26 42.56 -37.75
N ILE A 786 24.83 43.75 -37.92
CA ILE A 786 25.57 44.38 -36.82
C ILE A 786 24.62 44.83 -35.71
N ALA A 787 23.40 45.20 -36.06
CA ALA A 787 22.45 45.66 -35.04
C ALA A 787 22.09 44.55 -34.08
N THR A 788 21.69 43.39 -34.61
CA THR A 788 21.32 42.27 -33.76
C THR A 788 22.54 41.74 -33.01
N PHE A 789 23.70 41.70 -33.67
CA PHE A 789 24.92 41.24 -33.01
C PHE A 789 25.26 42.12 -31.81
N LYS A 790 25.20 43.44 -31.99
CA LYS A 790 25.47 44.34 -30.89
C LYS A 790 24.41 44.24 -29.81
N GLU A 791 23.14 44.08 -30.20
CA GLU A 791 22.07 43.98 -29.21
C GLU A 791 22.21 42.74 -28.34
N VAL A 792 22.61 41.62 -28.95
CA VAL A 792 22.68 40.36 -28.21
C VAL A 792 23.99 40.27 -27.42
N THR A 793 25.12 40.52 -28.07
CA THR A 793 26.41 40.28 -27.43
C THR A 793 26.76 41.34 -26.39
N MET A 794 26.44 42.61 -26.66
CA MET A 794 26.80 43.71 -25.76
C MET A 794 25.63 44.69 -25.65
N GLY A 795 24.77 44.46 -24.67
CA GLY A 795 23.60 45.30 -24.45
C GLY A 795 23.22 45.41 -22.99
N VAL A 796 22.12 46.08 -22.71
CA VAL A 796 21.62 46.23 -21.35
C VAL A 796 21.13 44.87 -20.85
N PRO A 797 21.63 44.38 -19.72
CA PRO A 797 21.24 43.05 -19.25
C PRO A 797 19.81 43.03 -18.75
N THR A 798 19.27 41.82 -18.65
CA THR A 798 17.89 41.64 -18.21
C THR A 798 17.76 41.93 -16.72
N ARG A 799 16.55 42.30 -16.32
CA ARG A 799 16.24 42.66 -14.94
C ARG A 799 15.41 41.57 -14.28
N LEU A 800 15.44 41.56 -12.95
CA LEU A 800 14.60 40.66 -12.19
C LEU A 800 13.14 41.07 -12.31
N GLN A 801 12.26 40.07 -12.37
CA GLN A 801 10.83 40.31 -12.49
C GLN A 801 10.09 39.52 -11.41
N SER A 802 8.97 40.07 -10.95
CA SER A 802 8.17 39.43 -9.93
C SER A 802 7.20 38.44 -10.57
N GLN A 803 7.22 37.20 -10.09
CA GLN A 803 6.36 36.14 -10.60
C GLN A 803 5.26 35.77 -9.61
N PHE A 804 4.91 36.66 -8.70
CA PHE A 804 3.86 36.39 -7.74
C PHE A 804 2.50 36.34 -8.43
N ARG A 805 1.68 35.36 -8.06
CA ARG A 805 0.39 35.14 -8.68
C ARG A 805 -0.64 34.79 -7.64
N LEU A 806 -1.91 34.94 -8.01
CA LEU A 806 -3.04 34.58 -7.17
C LEU A 806 -3.70 33.32 -7.72
N THR A 807 -3.94 32.35 -6.84
CA THR A 807 -4.58 31.10 -7.23
C THR A 807 -5.72 30.80 -6.26
N TYR A 808 -6.71 30.07 -6.76
CA TYR A 808 -7.87 29.72 -5.94
C TYR A 808 -7.47 28.84 -4.76
N ASN A 809 -6.47 27.98 -4.95
CA ASN A 809 -5.97 27.17 -3.86
C ASN A 809 -5.37 28.03 -2.75
N MET A 810 -4.60 29.06 -3.15
CA MET A 810 -4.05 30.02 -2.20
C MET A 810 -5.15 30.67 -1.37
N ILE A 811 -6.15 31.22 -2.05
CA ILE A 811 -7.21 31.95 -1.35
C ILE A 811 -8.00 31.01 -0.45
N LEU A 812 -8.32 29.81 -0.94
CA LEU A 812 -9.09 28.87 -0.15
C LEU A 812 -8.34 28.44 1.10
N ASN A 813 -7.03 28.19 0.97
CA ASN A 813 -6.23 27.83 2.13
C ASN A 813 -6.19 28.97 3.14
N LEU A 814 -6.01 30.21 2.67
CA LEU A 814 -5.96 31.34 3.58
C LEU A 814 -7.30 31.55 4.27
N LEU A 815 -8.41 31.36 3.56
CA LEU A 815 -9.72 31.49 4.17
C LEU A 815 -9.96 30.41 5.21
N ARG A 816 -9.53 29.17 4.90
CA ARG A 816 -9.70 28.09 5.86
C ARG A 816 -8.88 28.33 7.13
N ILE A 817 -7.65 28.82 6.98
CA ILE A 817 -6.81 29.05 8.15
C ILE A 817 -7.40 30.14 9.04
N GLU A 818 -8.10 31.11 8.44
CA GLU A 818 -8.74 32.25 9.13
C GLU A 818 -7.75 33.21 9.74
N ALA A 819 -6.47 33.11 9.39
CA ALA A 819 -5.46 34.07 9.79
C ALA A 819 -4.69 34.50 8.55
N LEU A 820 -4.09 35.69 8.61
CA LEU A 820 -3.38 36.28 7.48
C LEU A 820 -4.32 36.42 6.28
N ARG A 821 -5.28 37.32 6.45
CA ARG A 821 -6.26 37.60 5.40
C ARG A 821 -5.56 37.89 4.08
N VAL A 822 -6.26 37.61 2.98
CA VAL A 822 -5.65 37.68 1.65
C VAL A 822 -5.25 39.10 1.29
N GLU A 823 -6.02 40.10 1.74
CA GLU A 823 -5.67 41.48 1.44
C GLU A 823 -4.32 41.86 2.05
N GLU A 824 -4.06 41.41 3.28
CA GLU A 824 -2.78 41.70 3.91
C GLU A 824 -1.63 41.02 3.18
N MET A 825 -1.83 39.78 2.73
CA MET A 825 -0.79 39.09 1.98
C MET A 825 -0.52 39.79 0.65
N ILE A 826 -1.58 40.25 -0.03
CA ILE A 826 -1.41 40.95 -1.29
C ILE A 826 -0.67 42.26 -1.09
N LYS A 827 -1.04 43.03 -0.06
CA LYS A 827 -0.41 44.32 0.17
C LYS A 827 1.04 44.19 0.63
N TYR A 828 1.43 43.03 1.14
CA TYR A 828 2.83 42.74 1.46
C TYR A 828 3.46 41.96 0.31
N SER A 829 3.73 42.68 -0.78
CA SER A 829 4.28 42.06 -1.97
C SER A 829 5.05 43.11 -2.77
N PHE A 830 5.94 42.61 -3.64
CA PHE A 830 6.75 43.51 -4.45
C PHE A 830 5.90 44.31 -5.43
N SER A 831 4.89 43.67 -6.02
CA SER A 831 4.03 44.37 -6.96
C SER A 831 3.27 45.51 -6.30
N GLU A 832 2.76 45.29 -5.10
CA GLU A 832 2.03 46.32 -4.36
C GLU A 832 2.96 47.07 -3.41
N SER A 1087 -2.26 46.27 -7.47
CA SER A 1087 -3.20 46.15 -8.57
C SER A 1087 -3.88 44.78 -8.55
N LEU A 1088 -3.63 44.01 -7.50
CA LEU A 1088 -4.21 42.68 -7.35
C LEU A 1088 -5.52 42.68 -6.58
N LEU A 1089 -5.93 43.81 -6.01
CA LEU A 1089 -7.19 43.86 -5.26
C LEU A 1089 -8.41 43.60 -6.12
N PRO A 1090 -8.59 44.26 -7.28
CA PRO A 1090 -9.76 43.93 -8.12
C PRO A 1090 -9.78 42.48 -8.56
N ASP A 1091 -8.61 41.91 -8.87
CA ASP A 1091 -8.56 40.50 -9.24
C ASP A 1091 -8.98 39.62 -8.07
N TYR A 1092 -8.55 39.96 -6.85
CA TYR A 1092 -8.97 39.21 -5.67
C TYR A 1092 -10.47 39.29 -5.46
N GLU A 1093 -11.05 40.49 -5.65
CA GLU A 1093 -12.50 40.63 -5.49
C GLU A 1093 -13.25 39.82 -6.54
N LYS A 1094 -12.79 39.84 -7.79
CA LYS A 1094 -13.46 39.07 -8.83
C LYS A 1094 -13.33 37.57 -8.57
N ARG A 1095 -12.18 37.13 -8.06
CA ARG A 1095 -12.01 35.72 -7.74
C ARG A 1095 -12.92 35.32 -6.58
N LEU A 1096 -13.09 36.20 -5.59
CA LEU A 1096 -14.04 35.93 -4.51
C LEU A 1096 -15.46 35.83 -5.05
N ALA A 1097 -15.83 36.71 -5.97
CA ALA A 1097 -17.16 36.64 -6.58
C ALA A 1097 -17.36 35.32 -7.32
N VAL A 1098 -16.35 34.89 -8.07
CA VAL A 1098 -16.45 33.62 -8.80
C VAL A 1098 -16.56 32.45 -7.83
N LEU A 1099 -15.78 32.47 -6.74
CA LEU A 1099 -15.84 31.41 -5.76
C LEU A 1099 -17.22 31.35 -5.09
N LYS A 1100 -17.80 32.51 -4.80
CA LYS A 1100 -19.12 32.54 -4.18
C LYS A 1100 -20.22 32.11 -5.15
N ASP A 1101 -20.07 32.43 -6.43
CA ASP A 1101 -21.09 32.08 -7.41
C ASP A 1101 -21.16 30.58 -7.66
N THR A 1102 -20.07 29.86 -7.41
CA THR A 1102 -20.00 28.43 -7.65
C THR A 1102 -20.20 27.61 -6.39
N GLU A 1103 -20.64 28.24 -5.29
CA GLU A 1103 -20.96 27.56 -4.04
C GLU A 1103 -19.75 26.91 -3.39
N PHE A 1104 -18.55 27.40 -3.71
CA PHE A 1104 -17.36 26.98 -2.98
C PHE A 1104 -17.28 27.66 -1.62
N ILE A 1105 -17.73 28.90 -1.52
CA ILE A 1105 -17.87 29.61 -0.25
C ILE A 1105 -19.27 30.24 -0.22
N ASP A 1106 -19.62 30.79 0.94
CA ASP A 1106 -20.91 31.44 1.12
C ASP A 1106 -20.74 32.95 1.21
N GLN A 1107 -21.84 33.65 1.48
CA GLN A 1107 -21.82 35.10 1.54
C GLN A 1107 -20.94 35.63 2.66
N ASN A 1108 -20.73 34.84 3.72
CA ASN A 1108 -19.86 35.21 4.82
C ASN A 1108 -18.42 34.78 4.60
N HIS A 1109 -18.10 34.26 3.40
CA HIS A 1109 -16.77 33.79 3.05
C HIS A 1109 -16.31 32.63 3.93
N ASN A 1110 -17.23 31.76 4.31
CA ASN A 1110 -16.90 30.53 5.00
C ASN A 1110 -16.69 29.41 4.00
N VAL A 1111 -15.65 28.60 4.23
CA VAL A 1111 -15.31 27.53 3.29
C VAL A 1111 -16.35 26.42 3.41
N LEU A 1112 -16.96 26.06 2.28
CA LEU A 1112 -17.95 24.99 2.25
C LEU A 1112 -17.27 23.67 1.94
N LEU A 1113 -18.06 22.62 1.67
CA LEU A 1113 -17.47 21.30 1.46
C LEU A 1113 -16.65 21.26 0.18
N LYS A 1114 -17.13 21.88 -0.90
CA LYS A 1114 -16.35 21.95 -2.13
C LYS A 1114 -15.07 22.74 -1.92
N GLY A 1115 -15.14 23.84 -1.18
CA GLY A 1115 -13.96 24.62 -0.89
C GLY A 1115 -12.95 23.88 -0.05
N ARG A 1116 -13.41 23.01 0.84
CA ARG A 1116 -12.49 22.23 1.68
C ARG A 1116 -11.76 21.18 0.85
N VAL A 1117 -12.45 20.55 -0.10
CA VAL A 1117 -11.81 19.56 -0.96
C VAL A 1117 -10.78 20.21 -1.86
N ALA A 1118 -11.11 21.38 -2.43
CA ALA A 1118 -10.19 22.07 -3.33
C ALA A 1118 -8.97 22.63 -2.62
N CYS A 1119 -8.95 22.63 -1.28
CA CYS A 1119 -7.77 23.09 -0.57
C CYS A 1119 -6.62 22.09 -0.70
N GLU A 1120 -6.91 20.82 -0.96
CA GLU A 1120 -5.89 19.79 -1.04
C GLU A 1120 -5.30 19.63 -2.44
N ILE A 1121 -6.02 20.04 -3.47
CA ILE A 1121 -5.52 19.93 -4.84
C ILE A 1121 -4.60 21.12 -5.11
N ASN A 1122 -3.37 20.83 -5.52
CA ASN A 1122 -2.35 21.85 -5.71
C ASN A 1122 -1.88 21.94 -7.15
N SER A 1123 -2.67 21.45 -8.10
CA SER A 1123 -2.36 21.60 -9.51
C SER A 1123 -2.90 22.95 -10.00
N GLY A 1124 -2.87 23.17 -11.30
CA GLY A 1124 -3.37 24.42 -11.85
C GLY A 1124 -4.87 24.47 -12.09
N TYR A 1125 -5.58 23.36 -11.86
CA TYR A 1125 -7.02 23.27 -12.11
C TYR A 1125 -7.66 22.61 -10.90
N GLU A 1126 -8.03 23.40 -9.90
CA GLU A 1126 -8.60 22.87 -8.67
C GLU A 1126 -10.11 22.69 -8.76
N LEU A 1127 -10.81 23.66 -9.32
CA LEU A 1127 -12.27 23.62 -9.37
C LEU A 1127 -12.76 22.48 -10.25
N VAL A 1128 -12.16 22.32 -11.42
CA VAL A 1128 -12.61 21.29 -12.36
C VAL A 1128 -12.42 19.91 -11.78
N LEU A 1129 -11.25 19.66 -11.18
CA LEU A 1129 -11.01 18.36 -10.54
C LEU A 1129 -11.94 18.16 -9.35
N THR A 1130 -12.19 19.22 -8.58
CA THR A 1130 -13.06 19.11 -7.42
C THR A 1130 -14.46 18.67 -7.82
N GLU A 1131 -15.02 19.31 -8.85
CA GLU A 1131 -16.35 18.90 -9.30
C GLU A 1131 -16.34 17.57 -10.04
N LEU A 1132 -15.21 17.19 -10.65
CA LEU A 1132 -15.12 15.86 -11.23
C LEU A 1132 -15.21 14.77 -10.16
N ILE A 1133 -14.53 14.97 -9.03
CA ILE A 1133 -14.47 13.93 -7.99
C ILE A 1133 -15.52 14.11 -6.90
N LEU A 1134 -16.32 15.18 -6.95
CA LEU A 1134 -17.25 15.44 -5.86
C LEU A 1134 -18.42 14.46 -5.87
N ASP A 1135 -19.03 14.23 -7.04
CA ASP A 1135 -20.19 13.37 -7.13
C ASP A 1135 -19.77 11.92 -7.37
N ASN A 1136 -20.73 11.07 -7.70
CA ASN A 1136 -20.48 9.64 -7.90
C ASN A 1136 -20.31 9.27 -9.37
N PHE A 1137 -19.77 10.19 -10.17
CA PHE A 1137 -19.54 9.89 -11.58
C PHE A 1137 -18.47 8.81 -11.76
N LEU A 1138 -17.41 8.86 -10.96
CA LEU A 1138 -16.30 7.92 -11.06
C LEU A 1138 -16.56 6.62 -10.30
N GLY A 1139 -17.80 6.33 -9.93
CA GLY A 1139 -18.08 5.14 -9.15
C GLY A 1139 -17.84 3.84 -9.90
N SER A 1140 -18.17 3.83 -11.19
CA SER A 1140 -18.05 2.62 -12.00
C SER A 1140 -16.68 2.45 -12.65
N PHE A 1141 -15.82 3.46 -12.58
CA PHE A 1141 -14.53 3.39 -13.24
C PHE A 1141 -13.59 2.44 -12.51
N GLU A 1142 -12.55 2.00 -13.23
CA GLU A 1142 -11.46 1.19 -12.72
C GLU A 1142 -10.26 2.06 -12.41
N PRO A 1143 -9.35 1.60 -11.53
CA PRO A 1143 -8.19 2.44 -11.20
C PRO A 1143 -7.36 2.85 -12.40
N GLU A 1144 -7.16 1.94 -13.36
CA GLU A 1144 -6.41 2.30 -14.57
C GLU A 1144 -7.16 3.37 -15.36
N GLU A 1145 -8.48 3.26 -15.45
CA GLU A 1145 -9.26 4.25 -16.19
C GLU A 1145 -9.20 5.61 -15.51
N ILE A 1146 -9.25 5.66 -14.18
CA ILE A 1146 -9.20 6.94 -13.49
C ILE A 1146 -7.82 7.57 -13.61
N VAL A 1147 -6.76 6.76 -13.47
CA VAL A 1147 -5.42 7.32 -13.56
C VAL A 1147 -5.12 7.77 -14.99
N ALA A 1148 -5.68 7.09 -15.99
CA ALA A 1148 -5.50 7.54 -17.36
C ALA A 1148 -6.32 8.78 -17.68
N LEU A 1149 -7.48 8.94 -17.05
CA LEU A 1149 -8.32 10.11 -17.31
C LEU A 1149 -7.73 11.38 -16.70
N LEU A 1150 -7.04 11.26 -15.57
CA LEU A 1150 -6.50 12.42 -14.88
C LEU A 1150 -5.27 12.99 -15.57
N SER A 1151 -4.76 12.33 -16.61
CA SER A 1151 -3.58 12.81 -17.31
C SER A 1151 -3.85 14.06 -18.15
N VAL A 1152 -5.11 14.44 -18.32
CA VAL A 1152 -5.42 15.66 -19.05
C VAL A 1152 -4.93 16.89 -18.29
N PHE A 1153 -4.86 16.81 -16.96
CA PHE A 1153 -4.47 17.95 -16.14
C PHE A 1153 -2.96 18.12 -16.04
N VAL A 1154 -2.16 17.23 -16.61
CA VAL A 1154 -0.71 17.33 -16.54
C VAL A 1154 -0.05 17.37 -17.91
N TYR A 1155 -0.78 17.13 -18.99
CA TYR A 1155 -0.21 17.12 -20.33
C TYR A 1155 -0.50 18.45 -21.02
N GLU A 1156 0.55 19.08 -21.53
CA GLU A 1156 0.40 20.41 -22.15
C GLU A 1156 -0.38 20.35 -23.46
N GLY A 1157 -0.38 19.21 -24.15
CA GLY A 1157 -1.19 19.05 -25.35
C GLY A 1157 -0.69 19.76 -26.58
N LYS A 1158 0.57 20.19 -26.61
CA LYS A 1158 1.12 20.91 -27.75
C LYS A 1158 1.83 19.95 -28.71
N THR A 1159 1.07 18.96 -29.19
CA THR A 1159 1.58 18.00 -30.16
C THR A 1159 1.10 18.38 -31.56
N ARG A 1160 1.54 17.61 -32.55
CA ARG A 1160 1.23 17.89 -33.95
C ARG A 1160 0.76 16.68 -34.73
N GLU A 1161 0.25 15.65 -34.05
CA GLU A 1161 -0.22 14.44 -34.70
C GLU A 1161 -1.72 14.26 -34.46
N GLU A 1162 -2.34 13.46 -35.32
CA GLU A 1162 -3.75 13.15 -35.18
C GLU A 1162 -3.95 12.15 -34.04
N GLU A 1163 -4.89 12.46 -33.15
CA GLU A 1163 -5.13 11.59 -32.00
C GLU A 1163 -5.72 10.26 -32.46
N PRO A 1164 -5.27 9.15 -31.90
CA PRO A 1164 -5.89 7.85 -32.20
C PRO A 1164 -7.22 7.72 -31.45
N PRO A 1165 -8.08 6.79 -31.86
CA PRO A 1165 -9.35 6.60 -31.15
C PRO A 1165 -9.12 6.15 -29.71
N ILE A 1166 -10.06 6.53 -28.85
CA ILE A 1166 -9.96 6.19 -27.43
C ILE A 1166 -10.00 4.68 -27.26
N VAL A 1167 -9.40 4.20 -26.17
CA VAL A 1167 -9.26 2.77 -25.94
C VAL A 1167 -10.49 2.17 -25.27
N THR A 1168 -11.12 2.90 -24.36
CA THR A 1168 -12.31 2.42 -23.67
C THR A 1168 -13.42 3.46 -23.72
N PRO A 1169 -14.68 3.03 -23.78
CA PRO A 1169 -15.79 3.99 -23.83
C PRO A 1169 -15.89 4.88 -22.60
N ARG A 1170 -15.54 4.36 -21.42
CA ARG A 1170 -15.62 5.17 -20.21
C ARG A 1170 -14.65 6.34 -20.27
N LEU A 1171 -13.51 6.18 -20.93
CA LEU A 1171 -12.60 7.30 -21.09
C LEU A 1171 -13.22 8.40 -21.93
N ALA A 1172 -13.94 8.03 -23.00
CA ALA A 1172 -14.63 9.03 -23.81
C ALA A 1172 -15.74 9.72 -23.01
N LYS A 1173 -16.47 8.95 -22.20
CA LYS A 1173 -17.51 9.55 -21.37
C LYS A 1173 -16.91 10.55 -20.37
N GLY A 1174 -15.79 10.18 -19.74
CA GLY A 1174 -15.14 11.09 -18.83
C GLY A 1174 -14.58 12.32 -19.53
N LYS A 1175 -14.10 12.14 -20.76
CA LYS A 1175 -13.64 13.29 -21.55
C LYS A 1175 -14.79 14.25 -21.82
N GLN A 1176 -15.96 13.72 -22.20
CA GLN A 1176 -17.12 14.57 -22.42
C GLN A 1176 -17.52 15.30 -21.14
N ARG A 1177 -17.52 14.60 -20.01
CA ARG A 1177 -17.88 15.23 -18.74
C ARG A 1177 -16.91 16.36 -18.39
N ILE A 1178 -15.61 16.11 -18.54
CA ILE A 1178 -14.61 17.12 -18.21
C ILE A 1178 -14.75 18.33 -19.14
N GLU A 1179 -15.00 18.08 -20.43
CA GLU A 1179 -15.17 19.19 -21.37
C GLU A 1179 -16.38 20.03 -21.02
N GLU A 1180 -17.49 19.39 -20.64
CA GLU A 1180 -18.68 20.15 -20.25
C GLU A 1180 -18.42 20.98 -19.00
N ILE A 1181 -17.77 20.38 -18.00
CA ILE A 1181 -17.44 21.12 -16.78
C ILE A 1181 -16.55 22.32 -17.11
N TYR A 1182 -15.56 22.13 -17.98
CA TYR A 1182 -14.65 23.22 -18.31
C TYR A 1182 -15.35 24.32 -19.10
N LYS A 1183 -16.28 23.95 -19.97
CA LYS A 1183 -17.05 24.96 -20.69
C LYS A 1183 -17.88 25.80 -19.71
N LYS A 1184 -18.52 25.14 -18.73
CA LYS A 1184 -19.27 25.88 -17.73
C LYS A 1184 -18.36 26.81 -16.92
N MET A 1185 -17.18 26.32 -16.55
CA MET A 1185 -16.22 27.17 -15.83
C MET A 1185 -15.76 28.35 -16.67
N LEU A 1186 -15.55 28.15 -17.97
CA LEU A 1186 -15.18 29.26 -18.84
C LEU A 1186 -16.29 30.29 -18.90
N CYS A 1187 -17.54 29.84 -18.98
CA CYS A 1187 -18.66 30.77 -18.95
C CYS A 1187 -18.67 31.58 -17.66
N VAL A 1188 -18.45 30.90 -16.52
CA VAL A 1188 -18.45 31.59 -15.24
C VAL A 1188 -17.31 32.61 -15.18
N PHE A 1189 -16.13 32.22 -15.64
CA PHE A 1189 -14.98 33.14 -15.63
C PHE A 1189 -15.23 34.35 -16.51
N ASN A 1190 -15.80 34.14 -17.70
CA ASN A 1190 -16.02 35.25 -18.62
C ASN A 1190 -17.17 36.14 -18.15
N THR A 1191 -18.07 35.61 -17.32
CA THR A 1191 -19.13 36.45 -16.76
C THR A 1191 -18.56 37.54 -15.87
N HIS A 1192 -17.58 37.20 -15.04
CA HIS A 1192 -16.99 38.14 -14.10
C HIS A 1192 -15.74 38.83 -14.65
N GLN A 1193 -15.37 38.56 -15.91
CA GLN A 1193 -14.28 39.26 -16.60
C GLN A 1193 -12.96 39.15 -15.85
N ILE A 1194 -12.47 37.92 -15.74
CA ILE A 1194 -11.17 37.64 -15.15
C ILE A 1194 -10.15 37.40 -16.28
N PRO A 1195 -8.97 38.01 -16.21
CA PRO A 1195 -7.95 37.75 -17.25
C PRO A 1195 -7.36 36.35 -17.08
N LEU A 1196 -7.43 35.56 -18.14
CA LEU A 1196 -7.00 34.17 -18.12
C LEU A 1196 -5.58 34.05 -18.67
N THR A 1197 -4.92 32.95 -18.29
CA THR A 1197 -3.58 32.66 -18.79
C THR A 1197 -3.68 32.00 -20.17
N GLN A 1198 -2.52 31.77 -20.78
CA GLN A 1198 -2.49 31.16 -22.11
C GLN A 1198 -2.96 29.71 -22.06
N ASP A 1199 -2.61 28.99 -20.98
CA ASP A 1199 -3.00 27.59 -20.86
C ASP A 1199 -4.48 27.43 -20.53
N GLU A 1200 -5.04 28.33 -19.73
CA GLU A 1200 -6.45 28.23 -19.35
C GLU A 1200 -7.36 28.59 -20.53
N ALA A 1201 -6.95 29.58 -21.33
CA ALA A 1201 -7.79 30.02 -22.44
C ALA A 1201 -7.87 28.96 -23.53
N GLU A 1202 -6.77 28.26 -23.80
CA GLU A 1202 -6.69 27.29 -24.88
C GLU A 1202 -6.70 25.85 -24.38
N PHE A 1203 -7.39 25.61 -23.26
CA PHE A 1203 -7.45 24.25 -22.72
C PHE A 1203 -8.17 23.31 -23.69
N LEU A 1204 -9.29 23.76 -24.27
CA LEU A 1204 -10.06 22.93 -25.17
C LEU A 1204 -9.64 23.06 -26.64
N ASP A 1205 -8.72 23.97 -26.94
CA ASP A 1205 -8.23 24.15 -28.30
C ASP A 1205 -6.96 23.33 -28.58
N ARG A 1206 -6.44 22.64 -27.57
CA ARG A 1206 -5.25 21.80 -27.72
C ARG A 1206 -5.62 20.33 -27.59
N LYS A 1207 -4.66 19.47 -27.89
CA LYS A 1207 -4.84 18.03 -27.82
C LYS A 1207 -4.31 17.50 -26.48
N ARG A 1208 -5.03 17.85 -25.42
CA ARG A 1208 -4.62 17.49 -24.07
C ARG A 1208 -5.06 16.09 -23.67
N PHE A 1209 -5.90 15.43 -24.46
CA PHE A 1209 -6.33 14.06 -24.20
C PHE A 1209 -5.54 13.04 -25.01
N ALA A 1210 -4.42 13.44 -25.60
CA ALA A 1210 -3.69 12.58 -26.52
C ALA A 1210 -2.77 11.58 -25.83
N MET A 1211 -2.62 11.66 -24.51
CA MET A 1211 -1.77 10.73 -23.77
C MET A 1211 -2.57 9.78 -22.88
N MET A 1212 -3.90 9.77 -22.99
CA MET A 1212 -4.70 8.88 -22.15
C MET A 1212 -4.40 7.42 -22.46
N ASN A 1213 -4.26 7.08 -23.74
CA ASN A 1213 -3.96 5.71 -24.12
C ASN A 1213 -2.63 5.26 -23.56
N VAL A 1214 -1.62 6.13 -23.62
CA VAL A 1214 -0.28 5.77 -23.14
C VAL A 1214 -0.30 5.48 -21.65
N VAL A 1215 -0.97 6.35 -20.87
CA VAL A 1215 -1.04 6.15 -19.43
C VAL A 1215 -1.85 4.90 -19.09
N TYR A 1216 -2.95 4.67 -19.81
CA TYR A 1216 -3.75 3.47 -19.56
C TYR A 1216 -2.93 2.21 -19.81
N GLU A 1217 -2.18 2.17 -20.93
CA GLU A 1217 -1.38 1.00 -21.23
C GLU A 1217 -0.20 0.83 -20.27
N TRP A 1218 0.36 1.94 -19.79
CA TRP A 1218 1.41 1.85 -18.78
C TRP A 1218 0.85 1.27 -17.48
N ALA A 1219 -0.35 1.69 -17.09
CA ALA A 1219 -0.98 1.14 -15.90
C ALA A 1219 -1.34 -0.33 -16.07
N ARG A 1220 -1.67 -0.75 -17.29
CA ARG A 1220 -1.99 -2.16 -17.53
C ARG A 1220 -0.78 -3.05 -17.33
N GLY A 1221 0.41 -2.58 -17.71
CA GLY A 1221 1.62 -3.36 -17.49
C GLY A 1221 2.47 -3.59 -18.72
N LEU A 1222 2.28 -2.78 -19.76
CA LEU A 1222 3.10 -2.91 -20.95
C LEU A 1222 4.52 -2.39 -20.70
N SER A 1223 5.46 -2.88 -21.50
CA SER A 1223 6.84 -2.46 -21.38
C SER A 1223 7.03 -1.07 -21.98
N PHE A 1224 8.15 -0.43 -21.61
CA PHE A 1224 8.39 0.92 -22.06
C PHE A 1224 8.67 1.00 -23.56
N LYS A 1225 9.21 -0.07 -24.16
CA LYS A 1225 9.45 -0.07 -25.60
C LYS A 1225 8.14 0.04 -26.37
N GLU A 1226 7.14 -0.76 -25.99
CA GLU A 1226 5.84 -0.69 -26.65
C GLU A 1226 5.16 0.64 -26.38
N ILE A 1227 5.27 1.14 -25.15
CA ILE A 1227 4.70 2.44 -24.79
C ILE A 1227 5.28 3.53 -25.69
N MET A 1228 6.59 3.51 -25.88
CA MET A 1228 7.23 4.50 -26.74
C MET A 1228 6.87 4.29 -28.20
N GLU A 1229 6.65 3.04 -28.61
CA GLU A 1229 6.25 2.77 -29.99
C GLU A 1229 4.85 3.31 -30.29
N MET A 1230 3.96 3.30 -29.30
CA MET A 1230 2.60 3.79 -29.48
C MET A 1230 2.41 5.23 -29.02
N SER A 1231 3.48 5.91 -28.57
CA SER A 1231 3.26 7.24 -28.02
C SER A 1231 3.44 8.32 -29.10
N PRO A 1232 2.74 9.44 -28.96
CA PRO A 1232 2.94 10.57 -29.88
C PRO A 1232 3.98 11.59 -29.44
N GLU A 1233 4.77 11.30 -28.40
CA GLU A 1233 5.76 12.23 -27.90
C GLU A 1233 7.09 11.53 -27.65
N ALA A 1234 8.02 12.19 -26.97
CA ALA A 1234 9.34 11.63 -26.70
C ALA A 1234 9.33 10.92 -25.34
N GLU A 1235 10.50 10.48 -24.89
CA GLU A 1235 10.60 9.75 -23.63
C GLU A 1235 10.44 10.68 -22.43
N GLY A 1236 11.06 11.86 -22.49
CA GLY A 1236 10.99 12.78 -21.37
C GLY A 1236 9.59 13.23 -21.06
N THR A 1237 8.78 13.46 -22.10
CA THR A 1237 7.40 13.88 -21.90
C THR A 1237 6.60 12.81 -21.15
N VAL A 1238 6.76 11.56 -21.57
CA VAL A 1238 6.04 10.46 -20.93
C VAL A 1238 6.47 10.31 -19.47
N VAL A 1239 7.78 10.38 -19.24
CA VAL A 1239 8.29 10.25 -17.86
C VAL A 1239 7.73 11.37 -16.99
N ARG A 1240 7.73 12.61 -17.51
CA ARG A 1240 7.19 13.73 -16.76
C ARG A 1240 5.72 13.54 -16.45
N VAL A 1241 4.95 13.08 -17.43
CA VAL A 1241 3.51 12.91 -17.24
C VAL A 1241 3.24 11.88 -16.13
N ILE A 1242 3.94 10.76 -16.16
CA ILE A 1242 3.69 9.73 -15.15
C ILE A 1242 4.15 10.21 -13.76
N THR A 1243 5.30 10.89 -13.72
CA THR A 1243 5.80 11.39 -12.45
C THR A 1243 4.83 12.39 -11.82
N TRP A 1244 4.16 13.20 -12.65
CA TRP A 1244 3.17 14.13 -12.12
C TRP A 1244 1.87 13.43 -11.73
N LEU A 1245 1.48 12.40 -12.48
CA LEU A 1245 0.29 11.63 -12.12
C LEU A 1245 0.43 10.97 -10.76
N ASP A 1246 1.66 10.65 -10.35
CA ASP A 1246 1.86 10.13 -9.00
C ASP A 1246 1.35 11.10 -7.94
N GLU A 1247 1.77 12.37 -8.02
CA GLU A 1247 1.34 13.37 -7.06
C GLU A 1247 -0.16 13.66 -7.18
N ILE A 1248 -0.69 13.62 -8.41
CA ILE A 1248 -2.13 13.78 -8.60
C ILE A 1248 -2.88 12.69 -7.85
N CYS A 1249 -2.39 11.44 -7.93
CA CYS A 1249 -3.02 10.34 -7.22
C CYS A 1249 -2.98 10.56 -5.71
N ARG A 1250 -1.85 11.05 -5.20
CA ARG A 1250 -1.76 11.36 -3.77
C ARG A 1250 -2.81 12.38 -3.35
N GLU A 1251 -2.93 13.47 -4.12
CA GLU A 1251 -3.90 14.51 -3.80
C GLU A 1251 -5.32 13.98 -3.84
N VAL A 1252 -5.63 13.14 -4.83
CA VAL A 1252 -6.97 12.58 -4.92
C VAL A 1252 -7.25 11.64 -3.75
N LYS A 1253 -6.24 10.89 -3.29
CA LYS A 1253 -6.42 10.09 -2.08
C LYS A 1253 -6.84 10.95 -0.91
N THR A 1254 -6.12 12.05 -0.68
CA THR A 1254 -6.47 12.91 0.46
C THR A 1254 -7.85 13.51 0.30
N ALA A 1255 -8.18 13.98 -0.90
CA ALA A 1255 -9.49 14.59 -1.14
C ALA A 1255 -10.61 13.58 -0.93
N SER A 1256 -10.42 12.34 -1.37
CA SER A 1256 -11.44 11.31 -1.17
C SER A 1256 -11.58 10.97 0.31
N ILE A 1257 -10.49 11.01 1.06
CA ILE A 1257 -10.59 10.82 2.50
C ILE A 1257 -11.44 11.93 3.12
N ILE A 1258 -11.26 13.16 2.64
CA ILE A 1258 -12.08 14.27 3.15
C ILE A 1258 -13.54 14.08 2.80
N ILE A 1259 -13.83 13.70 1.55
CA ILE A 1259 -15.21 13.66 1.08
C ILE A 1259 -16.03 12.63 1.85
N GLY A 1260 -15.47 11.45 2.07
CA GLY A 1260 -16.21 10.39 2.73
C GLY A 1260 -16.36 9.16 1.85
N ASN A 1261 -15.54 9.10 0.80
CA ASN A 1261 -15.57 8.00 -0.16
C ASN A 1261 -14.38 7.10 0.09
N SER A 1262 -14.65 5.83 0.40
CA SER A 1262 -13.58 4.86 0.64
C SER A 1262 -13.19 4.10 -0.62
N THR A 1263 -14.15 3.86 -1.51
CA THR A 1263 -13.84 3.16 -2.75
C THR A 1263 -12.85 3.96 -3.60
N LEU A 1264 -13.03 5.28 -3.66
CA LEU A 1264 -12.09 6.13 -4.38
C LEU A 1264 -10.70 6.07 -3.74
N HIS A 1265 -10.64 6.04 -2.41
CA HIS A 1265 -9.36 5.93 -1.72
C HIS A 1265 -8.65 4.63 -2.08
N MET A 1266 -9.38 3.51 -2.06
CA MET A 1266 -8.77 2.22 -2.41
C MET A 1266 -8.33 2.20 -3.86
N LYS A 1267 -9.15 2.75 -4.76
CA LYS A 1267 -8.79 2.77 -6.18
C LYS A 1267 -7.54 3.62 -6.41
N MET A 1268 -7.43 4.75 -5.72
CA MET A 1268 -6.26 5.60 -5.86
C MET A 1268 -5.01 4.93 -5.32
N SER A 1269 -5.12 4.22 -4.19
CA SER A 1269 -3.97 3.48 -3.67
C SER A 1269 -3.53 2.41 -4.66
N ARG A 1270 -4.50 1.68 -5.24
CA ARG A 1270 -4.16 0.64 -6.21
C ARG A 1270 -3.48 1.24 -7.44
N ALA A 1271 -4.01 2.34 -7.95
CA ALA A 1271 -3.41 2.97 -9.13
C ALA A 1271 -2.00 3.49 -8.83
N GLN A 1272 -1.82 4.07 -7.65
CA GLN A 1272 -0.49 4.55 -7.26
C GLN A 1272 0.51 3.40 -7.21
N GLU A 1273 0.11 2.26 -6.66
CA GLU A 1273 0.99 1.10 -6.69
C GLU A 1273 1.24 0.63 -8.12
N LEU A 1274 0.22 0.70 -8.97
CA LEU A 1274 0.32 0.16 -10.32
C LEU A 1274 1.29 0.97 -11.19
N ILE A 1275 1.26 2.29 -11.08
CA ILE A 1275 2.03 3.10 -12.03
C ILE A 1275 3.50 3.26 -11.64
N LYS A 1276 3.85 3.08 -10.36
CA LYS A 1276 5.20 3.33 -9.89
C LYS A 1276 6.04 2.07 -10.09
N ARG A 1277 6.84 2.06 -11.17
CA ARG A 1277 7.63 0.88 -11.50
C ARG A 1277 8.64 1.23 -12.58
N ASP A 1278 9.68 0.39 -12.66
CA ASP A 1278 10.58 0.32 -13.81
C ASP A 1278 11.40 1.58 -14.05
N ILE A 1279 11.78 1.81 -15.31
CA ILE A 1279 12.76 2.84 -15.65
C ILE A 1279 12.22 4.25 -15.38
N VAL A 1280 10.90 4.43 -15.44
CA VAL A 1280 10.33 5.75 -15.18
C VAL A 1280 10.63 6.20 -13.77
N PHE A 1281 10.55 5.28 -12.80
CA PHE A 1281 10.83 5.56 -11.40
C PHE A 1281 12.14 4.90 -10.95
N ALA A 1282 13.14 4.88 -11.83
CA ALA A 1282 14.44 4.35 -11.48
C ALA A 1282 15.20 5.33 -10.59
N ALA A 1283 16.12 4.79 -9.79
CA ALA A 1283 16.90 5.62 -8.88
C ALA A 1283 17.91 6.45 -9.65
N SER A 1284 18.17 7.65 -9.15
CA SER A 1284 19.11 8.55 -9.79
C SER A 1284 20.54 8.01 -9.71
N LEU A 1285 21.34 8.34 -10.73
CA LEU A 1285 22.74 7.93 -10.74
C LEU A 1285 23.59 8.69 -9.75
N TYR A 1286 23.06 9.75 -9.14
CA TYR A 1286 23.75 10.51 -8.12
C TYR A 1286 23.45 10.01 -6.71
N LEU A 1287 22.60 9.00 -6.57
CA LEU A 1287 22.23 8.46 -5.27
C LEU A 1287 23.05 7.22 -4.93
N TYR B 666 38.79 45.75 33.26
CA TYR B 666 38.58 44.31 33.20
C TYR B 666 38.64 43.66 34.57
N THR B 667 39.78 43.82 35.25
CA THR B 667 39.94 43.24 36.57
C THR B 667 38.93 43.82 37.56
N ALA B 668 38.81 45.15 37.59
CA ALA B 668 37.78 45.78 38.41
C ALA B 668 36.39 45.39 37.92
N ALA B 669 36.21 45.34 36.60
CA ALA B 669 34.92 44.94 36.05
C ALA B 669 34.58 43.51 36.45
N LYS B 670 35.57 42.61 36.39
CA LYS B 670 35.33 41.24 36.82
C LYS B 670 35.00 41.17 38.31
N TYR B 671 35.69 41.97 39.12
CA TYR B 671 35.40 41.98 40.56
C TYR B 671 33.96 42.43 40.83
N ILE B 672 33.53 43.51 40.18
CA ILE B 672 32.16 43.98 40.39
C ILE B 672 31.15 42.96 39.88
N THR B 673 31.44 42.35 38.72
CA THR B 673 30.52 41.37 38.15
C THR B 673 30.36 40.15 39.05
N GLU B 674 31.47 39.65 39.61
CA GLU B 674 31.38 38.49 40.49
C GLU B 674 30.82 38.86 41.85
N THR B 675 30.93 40.13 42.25
CA THR B 675 30.29 40.56 43.48
C THR B 675 28.78 40.64 43.33
N TYR B 676 28.30 41.16 42.19
CA TYR B 676 26.86 41.24 41.95
C TYR B 676 26.27 39.89 41.56
N ALA B 677 27.08 38.98 41.01
CA ALA B 677 26.56 37.68 40.61
C ALA B 677 26.26 36.79 41.80
N SER B 678 26.94 37.00 42.92
CA SER B 678 26.76 36.18 44.11
C SER B 678 25.75 36.76 45.09
N LYS B 679 25.13 37.90 44.76
CA LYS B 679 24.13 38.47 45.65
C LYS B 679 22.93 37.54 45.88
N PRO B 680 22.29 36.96 44.85
CA PRO B 680 22.44 37.17 43.40
C PRO B 680 21.65 38.38 42.91
N ASN B 681 22.16 39.08 41.90
CA ASN B 681 21.45 40.20 41.28
C ASN B 681 21.99 40.32 39.86
N TRP B 682 21.20 39.85 38.89
CA TRP B 682 21.71 39.64 37.55
C TRP B 682 21.52 40.82 36.61
N GLN B 683 20.56 41.72 36.90
CA GLN B 683 20.38 42.88 36.03
C GLN B 683 21.60 43.79 36.07
N ALA B 684 22.13 44.05 37.26
CA ALA B 684 23.32 44.89 37.38
C ALA B 684 24.53 44.25 36.71
N ALA B 685 24.68 42.93 36.89
CA ALA B 685 25.79 42.23 36.25
C ALA B 685 25.68 42.29 34.74
N SER B 686 24.47 42.13 34.20
CA SER B 686 24.27 42.24 32.76
C SER B 686 24.59 43.63 32.27
N SER B 687 24.16 44.66 33.01
CA SER B 687 24.47 46.03 32.61
C SER B 687 25.97 46.28 32.59
N ILE B 688 26.68 45.79 33.61
CA ILE B 688 28.12 45.98 33.66
C ILE B 688 28.81 45.24 32.53
N ALA B 689 28.40 44.00 32.27
CA ALA B 689 29.01 43.25 31.18
C ALA B 689 28.75 43.91 29.83
N SER B 690 27.53 44.42 29.62
CA SER B 690 27.20 45.09 28.37
C SER B 690 28.02 46.36 28.20
N ARG B 691 28.15 47.17 29.25
CA ARG B 691 28.92 48.40 29.13
C ARG B 691 30.41 48.12 28.99
N LEU B 692 30.88 46.97 29.49
CA LEU B 692 32.27 46.58 29.26
C LEU B 692 32.49 46.14 27.81
N ILE B 693 31.56 45.35 27.27
CA ILE B 693 31.72 44.83 25.91
C ILE B 693 31.59 45.97 24.90
N LYS B 694 30.57 46.81 25.05
CA LYS B 694 30.31 47.87 24.09
C LYS B 694 31.34 49.00 24.15
N GLY B 695 32.15 49.06 25.22
CA GLY B 695 33.14 50.11 25.33
C GLY B 695 34.25 50.05 24.31
N GLU B 696 34.45 48.89 23.68
CA GLU B 696 35.47 48.69 22.65
C GLU B 696 36.88 48.92 23.16
N LYS B 697 37.08 48.87 24.48
CA LYS B 697 38.38 49.08 25.09
C LYS B 697 38.93 47.82 25.74
N ALA B 698 38.24 46.69 25.59
CA ALA B 698 38.68 45.42 26.16
C ALA B 698 38.90 44.40 25.06
N LYS B 699 39.58 44.81 23.99
CA LYS B 699 39.74 43.95 22.82
C LYS B 699 40.51 42.68 23.16
N ALA B 700 41.77 42.82 23.58
CA ALA B 700 42.63 41.65 23.77
C ALA B 700 42.14 40.75 24.89
N GLU B 701 41.56 41.34 25.94
CA GLU B 701 41.18 40.54 27.11
C GLU B 701 40.02 39.61 26.81
N LEU B 702 39.08 40.04 25.96
CA LEU B 702 37.84 39.29 25.77
C LEU B 702 37.97 38.11 24.82
N ARG B 703 39.11 37.93 24.18
CA ARG B 703 39.32 36.77 23.31
C ARG B 703 39.79 35.54 24.05
N SER B 704 40.08 35.65 25.34
CA SER B 704 40.52 34.51 26.14
C SER B 704 39.48 34.04 27.16
N ASN B 705 38.53 34.90 27.51
CA ASN B 705 37.51 34.57 28.50
C ASN B 705 36.13 34.87 27.93
N ASN B 706 35.15 34.08 28.37
CA ASN B 706 33.77 34.22 27.90
C ASN B 706 32.79 34.42 29.05
N TRP B 707 33.24 35.04 30.14
CA TRP B 707 32.35 35.30 31.26
C TRP B 707 31.38 36.45 31.01
N PRO B 708 31.74 37.53 30.30
CA PRO B 708 30.75 38.61 30.11
C PRO B 708 29.55 38.18 29.27
N PHE B 709 29.81 37.50 28.15
CA PHE B 709 28.70 37.02 27.32
C PHE B 709 27.86 36.00 28.07
N ARG B 710 28.50 35.14 28.85
CA ARG B 710 27.76 34.18 29.67
C ARG B 710 26.86 34.89 30.67
N VAL B 711 27.36 35.94 31.32
CA VAL B 711 26.54 36.67 32.29
C VAL B 711 25.37 37.34 31.60
N VAL B 712 25.60 37.94 30.42
CA VAL B 712 24.51 38.59 29.69
C VAL B 712 23.44 37.57 29.31
N GLY B 713 23.87 36.42 28.79
CA GLY B 713 22.91 35.39 28.42
C GLY B 713 22.13 34.86 29.62
N ILE B 714 22.82 34.62 30.73
CA ILE B 714 22.16 34.11 31.93
C ILE B 714 21.14 35.12 32.44
N ALA B 715 21.53 36.40 32.48
CA ALA B 715 20.61 37.44 32.94
C ALA B 715 19.38 37.53 32.05
N HIS B 716 19.57 37.41 30.73
CA HIS B 716 18.42 37.31 29.84
C HIS B 716 17.61 36.04 30.11
N LEU B 717 18.27 34.99 30.63
CA LEU B 717 17.59 33.73 30.84
C LEU B 717 16.65 33.77 32.05
N GLU B 718 17.08 34.39 33.16
CA GLU B 718 16.12 34.50 34.26
C GLU B 718 15.06 35.57 34.01
N LYS B 719 15.25 36.41 32.99
CA LYS B 719 14.23 37.38 32.61
C LYS B 719 13.16 36.77 31.70
N GLN B 720 13.28 35.48 31.37
CA GLN B 720 12.34 34.75 30.54
C GLN B 720 12.24 35.31 29.12
N GLU B 721 13.24 36.09 28.71
CA GLU B 721 13.38 36.49 27.31
C GLU B 721 14.38 35.54 26.64
N GLU B 722 13.91 34.31 26.44
CA GLU B 722 14.81 33.21 26.08
C GLU B 722 15.45 33.42 24.72
N SER B 723 14.71 33.94 23.75
CA SER B 723 15.25 34.08 22.40
C SER B 723 16.40 35.09 22.34
N ASP B 724 16.43 36.05 23.26
CA ASP B 724 17.46 37.07 23.24
C ASP B 724 18.81 36.55 23.73
N SER B 725 18.83 35.47 24.51
CA SER B 725 20.06 34.94 25.06
C SER B 725 20.72 33.90 24.16
N ILE B 726 20.05 33.47 23.10
CA ILE B 726 20.61 32.44 22.21
C ILE B 726 21.90 32.94 21.56
N GLU B 727 21.86 34.16 21.02
CA GLU B 727 23.04 34.71 20.36
C GLU B 727 24.18 34.93 21.34
N TRP B 728 23.86 35.37 22.57
CA TRP B 728 24.90 35.59 23.56
C TRP B 728 25.56 34.29 23.98
N PHE B 729 24.76 33.24 24.19
CA PHE B 729 25.33 31.94 24.53
C PHE B 729 26.15 31.37 23.38
N GLN B 730 25.69 31.57 22.14
CA GLN B 730 26.46 31.08 20.99
C GLN B 730 27.79 31.82 20.86
N SER B 731 27.81 33.13 21.10
CA SER B 731 29.06 33.87 21.07
C SER B 731 29.99 33.42 22.19
N ALA B 732 29.45 33.25 23.40
CA ALA B 732 30.27 32.77 24.52
C ALA B 732 30.80 31.37 24.26
N LEU B 733 30.06 30.56 23.51
CA LEU B 733 30.53 29.22 23.18
C LEU B 733 31.59 29.25 22.08
N ARG B 734 31.47 30.18 21.14
CA ARG B 734 32.52 30.35 20.13
C ARG B 734 33.82 30.81 20.79
N VAL B 735 33.73 31.71 21.75
CA VAL B 735 34.93 32.17 22.46
C VAL B 735 35.56 31.01 23.23
N ASP B 736 34.75 30.24 23.94
CA ASP B 736 35.22 29.11 24.72
C ASP B 736 34.32 27.90 24.45
N PRO B 737 34.76 26.94 23.64
CA PRO B 737 33.92 25.78 23.33
C PRO B 737 33.84 24.75 24.46
N ASN B 738 34.46 25.01 25.61
CA ASN B 738 34.50 24.04 26.69
C ASN B 738 33.72 24.50 27.92
N ASP B 739 32.83 25.48 27.76
CA ASP B 739 32.00 25.96 28.86
C ASP B 739 30.75 25.08 28.95
N VAL B 740 30.66 24.28 30.01
CA VAL B 740 29.51 23.40 30.19
C VAL B 740 28.26 24.22 30.51
N GLU B 741 28.41 25.27 31.31
CA GLU B 741 27.26 26.10 31.66
C GLU B 741 26.73 26.86 30.46
N SER B 742 27.60 27.27 29.54
CA SER B 742 27.13 27.90 28.31
C SER B 742 26.29 26.93 27.48
N TRP B 743 26.73 25.68 27.37
CA TRP B 743 25.93 24.68 26.67
C TRP B 743 24.60 24.45 27.35
N VAL B 744 24.60 24.36 28.68
CA VAL B 744 23.36 24.14 29.41
C VAL B 744 22.39 25.30 29.19
N GLY B 745 22.90 26.53 29.27
CA GLY B 745 22.05 27.69 29.05
C GLY B 745 21.51 27.75 27.63
N LEU B 746 22.35 27.42 26.64
CA LEU B 746 21.89 27.41 25.25
C LEU B 746 20.81 26.37 25.04
N GLY B 747 20.97 25.17 25.62
CA GLY B 747 19.95 24.16 25.48
C GLY B 747 18.64 24.54 26.15
N GLN B 748 18.72 25.12 27.35
CA GLN B 748 17.51 25.52 28.06
C GLN B 748 16.84 26.71 27.39
N ALA B 749 17.60 27.52 26.65
CA ALA B 749 17.01 28.57 25.84
C ALA B 749 16.35 28.00 24.58
N TYR B 750 17.00 27.02 23.95
CA TYR B 750 16.43 26.39 22.77
C TYR B 750 15.13 25.66 23.09
N HIS B 751 15.04 25.06 24.28
CA HIS B 751 13.82 24.32 24.63
C HIS B 751 12.60 25.23 24.68
N ALA B 752 12.75 26.43 25.25
CA ALA B 752 11.63 27.35 25.37
C ALA B 752 11.26 28.01 24.05
N CYS B 753 12.07 27.86 23.01
CA CYS B 753 11.79 28.44 21.70
C CYS B 753 11.25 27.41 20.71
N GLY B 754 10.85 26.23 21.18
CA GLY B 754 10.38 25.19 20.29
C GLY B 754 11.44 24.60 19.40
N ARG B 755 12.65 24.40 19.92
CA ARG B 755 13.77 23.87 19.16
C ARG B 755 14.26 22.57 19.80
N ILE B 756 13.33 21.64 20.06
CA ILE B 756 13.56 20.54 20.98
C ILE B 756 14.72 19.67 20.54
N GLU B 757 14.81 19.36 19.24
CA GLU B 757 15.88 18.48 18.77
C GLU B 757 17.25 19.13 18.93
N ALA B 758 17.35 20.43 18.62
CA ALA B 758 18.59 21.15 18.84
C ALA B 758 18.98 21.13 20.32
N SER B 759 18.00 21.31 21.20
CA SER B 759 18.26 21.23 22.63
C SER B 759 18.74 19.84 23.03
N ILE B 760 18.16 18.80 22.43
CA ILE B 760 18.58 17.43 22.73
C ILE B 760 20.05 17.25 22.37
N LYS B 761 20.44 17.70 21.17
CA LYS B 761 21.83 17.60 20.76
C LYS B 761 22.74 18.41 21.67
N VAL B 762 22.29 19.59 22.10
CA VAL B 762 23.10 20.43 22.98
C VAL B 762 23.30 19.77 24.33
N PHE B 763 22.25 19.17 24.88
CA PHE B 763 22.37 18.46 26.15
C PHE B 763 23.29 17.25 26.02
N ASP B 764 23.20 16.56 24.89
CA ASP B 764 24.13 15.44 24.65
C ASP B 764 25.58 15.93 24.63
N LYS B 765 25.82 17.07 23.98
CA LYS B 765 27.17 17.64 23.94
C LYS B 765 27.66 17.97 25.35
N ALA B 766 26.81 18.63 26.14
CA ALA B 766 27.20 19.01 27.50
C ALA B 766 27.46 17.78 28.36
N ILE B 767 26.64 16.74 28.21
CA ILE B 767 26.87 15.50 28.94
C ILE B 767 28.20 14.88 28.53
N GLN B 768 28.51 14.94 27.23
CA GLN B 768 29.79 14.41 26.77
C GLN B 768 30.97 15.14 27.39
N LEU B 769 30.87 16.46 27.56
CA LEU B 769 31.96 17.19 28.22
C LEU B 769 32.09 16.80 29.69
N ARG B 770 30.97 16.78 30.42
CA ARG B 770 30.98 16.50 31.85
C ARG B 770 29.96 15.41 32.16
N PRO B 771 30.38 14.14 32.16
CA PRO B 771 29.42 13.05 32.44
C PRO B 771 28.82 13.09 33.83
N SER B 772 29.46 13.75 34.79
CA SER B 772 28.95 13.80 36.15
C SER B 772 27.88 14.88 36.34
N HIS B 773 27.64 15.72 35.33
CA HIS B 773 26.61 16.74 35.43
C HIS B 773 25.24 16.08 35.57
N THR B 774 24.44 16.59 36.50
CA THR B 774 23.17 15.95 36.85
C THR B 774 21.97 16.63 36.20
N PHE B 775 21.87 17.95 36.29
CA PHE B 775 20.72 18.65 35.72
C PHE B 775 20.65 18.51 34.21
N ALA B 776 21.80 18.34 33.55
CA ALA B 776 21.81 18.16 32.10
C ALA B 776 21.04 16.91 31.70
N GLN B 777 21.23 15.81 32.43
CA GLN B 777 20.51 14.59 32.13
C GLN B 777 19.00 14.77 32.34
N TYR B 778 18.61 15.50 33.38
CA TYR B 778 17.19 15.74 33.64
C TYR B 778 16.56 16.56 32.52
N PHE B 779 17.25 17.62 32.08
CA PHE B 779 16.75 18.43 30.97
C PHE B 779 16.67 17.61 29.69
N LYS B 780 17.67 16.78 29.43
CA LYS B 780 17.65 15.92 28.25
C LYS B 780 16.47 14.96 28.31
N ALA B 781 16.19 14.41 29.49
CA ALA B 781 15.05 13.50 29.63
C ALA B 781 13.74 14.22 29.37
N ILE B 782 13.60 15.45 29.86
CA ILE B 782 12.38 16.22 29.59
C ILE B 782 12.23 16.47 28.10
N SER B 783 13.31 16.84 27.43
CA SER B 783 13.24 17.07 25.98
C SER B 783 12.88 15.81 25.23
N LEU B 784 13.47 14.68 25.62
CA LEU B 784 13.16 13.40 24.98
C LEU B 784 11.69 13.02 25.19
N CYS B 785 11.16 13.33 26.37
CA CYS B 785 9.74 13.12 26.60
C CYS B 785 8.90 14.01 25.70
N ASP B 786 9.34 15.26 25.51
CA ASP B 786 8.60 16.17 24.64
C ASP B 786 8.55 15.66 23.19
N VAL B 787 9.66 15.14 22.69
CA VAL B 787 9.64 14.60 21.32
C VAL B 787 9.03 13.21 21.24
N GLY B 788 8.82 12.54 22.39
CA GLY B 788 8.17 11.26 22.40
C GLY B 788 9.11 10.07 22.45
N GLU B 789 10.21 10.20 23.18
CA GLU B 789 11.17 9.11 23.38
C GLU B 789 11.15 8.74 24.86
N TYR B 790 10.21 7.86 25.22
CA TYR B 790 9.96 7.57 26.63
C TYR B 790 10.99 6.61 27.22
N LEU B 791 11.53 5.68 26.43
CA LEU B 791 12.45 4.68 26.98
C LEU B 791 13.74 5.33 27.45
N GLU B 792 14.38 6.12 26.58
CA GLU B 792 15.64 6.75 26.94
C GLU B 792 15.47 7.74 28.09
N SER B 793 14.41 8.54 28.04
CA SER B 793 14.16 9.50 29.11
C SER B 793 13.87 8.80 30.44
N LEU B 794 13.13 7.70 30.39
CA LEU B 794 12.85 6.94 31.60
C LEU B 794 14.13 6.35 32.19
N ASP B 795 15.00 5.81 31.34
CA ASP B 795 16.28 5.28 31.83
C ASP B 795 17.12 6.40 32.47
N ILE B 796 17.18 7.55 31.80
CA ILE B 796 17.98 8.66 32.31
C ILE B 796 17.44 9.12 33.66
N LEU B 797 16.13 9.28 33.78
CA LEU B 797 15.54 9.77 35.02
C LEU B 797 15.63 8.74 36.13
N GLU B 798 15.50 7.45 35.82
CA GLU B 798 15.70 6.42 36.83
C GLU B 798 17.12 6.44 37.37
N LYS B 799 18.11 6.55 36.48
CA LYS B 799 19.49 6.63 36.93
C LYS B 799 19.73 7.89 37.77
N VAL B 800 19.14 9.02 37.34
CA VAL B 800 19.34 10.28 38.07
C VAL B 800 18.73 10.18 39.47
N CYS B 801 17.53 9.63 39.58
CA CYS B 801 16.90 9.47 40.88
C CYS B 801 17.65 8.48 41.76
N GLN B 802 18.26 7.46 41.15
CA GLN B 802 19.11 6.56 41.92
C GLN B 802 20.34 7.28 42.46
N GLU B 803 20.94 8.16 41.63
CA GLU B 803 22.14 8.86 42.07
C GLU B 803 21.86 9.80 43.24
N ALA B 804 20.74 10.53 43.20
CA ALA B 804 20.39 11.46 44.27
C ALA B 804 18.87 11.47 44.40
N ALA B 805 18.38 10.84 45.47
CA ALA B 805 16.94 10.72 45.70
C ALA B 805 16.38 11.84 46.58
N THR B 806 17.22 12.76 47.06
CA THR B 806 16.74 13.84 47.90
C THR B 806 16.04 14.93 47.09
N GLU B 807 16.41 15.09 45.82
CA GLU B 807 15.86 16.18 45.01
C GLU B 807 14.40 15.90 44.66
N GLU B 808 13.55 16.90 44.92
CA GLU B 808 12.13 16.78 44.62
C GLU B 808 11.83 16.92 43.14
N SER B 809 12.54 17.80 42.45
CA SER B 809 12.27 18.04 41.03
C SER B 809 12.51 16.79 40.20
N PHE B 810 13.55 16.03 40.52
CA PHE B 810 13.84 14.81 39.77
C PHE B 810 12.72 13.79 39.93
N GLN B 811 12.22 13.62 41.16
CA GLN B 811 11.13 12.68 41.40
C GLN B 811 9.87 13.13 40.68
N ILE B 812 9.55 14.42 40.74
CA ILE B 812 8.37 14.93 40.05
C ILE B 812 8.50 14.74 38.54
N GLY B 813 9.70 14.95 37.99
CA GLY B 813 9.89 14.73 36.57
C GLY B 813 9.77 13.28 36.17
N LEU B 814 10.27 12.37 37.01
CA LEU B 814 10.09 10.95 36.75
C LEU B 814 8.60 10.58 36.74
N VAL B 815 7.84 11.09 37.71
CA VAL B 815 6.41 10.82 37.74
C VAL B 815 5.72 11.40 36.51
N GLU B 816 6.12 12.61 36.11
CA GLU B 816 5.56 13.25 34.92
C GLU B 816 5.80 12.40 33.69
N VAL B 817 7.03 11.93 33.49
CA VAL B 817 7.35 11.13 32.32
C VAL B 817 6.58 9.82 32.35
N LEU B 818 6.45 9.21 33.53
CA LEU B 818 5.66 7.99 33.66
C LEU B 818 4.21 8.22 33.24
N MET B 819 3.61 9.31 33.71
CA MET B 819 2.22 9.61 33.37
C MET B 819 2.06 9.88 31.87
N ARG B 820 2.98 10.65 31.29
CA ARG B 820 2.87 10.95 29.85
C ARG B 820 3.05 9.69 29.02
N CYS B 821 3.98 8.81 29.41
CA CYS B 821 4.14 7.55 28.70
C CYS B 821 2.89 6.69 28.80
N SER B 822 2.28 6.62 29.99
CA SER B 822 1.07 5.83 30.15
C SER B 822 -0.07 6.38 29.29
N LEU B 823 -0.24 7.70 29.28
CA LEU B 823 -1.31 8.29 28.46
C LEU B 823 -1.06 8.08 26.98
N ASP B 824 0.20 8.20 26.54
CA ASP B 824 0.51 7.96 25.14
C ASP B 824 0.24 6.50 24.75
N LEU B 825 0.61 5.57 25.64
CA LEU B 825 0.30 4.16 25.37
C LEU B 825 -1.19 3.93 25.30
N TYR B 826 -1.96 4.56 26.19
CA TYR B 826 -3.42 4.44 26.14
C TYR B 826 -3.97 4.96 24.81
N SER B 827 -3.47 6.11 24.37
CA SER B 827 -3.96 6.68 23.11
C SER B 827 -3.53 5.84 21.92
N GLN B 828 -2.41 5.13 22.02
CA GLN B 828 -1.91 4.31 20.94
C GLN B 828 -2.49 2.90 20.92
N GLY B 829 -3.28 2.53 21.94
CA GLY B 829 -3.91 1.23 21.99
C GLY B 829 -3.20 0.18 22.82
N PHE B 830 -2.21 0.56 23.62
CA PHE B 830 -1.51 -0.38 24.49
C PHE B 830 -2.13 -0.34 25.88
N LEU B 831 -3.37 -0.85 25.96
CA LEU B 831 -4.15 -0.75 27.18
C LEU B 831 -3.68 -1.66 28.31
N LEU B 832 -2.83 -2.65 28.02
CA LEU B 832 -2.38 -3.58 29.05
C LEU B 832 -1.14 -3.10 29.78
N LYS B 833 -0.27 -2.30 29.13
CA LYS B 833 0.87 -1.73 29.82
C LYS B 833 0.58 -0.36 30.42
N SER B 834 -0.49 0.29 29.97
CA SER B 834 -0.88 1.57 30.56
C SER B 834 -1.24 1.41 32.02
N VAL B 835 -1.99 0.36 32.37
CA VAL B 835 -2.36 0.15 33.76
C VAL B 835 -1.14 -0.19 34.61
N SER B 836 -0.20 -0.94 34.05
CA SER B 836 1.02 -1.25 34.80
C SER B 836 1.85 0.01 35.07
N ILE B 837 1.97 0.87 34.06
CA ILE B 837 2.71 2.12 34.27
C ILE B 837 1.95 3.05 35.21
N ALA B 838 0.62 3.01 35.20
CA ALA B 838 -0.17 3.78 36.15
C ALA B 838 0.06 3.27 37.57
N LYS B 839 0.12 1.95 37.76
CA LYS B 839 0.43 1.40 39.08
C LYS B 839 1.82 1.82 39.53
N ASP B 840 2.79 1.81 38.61
CA ASP B 840 4.13 2.27 38.95
C ASP B 840 4.12 3.75 39.36
N THR B 841 3.34 4.57 38.65
CA THR B 841 3.23 5.98 38.99
C THR B 841 2.61 6.18 40.37
N ILE B 842 1.57 5.40 40.68
CA ILE B 842 0.95 5.50 42.00
C ILE B 842 1.92 5.07 43.09
N GLU B 843 2.70 4.02 42.83
CA GLU B 843 3.71 3.61 43.80
C GLU B 843 4.76 4.70 44.02
N ARG B 844 5.20 5.34 42.94
CA ARG B 844 6.16 6.43 43.07
C ARG B 844 5.58 7.61 43.84
N ILE B 845 4.31 7.93 43.59
CA ILE B 845 3.65 9.03 44.31
C ILE B 845 3.55 8.69 45.79
N LYS B 846 3.19 7.45 46.11
CA LYS B 846 3.15 7.03 47.52
C LYS B 846 4.51 7.16 48.16
N ILE B 847 5.57 6.74 47.46
CA ILE B 847 6.92 6.87 48.00
C ILE B 847 7.24 8.34 48.27
N ILE B 848 6.92 9.21 47.30
CA ILE B 848 7.23 10.63 47.44
C ILE B 848 6.52 11.20 48.67
N ILE B 849 5.22 10.97 48.79
CA ILE B 849 4.45 11.57 49.87
C ILE B 849 4.88 11.01 51.22
N SER B 850 5.12 9.70 51.29
CA SER B 850 5.49 9.08 52.56
C SER B 850 6.87 9.52 53.02
N GLU B 851 7.87 9.46 52.13
CA GLU B 851 9.24 9.70 52.53
C GLU B 851 9.61 11.19 52.48
N LEU B 852 9.48 11.82 51.31
CA LEU B 852 9.91 13.20 51.17
C LEU B 852 8.96 14.16 51.87
N LYS B 853 7.72 13.75 52.13
CA LYS B 853 6.72 14.59 52.79
C LYS B 853 6.54 15.91 52.04
N CYS B 854 6.67 15.85 50.72
CA CYS B 854 6.57 17.02 49.86
C CYS B 854 5.24 16.98 49.12
N GLU B 855 4.50 18.09 49.18
CA GLU B 855 3.20 18.20 48.56
C GLU B 855 3.18 19.38 47.61
N ASN B 856 2.59 19.17 46.43
CA ASN B 856 2.42 20.23 45.44
C ASN B 856 1.22 19.89 44.59
N GLN B 857 0.67 20.91 43.91
CA GLN B 857 -0.50 20.68 43.08
C GLN B 857 -0.20 19.75 41.91
N GLN B 858 1.03 19.81 41.38
CA GLN B 858 1.38 19.03 40.20
C GLN B 858 1.26 17.53 40.45
N VAL B 859 1.71 17.07 41.62
CA VAL B 859 1.69 15.63 41.89
C VAL B 859 0.26 15.13 42.03
N TRP B 860 -0.62 15.93 42.63
CA TRP B 860 -2.02 15.52 42.75
C TRP B 860 -2.73 15.54 41.40
N ILE B 861 -2.39 16.51 40.54
CA ILE B 861 -2.94 16.51 39.19
C ILE B 861 -2.47 15.28 38.43
N TYR B 862 -1.19 14.93 38.59
CA TYR B 862 -0.67 13.72 37.95
C TYR B 862 -1.39 12.48 38.46
N LEU B 863 -1.65 12.41 39.76
CA LEU B 863 -2.37 11.27 40.33
C LEU B 863 -3.78 11.19 39.78
N SER B 864 -4.48 12.32 39.67
CA SER B 864 -5.83 12.31 39.14
C SER B 864 -5.84 11.89 37.67
N GLN B 865 -4.86 12.35 36.89
CA GLN B 865 -4.74 11.91 35.51
C GLN B 865 -4.50 10.41 35.43
N VAL B 866 -3.68 9.88 36.34
CA VAL B 866 -3.40 8.45 36.38
C VAL B 866 -4.65 7.66 36.78
N LEU B 867 -5.43 8.17 37.73
CA LEU B 867 -6.59 7.44 38.22
C LEU B 867 -7.68 7.29 37.17
N ARG B 868 -7.72 8.15 36.16
CA ARG B 868 -8.70 8.01 35.09
C ARG B 868 -8.45 6.76 34.25
N LEU B 869 -7.21 6.26 34.21
CA LEU B 869 -6.91 5.08 33.42
C LEU B 869 -7.60 3.84 33.98
N PHE B 870 -7.79 3.76 35.29
CA PHE B 870 -8.44 2.60 35.88
C PHE B 870 -9.94 2.61 35.63
N ILE B 871 -10.56 3.79 35.65
CA ILE B 871 -11.98 3.89 35.32
C ILE B 871 -12.21 3.66 33.83
N TRP B 872 -11.34 4.21 32.98
CA TRP B 872 -11.50 4.02 31.54
C TRP B 872 -11.29 2.57 31.15
N ILE B 873 -10.23 1.94 31.67
CA ILE B 873 -9.99 0.52 31.44
C ILE B 873 -10.63 -0.21 32.62
N GLU B 874 -11.92 -0.49 32.50
CA GLU B 874 -12.70 -1.05 33.60
C GLU B 874 -12.49 -2.55 33.76
N SER B 875 -12.05 -3.25 32.70
CA SER B 875 -11.76 -4.67 32.83
C SER B 875 -10.54 -4.95 33.68
N LYS B 876 -9.76 -3.93 34.01
CA LYS B 876 -8.58 -4.06 34.85
C LYS B 876 -8.68 -3.14 36.07
N VAL B 877 -9.91 -2.91 36.54
CA VAL B 877 -10.11 -2.00 37.66
C VAL B 877 -9.78 -2.66 39.00
N ASP B 878 -9.77 -3.98 39.06
CA ASP B 878 -9.46 -4.69 40.30
C ASP B 878 -7.99 -4.61 40.66
N THR B 879 -7.14 -4.11 39.77
CA THR B 879 -5.71 -3.99 40.00
C THR B 879 -5.35 -2.69 40.71
N LEU B 880 -6.31 -1.82 40.95
CA LEU B 880 -6.05 -0.52 41.55
C LEU B 880 -5.42 -0.70 42.93
N PRO B 881 -4.30 -0.03 43.22
CA PRO B 881 -3.64 -0.23 44.52
C PRO B 881 -4.34 0.49 45.65
N VAL B 882 -5.39 -0.13 46.20
CA VAL B 882 -6.14 0.49 47.28
C VAL B 882 -5.36 0.56 48.59
N GLU B 883 -4.24 -0.14 48.70
CA GLU B 883 -3.41 -0.07 49.89
C GLU B 883 -2.51 1.16 49.90
N SER B 884 -1.86 1.45 48.78
CA SER B 884 -1.03 2.65 48.69
C SER B 884 -1.88 3.91 48.72
N LEU B 885 -3.08 3.88 48.15
CA LEU B 885 -3.92 5.06 48.09
C LEU B 885 -4.42 5.47 49.48
N VAL B 886 -4.64 4.51 50.37
CA VAL B 886 -5.07 4.84 51.73
C VAL B 886 -3.98 5.63 52.44
N SER B 887 -2.73 5.17 52.35
CA SER B 887 -1.64 5.90 52.98
C SER B 887 -1.35 7.21 52.26
N ILE B 888 -1.67 7.30 50.97
CA ILE B 888 -1.54 8.55 50.25
C ILE B 888 -2.56 9.57 50.76
N PHE B 889 -3.75 9.12 51.14
CA PHE B 889 -4.81 10.00 51.62
C PHE B 889 -4.84 10.11 53.14
N GLU B 890 -3.89 9.47 53.84
CA GLU B 890 -3.85 9.52 55.29
C GLU B 890 -2.53 10.12 55.81
N ASN B 891 -1.80 10.82 54.95
CA ASN B 891 -0.55 11.47 55.33
C ASN B 891 -0.51 12.91 54.83
N SER B 892 -1.66 13.58 54.80
CA SER B 892 -1.74 14.96 54.34
C SER B 892 -2.55 15.82 55.31
N GLU B 898 -15.08 22.51 52.45
CA GLU B 898 -16.23 21.98 53.17
C GLU B 898 -17.53 22.40 52.50
N GLU B 899 -17.44 23.40 51.62
CA GLU B 899 -18.62 23.88 50.91
C GLU B 899 -19.19 22.81 50.00
N ILE B 900 -18.32 22.08 49.29
CA ILE B 900 -18.78 21.05 48.36
C ILE B 900 -18.92 19.69 49.03
N ASP B 901 -18.47 19.54 50.28
CA ASP B 901 -18.53 18.24 50.94
C ASP B 901 -19.94 17.86 51.36
N SER B 902 -20.83 18.83 51.55
CA SER B 902 -22.19 18.53 52.00
C SER B 902 -23.04 17.95 50.89
N VAL B 903 -22.62 18.08 49.63
CA VAL B 903 -23.41 17.58 48.50
C VAL B 903 -22.96 16.16 48.17
N ASP B 904 -21.67 16.00 47.84
CA ASP B 904 -21.17 14.68 47.45
C ASP B 904 -21.03 13.75 48.64
N ASN B 905 -20.71 14.28 49.82
CA ASN B 905 -20.49 13.50 51.04
C ASN B 905 -19.39 12.47 50.85
N ILE B 906 -18.37 12.81 50.06
CA ILE B 906 -17.23 11.94 49.82
C ILE B 906 -16.13 12.31 50.81
N LYS B 907 -15.87 11.41 51.76
CA LYS B 907 -14.87 11.65 52.79
C LYS B 907 -14.03 10.40 52.96
N ILE B 908 -12.82 10.59 53.51
CA ILE B 908 -11.92 9.46 53.77
C ILE B 908 -12.53 8.51 54.80
N ASP B 909 -13.09 9.07 55.87
CA ASP B 909 -13.70 8.24 56.90
C ASP B 909 -14.91 7.48 56.35
N THR B 910 -15.74 8.15 55.55
CA THR B 910 -16.86 7.45 54.92
C THR B 910 -16.39 6.42 53.92
N LEU B 911 -15.28 6.69 53.23
CA LEU B 911 -14.71 5.72 52.31
C LEU B 911 -14.27 4.46 53.04
N LEU B 912 -13.58 4.62 54.17
CA LEU B 912 -13.09 3.47 54.91
C LEU B 912 -14.23 2.66 55.51
N ASP B 913 -15.22 3.34 56.09
CA ASP B 913 -16.35 2.66 56.72
C ASP B 913 -17.53 2.61 55.74
N SER B 914 -17.36 1.80 54.71
CA SER B 914 -18.36 1.63 53.66
C SER B 914 -18.57 0.15 53.39
N THR B 915 -19.75 -0.17 52.86
CA THR B 915 -20.10 -1.54 52.54
C THR B 915 -21.06 -1.56 51.35
N THR B 916 -21.17 -2.73 50.72
CA THR B 916 -22.02 -2.92 49.55
C THR B 916 -21.69 -1.91 48.46
N ASP B 917 -20.40 -1.69 48.24
CA ASP B 917 -19.92 -0.71 47.28
C ASP B 917 -19.14 -1.42 46.18
N ASP B 918 -19.43 -1.09 44.94
CA ASP B 918 -18.80 -1.74 43.80
C ASP B 918 -17.39 -1.20 43.58
N ASN B 919 -16.62 -1.94 42.77
CA ASN B 919 -15.24 -1.54 42.49
C ASN B 919 -15.18 -0.21 41.75
N VAL B 920 -16.06 -0.03 40.76
CA VAL B 920 -16.03 1.18 39.94
C VAL B 920 -16.43 2.40 40.76
N SER B 921 -17.39 2.23 41.68
CA SER B 921 -17.78 3.33 42.55
C SER B 921 -16.62 3.76 43.45
N ILE B 922 -15.89 2.80 43.99
CA ILE B 922 -14.72 3.11 44.80
C ILE B 922 -13.65 3.79 43.95
N ALA B 923 -13.49 3.34 42.71
CA ALA B 923 -12.52 3.98 41.81
C ALA B 923 -12.88 5.45 41.56
N CYS B 924 -14.16 5.71 41.33
CA CYS B 924 -14.60 7.10 41.08
C CYS B 924 -14.48 7.94 42.33
N LYS B 925 -14.75 7.36 43.51
CA LYS B 925 -14.60 8.11 44.75
C LYS B 925 -13.14 8.42 45.04
N PHE B 926 -12.24 7.49 44.70
CA PHE B 926 -10.81 7.77 44.78
C PHE B 926 -10.41 8.86 43.78
N LEU B 927 -11.03 8.86 42.60
CA LEU B 927 -10.79 9.93 41.64
C LEU B 927 -11.18 11.27 42.22
N ILE B 928 -12.34 11.35 42.87
CA ILE B 928 -12.65 12.59 43.58
C ILE B 928 -12.15 12.48 45.01
N LEU B 929 -10.83 12.50 45.17
CA LEU B 929 -10.14 12.97 46.37
C LEU B 929 -8.86 13.72 46.07
N ALA B 930 -8.21 13.45 44.93
CA ALA B 930 -7.00 14.18 44.57
C ALA B 930 -7.34 15.58 44.07
N SER B 931 -8.54 15.77 43.55
CA SER B 931 -8.98 17.10 43.14
C SER B 931 -9.27 17.98 44.35
N LYS B 932 -9.72 17.39 45.45
CA LYS B 932 -10.02 18.14 46.66
C LYS B 932 -8.85 18.21 47.64
N TYR B 933 -7.72 17.58 47.33
CA TYR B 933 -6.55 17.57 48.20
C TYR B 933 -5.39 18.36 47.64
N SER B 934 -5.62 19.16 46.60
CA SER B 934 -4.55 19.95 46.00
C SER B 934 -4.63 21.40 46.48
N GLY B 945 -6.55 34.70 40.41
CA GLY B 945 -7.49 33.63 40.69
C GLY B 945 -7.42 32.49 39.68
N THR B 946 -6.34 32.47 38.89
CA THR B 946 -6.18 31.41 37.90
C THR B 946 -6.05 30.04 38.57
N VAL B 947 -5.27 29.96 39.63
CA VAL B 947 -5.01 28.67 40.29
C VAL B 947 -6.28 28.14 40.94
N ARG B 948 -7.03 29.00 41.64
CA ARG B 948 -8.26 28.55 42.27
C ARG B 948 -9.32 28.17 41.24
N ALA B 949 -9.37 28.92 40.14
CA ALA B 949 -10.30 28.55 39.05
C ALA B 949 -9.96 27.19 38.48
N SER B 950 -8.66 26.93 38.26
CA SER B 950 -8.25 25.62 37.78
C SER B 950 -8.58 24.53 38.79
N TYR B 951 -8.40 24.81 40.08
CA TYR B 951 -8.70 23.85 41.13
C TYR B 951 -10.17 23.46 41.12
N TRP B 952 -11.06 24.46 41.06
CA TRP B 952 -12.48 24.18 41.09
C TRP B 952 -12.94 23.53 39.78
N TYR B 953 -12.35 23.93 38.65
CA TYR B 953 -12.67 23.27 37.39
C TYR B 953 -12.26 21.80 37.41
N ASN B 954 -11.11 21.50 38.01
CA ASN B 954 -10.67 20.11 38.10
C ASN B 954 -11.63 19.30 38.97
N ILE B 955 -12.05 19.87 40.11
CA ILE B 955 -13.02 19.18 40.94
C ILE B 955 -14.32 18.95 40.18
N GLY B 956 -14.78 19.96 39.43
CA GLY B 956 -16.00 19.81 38.67
C GLY B 956 -15.89 18.76 37.59
N ILE B 957 -14.74 18.69 36.92
CA ILE B 957 -14.52 17.68 35.89
C ILE B 957 -14.54 16.29 36.50
N SER B 958 -13.90 16.11 37.65
CA SER B 958 -13.92 14.82 38.33
C SER B 958 -15.34 14.42 38.72
N GLU B 959 -16.11 15.37 39.27
CA GLU B 959 -17.49 15.06 39.64
C GLU B 959 -18.36 14.78 38.43
N LEU B 960 -18.11 15.47 37.31
CA LEU B 960 -18.85 15.19 36.08
C LEU B 960 -18.54 13.79 35.57
N THR B 961 -17.27 13.38 35.64
CA THR B 961 -16.92 12.01 35.28
C THR B 961 -17.65 11.01 36.16
N ALA B 962 -17.68 11.27 37.47
CA ALA B 962 -18.39 10.37 38.38
C ALA B 962 -19.88 10.33 38.07
N PHE B 963 -20.49 11.47 37.76
CA PHE B 963 -21.90 11.51 37.45
C PHE B 963 -22.21 10.73 36.17
N ILE B 964 -21.37 10.88 35.14
CA ILE B 964 -21.58 10.13 33.91
C ILE B 964 -21.42 8.64 34.15
N THR B 965 -20.45 8.25 34.99
CA THR B 965 -20.17 6.84 35.20
C THR B 965 -21.19 6.15 36.09
N LEU B 966 -21.69 6.83 37.13
CA LEU B 966 -22.55 6.20 38.12
C LEU B 966 -24.01 6.66 38.07
N LYS B 967 -24.30 7.80 37.45
CA LYS B 967 -25.66 8.30 37.28
C LYS B 967 -26.38 8.49 38.63
N GLU B 968 -25.85 9.42 39.42
CA GLU B 968 -26.45 9.76 40.71
C GLU B 968 -26.52 11.28 40.83
N PRO B 969 -27.66 11.82 41.28
CA PRO B 969 -27.86 13.29 41.21
C PRO B 969 -26.88 14.11 42.02
N GLN B 970 -26.39 13.60 43.16
CA GLN B 970 -25.51 14.41 44.00
C GLN B 970 -24.21 14.74 43.30
N TYR B 971 -23.71 13.84 42.46
CA TYR B 971 -22.52 14.14 41.66
C TYR B 971 -22.80 15.29 40.70
N ARG B 972 -23.99 15.29 40.08
CA ARG B 972 -24.35 16.39 39.19
C ARG B 972 -24.44 17.71 39.94
N ASP B 973 -25.04 17.69 41.13
CA ASP B 973 -25.15 18.92 41.92
C ASP B 973 -23.76 19.45 42.31
N ALA B 974 -22.87 18.55 42.74
CA ALA B 974 -21.52 18.96 43.08
C ALA B 974 -20.78 19.52 41.87
N ALA B 975 -20.94 18.87 40.72
CA ALA B 975 -20.29 19.35 39.50
C ALA B 975 -20.79 20.73 39.12
N ILE B 976 -22.10 20.96 39.18
CA ILE B 976 -22.66 22.26 38.85
C ILE B 976 -22.17 23.32 39.83
N PHE B 977 -22.11 22.98 41.11
CA PHE B 977 -21.63 23.92 42.13
C PHE B 977 -20.17 24.32 41.85
N ALA B 978 -19.32 23.33 41.57
CA ALA B 978 -17.92 23.60 41.28
C ALA B 978 -17.77 24.42 40.01
N PHE B 979 -18.54 24.10 38.97
CA PHE B 979 -18.48 24.85 37.73
C PHE B 979 -18.92 26.29 37.92
N LYS B 980 -19.98 26.50 38.71
CA LYS B 980 -20.43 27.86 38.99
C LYS B 980 -19.36 28.66 39.73
N LYS B 981 -18.71 28.04 40.72
CA LYS B 981 -17.66 28.75 41.44
C LYS B 981 -16.48 29.07 40.53
N SER B 982 -16.06 28.11 39.70
CA SER B 982 -14.94 28.35 38.79
C SER B 982 -15.27 29.45 37.80
N ILE B 983 -16.51 29.49 37.29
CA ILE B 983 -16.92 30.57 36.41
C ILE B 983 -16.90 31.90 37.16
N GLN B 984 -17.38 31.91 38.40
CA GLN B 984 -17.32 33.12 39.20
C GLN B 984 -15.90 33.55 39.49
N LEU B 985 -14.92 32.65 39.32
CA LEU B 985 -13.52 33.02 39.52
C LEU B 985 -12.94 33.72 38.29
N GLN B 986 -13.06 33.11 37.11
CA GLN B 986 -12.47 33.66 35.90
C GLN B 986 -13.49 33.96 34.81
N SER B 987 -14.33 33.00 34.46
CA SER B 987 -15.38 33.15 33.44
C SER B 987 -14.83 33.49 32.06
N ASN B 988 -13.57 33.18 31.77
CA ASN B 988 -12.95 33.55 30.51
C ASN B 988 -12.29 32.36 29.86
N THR B 989 -12.74 31.15 30.18
CA THR B 989 -12.20 29.93 29.62
C THR B 989 -13.33 29.10 29.01
N SER B 990 -13.04 28.50 27.85
CA SER B 990 -14.06 27.74 27.14
C SER B 990 -14.42 26.45 27.87
N GLU B 991 -13.43 25.82 28.50
CA GLU B 991 -13.64 24.48 29.06
C GLU B 991 -14.65 24.50 30.20
N THR B 992 -14.65 25.55 31.02
CA THR B 992 -15.63 25.64 32.09
C THR B 992 -17.05 25.74 31.53
N TRP B 993 -17.22 26.50 30.45
CA TRP B 993 -18.54 26.60 29.83
C TRP B 993 -18.96 25.29 29.19
N ILE B 994 -18.02 24.57 28.57
CA ILE B 994 -18.36 23.24 28.03
C ILE B 994 -18.80 22.31 29.15
N GLY B 995 -18.07 22.32 30.28
CA GLY B 995 -18.45 21.47 31.39
C GLY B 995 -19.80 21.84 31.98
N LEU B 996 -20.07 23.13 32.11
CA LEU B 996 -21.37 23.56 32.62
C LEU B 996 -22.49 23.14 31.69
N GLY B 997 -22.27 23.26 30.37
CA GLY B 997 -23.26 22.81 29.42
C GLY B 997 -23.47 21.30 29.45
N ILE B 998 -22.41 20.55 29.71
CA ILE B 998 -22.54 19.10 29.79
C ILE B 998 -23.31 18.70 31.04
N ALA B 999 -23.05 19.36 32.17
CA ALA B 999 -23.68 18.97 33.43
C ALA B 999 -25.15 19.33 33.49
N THR B 1000 -25.63 20.21 32.62
CA THR B 1000 -27.02 20.65 32.61
C THR B 1000 -27.72 20.26 31.31
N MET B 1001 -27.47 19.06 30.81
CA MET B 1001 -28.06 18.66 29.54
C MET B 1001 -29.54 18.29 29.67
N ASP B 1002 -29.93 17.69 30.79
CA ASP B 1002 -31.30 17.21 30.95
C ASP B 1002 -32.17 18.11 31.82
N ILE B 1003 -31.58 18.83 32.77
CA ILE B 1003 -32.39 19.70 33.63
C ILE B 1003 -33.00 20.85 32.84
N ASN B 1004 -32.26 21.38 31.86
CA ASN B 1004 -32.77 22.46 31.02
C ASN B 1004 -31.92 22.54 29.76
N PHE B 1005 -32.58 22.60 28.60
CA PHE B 1005 -31.86 22.66 27.34
C PHE B 1005 -31.45 24.08 26.95
N ARG B 1006 -32.20 25.09 27.39
CA ARG B 1006 -31.82 26.47 27.09
C ARG B 1006 -30.50 26.83 27.77
N VAL B 1007 -30.30 26.37 29.00
CA VAL B 1007 -29.04 26.63 29.70
C VAL B 1007 -27.88 25.97 28.98
N SER B 1008 -28.05 24.72 28.56
CA SER B 1008 -27.00 24.03 27.82
C SER B 1008 -26.70 24.74 26.50
N GLN B 1009 -27.74 25.18 25.80
CA GLN B 1009 -27.55 25.91 24.55
C GLN B 1009 -26.75 27.18 24.77
N HIS B 1010 -27.11 27.95 25.79
CA HIS B 1010 -26.38 29.18 26.07
C HIS B 1010 -24.93 28.90 26.43
N CYS B 1011 -24.69 27.86 27.24
CA CYS B 1011 -23.32 27.53 27.62
C CYS B 1011 -22.49 27.11 26.41
N PHE B 1012 -23.08 26.31 25.51
CA PHE B 1012 -22.33 25.88 24.33
C PHE B 1012 -22.08 27.04 23.38
N ILE B 1013 -23.04 27.95 23.23
CA ILE B 1013 -22.82 29.11 22.38
C ILE B 1013 -21.70 29.99 22.96
N LYS B 1014 -21.71 30.19 24.27
CA LYS B 1014 -20.64 30.97 24.89
C LYS B 1014 -19.29 30.31 24.71
N ALA B 1015 -19.22 28.98 24.87
CA ALA B 1015 -17.96 28.27 24.70
C ALA B 1015 -17.46 28.38 23.27
N THR B 1016 -18.36 28.24 22.29
CA THR B 1016 -17.95 28.38 20.89
C THR B 1016 -17.46 29.78 20.60
N ALA B 1017 -18.14 30.80 21.13
CA ALA B 1017 -17.71 32.18 20.92
C ALA B 1017 -16.34 32.43 21.56
N LEU B 1018 -16.06 31.77 22.68
CA LEU B 1018 -14.76 31.97 23.35
C LEU B 1018 -13.62 31.40 22.51
N GLU B 1019 -13.75 30.16 22.05
CA GLU B 1019 -12.69 29.47 21.31
C GLU B 1019 -13.28 28.89 20.03
N PRO B 1020 -13.19 29.59 18.91
CA PRO B 1020 -13.82 29.13 17.67
C PRO B 1020 -13.10 27.99 16.98
N LYS B 1021 -11.88 27.64 17.40
CA LYS B 1021 -11.12 26.57 16.77
C LYS B 1021 -11.37 25.21 17.40
N ALA B 1022 -12.27 25.12 18.38
CA ALA B 1022 -12.60 23.85 19.01
C ALA B 1022 -13.83 23.26 18.35
N THR B 1023 -13.70 22.01 17.89
CA THR B 1023 -14.78 21.33 17.19
C THR B 1023 -15.66 20.49 18.11
N ASN B 1024 -15.33 20.43 19.41
CA ASN B 1024 -16.13 19.64 20.34
C ASN B 1024 -17.44 20.32 20.71
N THR B 1025 -17.43 21.66 20.79
CA THR B 1025 -18.65 22.37 21.18
C THR B 1025 -19.76 22.16 20.17
N TRP B 1026 -19.42 22.14 18.89
CA TRP B 1026 -20.43 21.90 17.86
C TRP B 1026 -21.03 20.50 17.99
N PHE B 1027 -20.19 19.51 18.29
CA PHE B 1027 -20.71 18.16 18.49
C PHE B 1027 -21.60 18.06 19.73
N ASN B 1028 -21.22 18.75 20.80
CA ASN B 1028 -22.06 18.77 22.00
C ASN B 1028 -23.41 19.41 21.71
N LEU B 1029 -23.40 20.51 20.94
CA LEU B 1029 -24.65 21.17 20.57
C LEU B 1029 -25.50 20.26 19.68
N ALA B 1030 -24.86 19.53 18.77
CA ALA B 1030 -25.58 18.57 17.94
C ALA B 1030 -26.25 17.49 18.78
N MET B 1031 -25.51 16.95 19.75
CA MET B 1031 -26.09 15.92 20.61
C MET B 1031 -27.22 16.47 21.46
N LEU B 1032 -27.07 17.70 21.95
CA LEU B 1032 -28.16 18.33 22.71
C LEU B 1032 -29.40 18.51 21.85
N GLY B 1033 -29.21 18.94 20.60
CA GLY B 1033 -30.35 19.07 19.70
C GLY B 1033 -30.99 17.74 19.36
N LEU B 1034 -30.18 16.67 19.27
CA LEU B 1034 -30.73 15.35 18.99
C LEU B 1034 -31.50 14.80 20.19
N LYS B 1035 -31.04 15.11 21.41
CA LYS B 1035 -31.74 14.65 22.61
C LYS B 1035 -33.11 15.31 22.75
N LYS B 1036 -33.32 16.46 22.15
CA LYS B 1036 -34.62 17.12 22.13
C LYS B 1036 -35.44 16.76 20.90
N LYS B 1037 -34.94 15.84 20.06
CA LYS B 1037 -35.63 15.38 18.87
C LYS B 1037 -35.91 16.53 17.90
N ASP B 1038 -34.86 17.28 17.59
CA ASP B 1038 -34.88 18.34 16.57
C ASP B 1038 -33.85 17.94 15.53
N THR B 1039 -34.29 17.23 14.49
CA THR B 1039 -33.36 16.60 13.55
C THR B 1039 -32.73 17.63 12.61
N GLU B 1040 -33.49 18.65 12.19
CA GLU B 1040 -32.96 19.60 11.23
C GLU B 1040 -31.81 20.40 11.78
N PHE B 1041 -31.92 20.85 13.04
CA PHE B 1041 -30.83 21.61 13.65
C PHE B 1041 -29.57 20.75 13.78
N ALA B 1042 -29.74 19.50 14.21
CA ALA B 1042 -28.61 18.59 14.32
C ALA B 1042 -27.97 18.35 12.96
N GLN B 1043 -28.77 18.17 11.91
CA GLN B 1043 -28.22 17.97 10.58
C GLN B 1043 -27.44 19.18 10.11
N GLN B 1044 -27.95 20.39 10.34
CA GLN B 1044 -27.25 21.59 9.93
C GLN B 1044 -25.92 21.75 10.66
N VAL B 1045 -25.94 21.57 11.99
CA VAL B 1045 -24.71 21.73 12.75
C VAL B 1045 -23.71 20.63 12.40
N LEU B 1046 -24.18 19.42 12.09
CA LEU B 1046 -23.26 18.36 11.70
C LEU B 1046 -22.67 18.60 10.32
N ASN B 1047 -23.44 19.20 9.41
CA ASN B 1047 -22.88 19.60 8.12
C ASN B 1047 -21.78 20.64 8.31
N LYS B 1048 -22.03 21.63 9.16
CA LYS B 1048 -21.01 22.63 9.43
C LYS B 1048 -19.77 22.00 10.07
N LEU B 1049 -19.97 21.06 10.99
CA LEU B 1049 -18.84 20.41 11.65
C LEU B 1049 -18.04 19.55 10.68
N GLN B 1050 -18.73 18.87 9.76
CA GLN B 1050 -18.03 18.10 8.73
C GLN B 1050 -17.22 19.01 7.83
N SER B 1051 -17.77 20.18 7.50
CA SER B 1051 -16.97 21.17 6.77
C SER B 1051 -15.78 21.65 7.59
N LEU B 1052 -15.89 21.64 8.91
CA LEU B 1052 -14.83 22.14 9.78
C LEU B 1052 -13.75 21.10 10.05
N ALA B 1053 -14.12 19.92 10.52
CA ALA B 1053 -13.16 18.89 10.94
C ALA B 1053 -13.50 17.56 10.27
N PRO B 1054 -13.06 17.37 9.02
CA PRO B 1054 -13.39 16.15 8.29
C PRO B 1054 -12.69 14.90 8.81
N GLN B 1055 -11.60 15.04 9.57
CA GLN B 1055 -10.82 13.90 10.01
C GLN B 1055 -11.33 13.29 11.30
N ASP B 1056 -12.20 13.97 12.03
CA ASP B 1056 -12.74 13.43 13.27
C ASP B 1056 -13.91 12.51 12.97
N SER B 1057 -14.08 11.49 13.83
CA SER B 1057 -15.04 10.43 13.60
C SER B 1057 -16.38 10.67 14.27
N SER B 1058 -16.55 11.76 14.99
CA SER B 1058 -17.80 12.05 15.70
C SER B 1058 -18.88 12.61 14.78
N PRO B 1059 -18.59 13.59 13.90
CA PRO B 1059 -19.65 14.05 12.99
C PRO B 1059 -20.23 12.96 12.11
N TRP B 1060 -19.38 12.03 11.65
CA TRP B 1060 -19.89 10.91 10.86
C TRP B 1060 -20.81 10.03 11.68
N LEU B 1061 -20.47 9.82 12.96
CA LEU B 1061 -21.35 9.05 13.84
C LEU B 1061 -22.70 9.75 14.03
N GLY B 1062 -22.67 11.07 14.22
CA GLY B 1062 -23.93 11.80 14.36
C GLY B 1062 -24.78 11.74 13.12
N MET B 1063 -24.16 11.91 11.94
CA MET B 1063 -24.90 11.82 10.69
C MET B 1063 -25.46 10.42 10.49
N ALA B 1064 -24.69 9.39 10.85
CA ALA B 1064 -25.18 8.02 10.74
C ALA B 1064 -26.38 7.78 11.64
N LEU B 1065 -26.33 8.30 12.88
CA LEU B 1065 -27.47 8.17 13.78
C LEU B 1065 -28.69 8.89 13.23
N ILE B 1066 -28.50 10.08 12.66
CA ILE B 1066 -29.61 10.83 12.09
C ILE B 1066 -30.24 10.05 10.94
N LEU B 1067 -29.41 9.51 10.04
CA LEU B 1067 -29.95 8.80 8.89
C LEU B 1067 -30.61 7.48 9.31
N GLU B 1068 -30.09 6.84 10.35
CA GLU B 1068 -30.74 5.64 10.87
C GLU B 1068 -32.11 5.98 11.46
N GLU B 1069 -32.21 7.11 12.15
CA GLU B 1069 -33.50 7.54 12.68
C GLU B 1069 -34.47 7.86 11.54
N GLN B 1070 -33.98 8.49 10.47
CA GLN B 1070 -34.86 8.83 9.35
C GLN B 1070 -35.40 7.59 8.67
N GLY B 1071 -34.53 6.66 8.31
CA GLY B 1071 -34.96 5.43 7.66
C GLY B 1071 -34.02 4.93 6.59
N ASP B 1072 -33.06 5.75 6.18
CA ASP B 1072 -32.07 5.34 5.18
C ASP B 1072 -31.11 4.35 5.81
N ILE B 1073 -30.84 3.25 5.09
CA ILE B 1073 -30.06 2.15 5.62
C ILE B 1073 -28.68 2.05 4.97
N ILE B 1074 -28.59 2.24 3.66
CA ILE B 1074 -27.30 2.13 2.98
C ILE B 1074 -26.37 3.26 3.38
N GLY B 1075 -26.89 4.50 3.37
CA GLY B 1075 -26.09 5.63 3.77
C GLY B 1075 -25.67 5.55 5.22
N SER B 1076 -26.57 5.05 6.09
CA SER B 1076 -26.22 4.87 7.49
C SER B 1076 -25.08 3.87 7.65
N SER B 1077 -25.13 2.77 6.90
CA SER B 1077 -24.05 1.79 6.95
C SER B 1077 -22.73 2.38 6.47
N LYS B 1078 -22.78 3.15 5.38
CA LYS B 1078 -21.55 3.77 4.86
C LYS B 1078 -20.97 4.74 5.87
N LEU B 1079 -21.81 5.53 6.53
CA LEU B 1079 -21.31 6.49 7.51
C LEU B 1079 -20.76 5.78 8.74
N PHE B 1080 -21.40 4.71 9.18
CA PHE B 1080 -20.88 3.94 10.31
C PHE B 1080 -19.51 3.35 9.97
N ALA B 1081 -19.36 2.81 8.77
CA ALA B 1081 -18.07 2.26 8.36
C ALA B 1081 -17.00 3.35 8.29
N HIS B 1082 -17.34 4.52 7.74
CA HIS B 1082 -16.38 5.62 7.68
C HIS B 1082 -15.97 6.06 9.07
N SER B 1083 -16.93 6.16 9.99
CA SER B 1083 -16.62 6.53 11.37
C SER B 1083 -15.71 5.50 12.02
N PHE B 1084 -15.98 4.21 11.82
CA PHE B 1084 -15.14 3.17 12.39
C PHE B 1084 -13.72 3.24 11.84
N ILE B 1085 -13.58 3.49 10.54
CA ILE B 1085 -12.25 3.57 9.93
C ILE B 1085 -11.51 4.79 10.46
N LEU B 1086 -12.18 5.93 10.57
CA LEU B 1086 -11.52 7.14 11.03
C LEU B 1086 -11.16 7.08 12.51
N SER B 1087 -11.93 6.33 13.31
CA SER B 1087 -11.69 6.28 14.75
C SER B 1087 -10.34 5.66 15.08
N ASN B 1088 -9.96 4.62 14.33
CA ASN B 1088 -8.71 3.89 14.58
C ASN B 1088 -8.65 3.34 16.00
N GLY B 1089 -9.77 2.83 16.49
CA GLY B 1089 -9.83 2.17 17.78
C GLY B 1089 -9.93 3.09 18.98
N ARG B 1090 -10.01 4.40 18.78
CA ARG B 1090 -10.05 5.35 19.88
C ARG B 1090 -11.45 5.66 20.37
N SER B 1091 -12.48 5.07 19.77
CA SER B 1091 -13.87 5.32 20.14
C SER B 1091 -14.57 4.01 20.44
N LYS B 1092 -15.16 3.92 21.63
CA LYS B 1092 -16.00 2.77 21.98
C LYS B 1092 -17.30 2.79 21.17
N ALA B 1093 -17.93 3.95 21.05
CA ALA B 1093 -19.21 4.05 20.37
C ALA B 1093 -19.08 3.66 18.90
N ALA B 1094 -17.99 4.07 18.25
CA ALA B 1094 -17.80 3.69 16.86
C ALA B 1094 -17.73 2.18 16.70
N GLN B 1095 -16.99 1.51 17.58
CA GLN B 1095 -16.88 0.06 17.54
C GLN B 1095 -18.24 -0.59 17.77
N PHE B 1096 -18.98 -0.11 18.77
CA PHE B 1096 -20.26 -0.72 19.10
C PHE B 1096 -21.27 -0.56 17.96
N MET B 1097 -21.38 0.64 17.41
CA MET B 1097 -22.32 0.86 16.32
C MET B 1097 -21.90 0.12 15.06
N TYR B 1098 -20.60 0.04 14.77
CA TYR B 1098 -20.17 -0.74 13.61
C TYR B 1098 -20.53 -2.20 13.77
N ALA B 1099 -20.28 -2.77 14.95
CA ALA B 1099 -20.61 -4.18 15.18
C ALA B 1099 -22.12 -4.41 15.07
N LYS B 1100 -22.92 -3.51 15.67
CA LYS B 1100 -24.37 -3.67 15.61
C LYS B 1100 -24.88 -3.57 14.18
N ASN B 1101 -24.35 -2.61 13.41
CA ASN B 1101 -24.78 -2.44 12.02
C ASN B 1101 -24.40 -3.65 11.18
N VAL B 1102 -23.18 -4.17 11.37
CA VAL B 1102 -22.75 -5.34 10.62
C VAL B 1102 -23.63 -6.55 10.96
N LEU B 1103 -23.95 -6.73 12.23
CA LEU B 1103 -24.82 -7.83 12.64
C LEU B 1103 -26.22 -7.67 12.06
N GLU B 1104 -26.76 -6.44 12.07
CA GLU B 1104 -28.10 -6.21 11.55
C GLU B 1104 -28.16 -6.47 10.05
N ASN B 1105 -27.14 -6.05 9.31
CA ASN B 1105 -27.13 -6.19 7.86
C ASN B 1105 -26.87 -7.62 7.40
N HIS B 1106 -26.45 -8.52 8.28
CA HIS B 1106 -26.06 -9.87 7.88
C HIS B 1106 -26.61 -10.91 8.85
N ILE B 1107 -27.87 -10.74 9.26
CA ILE B 1107 -28.51 -11.69 10.16
C ILE B 1107 -29.52 -12.57 9.44
N ASN B 1108 -30.21 -12.04 8.44
CA ASN B 1108 -31.16 -12.82 7.64
C ASN B 1108 -31.03 -12.44 6.17
N ASN B 1109 -29.79 -12.26 5.71
CA ASN B 1109 -29.53 -11.80 4.35
C ASN B 1109 -29.43 -12.93 3.34
N GLY B 1110 -29.50 -14.18 3.79
CA GLY B 1110 -29.42 -15.32 2.88
C GLY B 1110 -28.09 -15.44 2.15
N ASP B 1111 -26.98 -15.22 2.85
CA ASP B 1111 -25.66 -15.32 2.27
C ASP B 1111 -24.95 -16.58 2.75
N ASP B 1112 -24.01 -17.06 1.95
CA ASP B 1112 -23.28 -18.28 2.23
C ASP B 1112 -21.97 -17.97 2.94
N GLU B 1113 -21.32 -19.03 3.41
CA GLU B 1113 -20.06 -18.90 4.14
C GLU B 1113 -18.85 -18.80 3.22
N ARG B 1114 -19.04 -18.86 1.90
CA ARG B 1114 -17.96 -18.76 0.95
C ARG B 1114 -17.71 -17.34 0.48
N ASP B 1115 -18.46 -16.36 0.98
CA ASP B 1115 -18.28 -14.96 0.61
C ASP B 1115 -17.17 -14.35 1.46
N ILE B 1116 -16.08 -13.93 0.82
CA ILE B 1116 -14.94 -13.40 1.55
C ILE B 1116 -15.31 -12.09 2.25
N GLU B 1117 -16.09 -11.24 1.58
CA GLU B 1117 -16.41 -9.94 2.15
C GLU B 1117 -17.23 -10.06 3.44
N THR B 1118 -18.22 -10.96 3.44
CA THR B 1118 -19.05 -11.12 4.63
C THR B 1118 -18.25 -11.69 5.80
N VAL B 1119 -17.41 -12.69 5.53
CA VAL B 1119 -16.59 -13.28 6.59
C VAL B 1119 -15.60 -12.25 7.14
N GLU B 1120 -15.04 -11.42 6.26
CA GLU B 1120 -14.11 -10.40 6.70
C GLU B 1120 -14.82 -9.32 7.53
N LYS B 1121 -16.05 -8.97 7.15
CA LYS B 1121 -16.82 -8.04 7.96
C LYS B 1121 -17.12 -8.62 9.33
N LEU B 1122 -17.48 -9.90 9.39
CA LEU B 1122 -17.72 -10.54 10.68
C LEU B 1122 -16.46 -10.58 11.52
N THR B 1123 -15.31 -10.85 10.90
CA THR B 1123 -14.04 -10.85 11.63
C THR B 1123 -13.72 -9.47 12.17
N THR B 1124 -13.94 -8.42 11.36
CA THR B 1124 -13.68 -7.07 11.82
C THR B 1124 -14.61 -6.70 12.98
N ALA B 1125 -15.88 -7.10 12.90
CA ALA B 1125 -16.81 -6.85 13.99
C ALA B 1125 -16.39 -7.58 15.26
N SER B 1126 -15.94 -8.82 15.12
CA SER B 1126 -15.47 -9.57 16.29
C SER B 1126 -14.25 -8.92 16.93
N ILE B 1127 -13.31 -8.44 16.11
CA ILE B 1127 -12.13 -7.76 16.65
C ILE B 1127 -12.54 -6.46 17.35
N ALA B 1128 -13.48 -5.73 16.74
CA ALA B 1128 -13.95 -4.49 17.35
C ALA B 1128 -14.62 -4.75 18.69
N LEU B 1129 -15.40 -5.82 18.79
CA LEU B 1129 -16.04 -6.16 20.05
C LEU B 1129 -15.02 -6.62 21.09
N GLU B 1130 -13.99 -7.35 20.65
CA GLU B 1130 -12.92 -7.72 21.57
C GLU B 1130 -12.22 -6.50 22.14
N GLN B 1131 -11.97 -5.49 21.29
CA GLN B 1131 -11.40 -4.24 21.77
C GLN B 1131 -12.38 -3.49 22.69
N PHE B 1132 -13.67 -3.57 22.39
CA PHE B 1132 -14.68 -2.89 23.20
C PHE B 1132 -14.76 -3.48 24.60
N PHE B 1133 -14.66 -4.80 24.71
CA PHE B 1133 -14.81 -5.45 26.02
C PHE B 1133 -13.66 -5.13 26.97
N LYS B 1134 -12.54 -4.61 26.47
CA LYS B 1134 -11.43 -4.28 27.33
C LYS B 1134 -11.69 -3.00 28.13
N LYS B 1135 -12.58 -2.13 27.66
CA LYS B 1135 -12.89 -0.88 28.33
C LYS B 1135 -14.21 -0.93 29.09
N SER B 1136 -15.26 -1.47 28.47
CA SER B 1136 -16.59 -1.54 29.08
C SER B 1136 -17.12 -2.96 28.97
N PRO B 1137 -16.71 -3.83 29.88
CA PRO B 1137 -17.26 -5.19 29.91
C PRO B 1137 -18.61 -5.19 30.64
N ASP B 1138 -19.19 -6.39 30.75
CA ASP B 1138 -20.46 -6.59 31.47
C ASP B 1138 -21.60 -5.79 30.86
N SER B 1139 -21.56 -5.59 29.54
CA SER B 1139 -22.64 -4.93 28.82
C SER B 1139 -23.47 -6.00 28.11
N GLN B 1140 -24.76 -6.05 28.43
CA GLN B 1140 -25.60 -7.15 27.98
C GLN B 1140 -25.77 -7.17 26.46
N PHE B 1141 -26.10 -6.01 25.88
CA PHE B 1141 -26.34 -5.95 24.45
C PHE B 1141 -25.09 -6.30 23.64
N ALA B 1142 -23.94 -5.73 24.05
CA ALA B 1142 -22.69 -6.04 23.37
C ALA B 1142 -22.31 -7.50 23.56
N LEU B 1143 -22.55 -8.04 24.75
CA LEU B 1143 -22.26 -9.46 24.99
C LEU B 1143 -23.09 -10.35 24.08
N GLN B 1144 -24.39 -10.05 23.93
CA GLN B 1144 -25.23 -10.87 23.06
C GLN B 1144 -24.81 -10.75 21.59
N CYS B 1145 -24.48 -9.53 21.14
CA CYS B 1145 -24.02 -9.35 19.78
C CYS B 1145 -22.73 -10.13 19.53
N ALA B 1146 -21.80 -10.09 20.48
CA ALA B 1146 -20.55 -10.83 20.35
C ALA B 1146 -20.80 -12.33 20.35
N LEU B 1147 -21.76 -12.79 21.16
CA LEU B 1147 -22.09 -14.21 21.16
C LEU B 1147 -22.61 -14.67 19.81
N LEU B 1148 -23.51 -13.87 19.21
CA LEU B 1148 -24.00 -14.21 17.87
C LEU B 1148 -22.87 -14.21 16.85
N THR B 1149 -22.00 -13.19 16.90
CA THR B 1149 -20.91 -13.10 15.94
C THR B 1149 -19.95 -14.28 16.06
N LEU B 1150 -19.61 -14.66 17.31
CA LEU B 1150 -18.71 -15.80 17.51
C LEU B 1150 -19.36 -17.11 17.11
N GLU B 1151 -20.68 -17.23 17.30
CA GLU B 1151 -21.37 -18.42 16.79
C GLU B 1151 -21.27 -18.49 15.28
N ARG B 1152 -21.40 -17.35 14.59
CA ARG B 1152 -21.25 -17.35 13.14
C ARG B 1152 -19.81 -17.61 12.70
N LEU B 1153 -18.83 -17.26 13.54
CA LEU B 1153 -17.42 -17.40 13.18
C LEU B 1153 -16.80 -18.71 13.64
N HIS B 1154 -17.58 -19.61 14.23
CA HIS B 1154 -17.10 -20.91 14.72
C HIS B 1154 -16.08 -20.78 15.84
N HIS B 1155 -16.10 -19.67 16.58
CA HIS B 1155 -15.19 -19.46 17.71
C HIS B 1155 -15.89 -19.87 19.01
N TYR B 1156 -16.07 -21.18 19.15
CA TYR B 1156 -16.86 -21.72 20.25
C TYR B 1156 -16.14 -21.64 21.59
N GLU B 1157 -14.84 -21.33 21.61
CA GLU B 1157 -14.12 -21.26 22.88
C GLU B 1157 -14.33 -19.92 23.57
N ASN B 1158 -14.32 -18.82 22.81
CA ASN B 1158 -14.57 -17.51 23.39
C ASN B 1158 -16.03 -17.34 23.78
N ALA B 1159 -16.93 -17.93 22.99
CA ALA B 1159 -18.36 -17.83 23.27
C ALA B 1159 -18.72 -18.48 24.60
N ASN B 1160 -17.99 -19.53 24.99
CA ASN B 1160 -18.26 -20.16 26.28
C ASN B 1160 -18.01 -19.20 27.44
N GLU B 1161 -16.85 -18.54 27.42
CA GLU B 1161 -16.54 -17.57 28.48
C GLU B 1161 -17.50 -16.40 28.45
N LEU B 1162 -17.82 -15.90 27.25
CA LEU B 1162 -18.73 -14.76 27.16
C LEU B 1162 -20.11 -15.11 27.69
N ALA B 1163 -20.61 -16.32 27.36
CA ALA B 1163 -21.91 -16.74 27.85
C ALA B 1163 -21.89 -16.98 29.35
N ASN B 1164 -20.78 -17.49 29.90
CA ASN B 1164 -20.67 -17.62 31.35
C ASN B 1164 -20.77 -16.26 32.02
N ARG B 1165 -20.05 -15.27 31.49
CA ARG B 1165 -20.12 -13.93 32.06
C ARG B 1165 -21.52 -13.34 31.95
N LEU B 1166 -22.18 -13.54 30.80
CA LEU B 1166 -23.53 -13.03 30.62
C LEU B 1166 -24.51 -13.68 31.58
N ILE B 1167 -24.41 -15.00 31.76
CA ILE B 1167 -25.28 -15.70 32.70
C ILE B 1167 -25.05 -15.20 34.11
N GLY B 1168 -23.80 -15.00 34.50
CA GLY B 1168 -23.52 -14.46 35.82
C GLY B 1168 -24.11 -13.07 36.02
N ILE B 1169 -23.98 -12.21 35.01
CA ILE B 1169 -24.52 -10.85 35.11
C ILE B 1169 -26.05 -10.89 35.23
N LEU B 1170 -26.70 -11.73 34.43
CA LEU B 1170 -28.16 -11.84 34.51
C LEU B 1170 -28.60 -12.37 35.86
N GLU B 1171 -27.90 -13.38 36.39
CA GLU B 1171 -28.25 -13.93 37.69
C GLU B 1171 -28.08 -12.89 38.79
N LYS B 1172 -27.00 -12.10 38.73
CA LYS B 1172 -26.80 -11.06 39.72
C LYS B 1172 -27.88 -9.97 39.61
N LYS B 1173 -28.26 -9.62 38.39
CA LYS B 1173 -29.27 -8.57 38.20
C LYS B 1173 -30.64 -9.03 38.70
N PHE B 1174 -31.00 -10.28 38.45
CA PHE B 1174 -32.33 -10.75 38.82
C PHE B 1174 -32.41 -11.23 40.27
N GLU B 1175 -31.29 -11.35 40.97
CA GLU B 1175 -31.27 -11.78 42.36
C GLU B 1175 -31.35 -10.62 43.33
N LYS B 1176 -31.47 -9.38 42.85
CA LYS B 1176 -31.57 -8.21 43.70
C LYS B 1176 -32.96 -7.59 43.67
N THR B 1177 -33.46 -7.25 42.48
CA THR B 1177 -34.80 -6.69 42.37
C THR B 1177 -35.89 -7.72 42.63
N GLN B 1178 -35.55 -9.01 42.58
CA GLN B 1178 -36.50 -10.11 42.82
C GLN B 1178 -37.70 -10.02 41.87
N ASP B 1179 -37.43 -9.68 40.61
CA ASP B 1179 -38.46 -9.58 39.60
C ASP B 1179 -38.64 -10.93 38.91
N GLU B 1180 -39.62 -11.00 38.01
CA GLU B 1180 -39.89 -12.22 37.25
C GLU B 1180 -39.93 -12.00 35.74
N ARG B 1181 -39.84 -10.76 35.26
CA ARG B 1181 -39.83 -10.51 33.83
C ARG B 1181 -38.51 -10.89 33.16
N GLU B 1182 -37.48 -11.19 33.95
CA GLU B 1182 -36.18 -11.59 33.39
C GLU B 1182 -36.14 -13.04 32.97
N LEU B 1183 -37.16 -13.83 33.29
CA LEU B 1183 -37.19 -15.24 32.91
C LEU B 1183 -37.31 -15.42 31.39
N PHE B 1184 -37.80 -14.41 30.67
CA PHE B 1184 -37.92 -14.53 29.22
C PHE B 1184 -36.55 -14.53 28.56
N ASN B 1185 -35.68 -13.59 28.94
CA ASN B 1185 -34.34 -13.55 28.36
C ASN B 1185 -33.47 -14.68 28.89
N PHE B 1186 -33.78 -15.19 30.09
CA PHE B 1186 -33.02 -16.29 30.66
C PHE B 1186 -33.12 -17.53 29.78
N ALA B 1187 -34.32 -17.83 29.27
CA ALA B 1187 -34.50 -18.99 28.40
C ALA B 1187 -33.72 -18.84 27.10
N ILE B 1188 -33.73 -17.63 26.52
CA ILE B 1188 -33.01 -17.42 25.27
C ILE B 1188 -31.50 -17.55 25.49
N ILE B 1189 -31.00 -17.00 26.60
CA ILE B 1189 -29.57 -17.13 26.91
C ILE B 1189 -29.21 -18.59 27.13
N LYS B 1190 -30.07 -19.34 27.81
CA LYS B 1190 -29.82 -20.76 28.03
C LYS B 1190 -29.81 -21.53 26.72
N GLY B 1191 -30.72 -21.19 25.79
CA GLY B 1191 -30.71 -21.84 24.49
C GLY B 1191 -29.45 -21.55 23.70
N GLN B 1192 -29.00 -20.30 23.71
CA GLN B 1192 -27.75 -19.95 23.05
C GLN B 1192 -26.57 -20.69 23.68
N PHE B 1193 -26.58 -20.79 25.01
CA PHE B 1193 -25.49 -21.45 25.73
C PHE B 1193 -25.48 -22.95 25.42
N ALA B 1194 -26.66 -23.55 25.26
CA ALA B 1194 -26.76 -24.94 24.82
C ALA B 1194 -26.23 -25.11 23.41
N ARG B 1195 -26.54 -24.17 22.52
CA ARG B 1195 -25.99 -24.22 21.16
C ARG B 1195 -24.46 -24.15 21.19
N ILE B 1196 -23.91 -23.29 22.07
CA ILE B 1196 -22.46 -23.18 22.19
C ILE B 1196 -21.86 -24.49 22.67
N HIS B 1197 -22.48 -25.14 23.66
CA HIS B 1197 -21.98 -26.45 24.09
C HIS B 1197 -22.09 -27.49 22.99
N LEU B 1198 -23.18 -27.47 22.22
CA LEU B 1198 -23.30 -28.40 21.10
C LEU B 1198 -22.16 -28.21 20.11
N GLY B 1199 -21.83 -26.96 19.80
CA GLY B 1199 -20.70 -26.69 18.93
C GLY B 1199 -19.38 -27.16 19.52
N LEU B 1200 -19.18 -26.94 20.82
CA LEU B 1200 -17.94 -27.34 21.47
C LEU B 1200 -17.84 -28.85 21.59
N GLY B 1201 -18.96 -29.54 21.75
CA GLY B 1201 -18.97 -30.97 21.93
C GLY B 1201 -19.38 -31.45 23.31
N ASN B 1202 -19.90 -30.58 24.18
CA ASN B 1202 -20.34 -30.96 25.51
C ASN B 1202 -21.82 -31.31 25.44
N PHE B 1203 -22.11 -32.58 25.14
CA PHE B 1203 -23.49 -32.98 24.87
C PHE B 1203 -24.33 -32.98 26.13
N GLU B 1204 -23.76 -33.35 27.28
CA GLU B 1204 -24.52 -33.41 28.51
C GLU B 1204 -24.98 -32.02 28.95
N LEU B 1205 -24.05 -31.05 28.95
CA LEU B 1205 -24.41 -29.69 29.32
C LEU B 1205 -25.36 -29.07 28.32
N SER B 1206 -25.17 -29.39 27.03
CA SER B 1206 -26.10 -28.92 26.00
C SER B 1206 -27.50 -29.43 26.26
N ILE B 1207 -27.63 -30.73 26.60
CA ILE B 1207 -28.95 -31.30 26.88
C ILE B 1207 -29.55 -30.66 28.12
N GLU B 1208 -28.73 -30.44 29.16
CA GLU B 1208 -29.25 -29.82 30.38
C GLU B 1208 -29.78 -28.42 30.11
N ASN B 1209 -29.01 -27.60 29.39
CA ASN B 1209 -29.44 -26.24 29.10
C ASN B 1209 -30.65 -26.21 28.19
N ALA B 1210 -30.70 -27.11 27.19
CA ALA B 1210 -31.87 -27.17 26.32
C ALA B 1210 -33.12 -27.56 27.11
N ASP B 1211 -33.00 -28.52 28.02
CA ASP B 1211 -34.13 -28.90 28.86
C ASP B 1211 -34.57 -27.74 29.74
N LEU B 1212 -33.62 -27.02 30.33
CA LEU B 1212 -33.97 -25.89 31.18
C LEU B 1212 -34.69 -24.81 30.39
N SER B 1213 -34.19 -24.49 29.19
CA SER B 1213 -34.82 -23.49 28.35
C SER B 1213 -36.22 -23.91 27.91
N GLN B 1214 -36.39 -25.19 27.54
CA GLN B 1214 -37.70 -25.68 27.15
C GLN B 1214 -38.69 -25.62 28.31
N GLY B 1215 -38.23 -25.98 29.52
CA GLY B 1215 -39.12 -25.92 30.67
C GLY B 1215 -39.50 -24.51 31.06
N ILE B 1216 -38.54 -23.56 30.96
CA ILE B 1216 -38.80 -22.21 31.42
C ILE B 1216 -39.87 -21.53 30.58
N ILE B 1217 -39.95 -21.86 29.28
CA ILE B 1217 -40.93 -21.24 28.40
C ILE B 1217 -41.55 -22.30 27.50
N SER B 1218 -42.76 -22.73 27.83
CA SER B 1218 -43.48 -23.71 27.02
C SER B 1218 -44.88 -23.25 26.62
N GLU B 1219 -45.57 -22.53 27.50
CA GLU B 1219 -46.92 -22.04 27.22
C GLU B 1219 -46.93 -20.69 26.52
N SER B 1220 -45.78 -20.07 26.33
CA SER B 1220 -45.72 -18.76 25.69
C SER B 1220 -45.99 -18.89 24.19
N SER B 1221 -46.63 -17.85 23.65
CA SER B 1221 -46.94 -17.80 22.21
C SER B 1221 -46.59 -16.39 21.73
N ASP B 1222 -45.41 -16.26 21.10
CA ASP B 1222 -44.94 -14.98 20.62
C ASP B 1222 -43.95 -15.23 19.49
N GLU B 1223 -43.34 -14.13 19.00
CA GLU B 1223 -42.37 -14.25 17.92
C GLU B 1223 -41.02 -14.77 18.40
N LYS B 1224 -40.62 -14.42 19.62
CA LYS B 1224 -39.30 -14.80 20.14
C LYS B 1224 -39.29 -16.17 20.81
N SER B 1225 -40.44 -16.86 20.87
CA SER B 1225 -40.49 -18.18 21.49
C SER B 1225 -40.31 -19.30 20.49
N MET B 1226 -40.81 -19.13 19.26
CA MET B 1226 -40.70 -20.20 18.26
C MET B 1226 -39.26 -20.47 17.89
N LYS B 1227 -38.45 -19.42 17.74
CA LYS B 1227 -37.04 -19.61 17.42
C LYS B 1227 -36.33 -20.40 18.51
N THR B 1228 -36.58 -20.04 19.77
CA THR B 1228 -35.95 -20.75 20.88
C THR B 1228 -36.43 -22.19 20.96
N LYS B 1229 -37.71 -22.43 20.69
CA LYS B 1229 -38.23 -23.80 20.71
C LYS B 1229 -37.55 -24.64 19.63
N ILE B 1230 -37.43 -24.10 18.42
CA ILE B 1230 -36.79 -24.84 17.33
C ILE B 1230 -35.33 -25.10 17.65
N SER B 1231 -34.63 -24.08 18.18
CA SER B 1231 -33.23 -24.25 18.53
C SER B 1231 -33.04 -25.32 19.60
N ASN B 1232 -33.91 -25.30 20.62
CA ASN B 1232 -33.82 -26.30 21.68
C ASN B 1232 -34.09 -27.70 21.15
N HIS B 1233 -35.07 -27.84 20.25
CA HIS B 1233 -35.35 -29.15 19.67
C HIS B 1233 -34.15 -29.66 18.87
N ILE B 1234 -33.54 -28.79 18.06
CA ILE B 1234 -32.38 -29.19 17.28
C ILE B 1234 -31.25 -29.62 18.21
N CYS B 1235 -30.98 -28.83 19.25
CA CYS B 1235 -29.89 -29.15 20.16
C CYS B 1235 -30.15 -30.47 20.88
N LEU B 1236 -31.37 -30.68 21.38
CA LEU B 1236 -31.69 -31.91 22.07
C LEU B 1236 -31.51 -33.12 21.17
N GLY B 1237 -32.11 -33.06 19.97
CA GLY B 1237 -32.02 -34.19 19.06
C GLY B 1237 -30.58 -34.52 18.68
N LEU B 1238 -29.83 -33.48 18.27
CA LEU B 1238 -28.46 -33.72 17.83
C LEU B 1238 -27.58 -34.22 18.98
N SER B 1239 -27.74 -33.65 20.18
CA SER B 1239 -26.92 -34.05 21.31
C SER B 1239 -27.22 -35.49 21.72
N TYR B 1240 -28.51 -35.88 21.73
CA TYR B 1240 -28.82 -37.27 22.01
C TYR B 1240 -28.25 -38.20 20.95
N PHE B 1241 -28.43 -37.85 19.67
CA PHE B 1241 -27.98 -38.73 18.59
C PHE B 1241 -26.47 -38.92 18.61
N PHE B 1242 -25.71 -37.84 18.83
CA PHE B 1242 -24.27 -37.93 18.67
C PHE B 1242 -23.62 -38.82 19.72
N LEU B 1243 -24.04 -38.72 20.97
CA LEU B 1243 -23.37 -39.50 22.01
C LEU B 1243 -24.31 -40.37 22.82
N ASN B 1244 -25.51 -39.87 23.16
CA ASN B 1244 -26.36 -40.60 24.09
C ASN B 1244 -26.85 -41.93 23.52
N ASP B 1245 -26.87 -42.07 22.20
CA ASP B 1245 -27.32 -43.28 21.49
C ASP B 1245 -28.76 -43.62 21.80
N PHE B 1246 -29.51 -42.75 22.48
CA PHE B 1246 -30.92 -42.96 22.75
C PHE B 1246 -31.73 -42.50 21.54
N ASP B 1247 -31.66 -43.32 20.49
CA ASP B 1247 -32.26 -42.97 19.21
C ASP B 1247 -33.77 -42.77 19.30
N GLN B 1248 -34.43 -43.35 20.30
CA GLN B 1248 -35.86 -43.13 20.47
C GLN B 1248 -36.16 -41.69 20.89
N THR B 1249 -35.39 -41.15 21.83
CA THR B 1249 -35.58 -39.76 22.23
C THR B 1249 -35.26 -38.81 21.09
N LEU B 1250 -34.19 -39.08 20.35
CA LEU B 1250 -33.85 -38.26 19.20
C LEU B 1250 -34.94 -38.31 18.15
N ASN B 1251 -35.49 -39.50 17.90
CA ASN B 1251 -36.59 -39.64 16.94
C ASN B 1251 -37.80 -38.84 17.39
N GLN B 1252 -38.14 -38.90 18.68
CA GLN B 1252 -39.29 -38.16 19.18
C GLN B 1252 -39.08 -36.65 19.02
N PHE B 1253 -37.89 -36.16 19.37
CA PHE B 1253 -37.64 -34.72 19.26
C PHE B 1253 -37.62 -34.25 17.82
N GLN B 1254 -37.02 -35.03 16.91
CA GLN B 1254 -37.02 -34.62 15.52
C GLN B 1254 -38.41 -34.73 14.89
N GLU B 1255 -39.23 -35.69 15.35
CA GLU B 1255 -40.62 -35.74 14.91
C GLU B 1255 -41.39 -34.51 15.36
N LEU B 1256 -41.18 -34.10 16.61
CA LEU B 1256 -41.82 -32.87 17.09
C LEU B 1256 -41.36 -31.66 16.30
N LEU B 1257 -40.07 -31.60 15.98
CA LEU B 1257 -39.54 -30.49 15.19
C LEU B 1257 -40.16 -30.48 13.79
N SER B 1258 -40.26 -31.65 13.15
CA SER B 1258 -40.88 -31.73 11.83
C SER B 1258 -42.35 -31.33 11.88
N ILE B 1259 -43.03 -31.67 12.98
CA ILE B 1259 -44.41 -31.23 13.14
C ILE B 1259 -44.49 -29.72 13.29
N SER B 1260 -43.50 -29.12 13.94
CA SER B 1260 -43.53 -27.69 14.23
C SER B 1260 -43.03 -26.81 13.09
N LYS B 1261 -42.28 -27.36 12.13
CA LYS B 1261 -41.72 -26.54 11.08
C LYS B 1261 -41.41 -27.40 9.86
N ASP B 1262 -41.22 -26.72 8.72
CA ASP B 1262 -40.90 -27.41 7.47
C ASP B 1262 -40.12 -26.45 6.58
N SER B 1263 -38.80 -26.63 6.55
CA SER B 1263 -37.93 -25.85 5.68
C SER B 1263 -36.91 -26.78 5.04
N LYS B 1264 -36.38 -26.37 3.89
CA LYS B 1264 -35.51 -27.24 3.10
C LYS B 1264 -34.30 -27.72 3.92
N HIS B 1265 -33.56 -26.77 4.51
CA HIS B 1265 -32.37 -27.16 5.26
C HIS B 1265 -32.72 -27.98 6.48
N LEU B 1266 -33.81 -27.61 7.17
CA LEU B 1266 -34.21 -28.35 8.36
C LEU B 1266 -34.61 -29.78 8.01
N VAL B 1267 -35.42 -29.97 6.97
CA VAL B 1267 -35.85 -31.30 6.60
C VAL B 1267 -34.68 -32.13 6.07
N VAL B 1268 -33.74 -31.49 5.36
CA VAL B 1268 -32.57 -32.21 4.89
C VAL B 1268 -31.73 -32.69 6.06
N LEU B 1269 -31.51 -31.82 7.06
CA LEU B 1269 -30.74 -32.22 8.23
C LEU B 1269 -31.43 -33.35 8.99
N ILE B 1270 -32.76 -33.25 9.15
CA ILE B 1270 -33.50 -34.30 9.84
C ILE B 1270 -33.41 -35.62 9.08
N ALA B 1271 -33.51 -35.56 7.75
CA ALA B 1271 -33.41 -36.76 6.94
C ALA B 1271 -32.03 -37.39 7.05
N LYS B 1272 -30.96 -36.58 7.01
CA LYS B 1272 -29.63 -37.13 7.17
C LYS B 1272 -29.42 -37.76 8.53
N VAL B 1273 -29.94 -37.12 9.60
CA VAL B 1273 -29.82 -37.72 10.92
C VAL B 1273 -30.56 -39.04 11.01
N LEU B 1274 -31.79 -39.08 10.48
CA LEU B 1274 -32.57 -40.31 10.53
C LEU B 1274 -31.92 -41.42 9.71
N TYR B 1275 -31.35 -41.07 8.56
CA TYR B 1275 -30.62 -42.06 7.76
C TYR B 1275 -29.39 -42.55 8.52
N ASP B 1276 -28.70 -41.66 9.23
CA ASP B 1276 -27.53 -42.06 10.00
C ASP B 1276 -27.89 -42.93 11.18
N VAL B 1277 -29.14 -42.84 11.67
CA VAL B 1277 -29.58 -43.72 12.74
C VAL B 1277 -29.49 -45.18 12.31
N GLY B 1278 -29.96 -45.48 11.11
CA GLY B 1278 -29.84 -46.81 10.54
C GLY B 1278 -31.10 -47.65 10.58
N GLU B 1279 -32.12 -47.23 11.33
CA GLU B 1279 -33.34 -47.99 11.41
C GLU B 1279 -34.09 -47.94 10.07
N SER B 1280 -34.74 -49.07 9.73
CA SER B 1280 -35.51 -49.12 8.50
C SER B 1280 -36.67 -48.12 8.55
N ASP B 1281 -37.35 -48.04 9.69
CA ASP B 1281 -38.43 -47.06 9.84
C ASP B 1281 -37.88 -45.64 9.74
N THR B 1282 -36.70 -45.39 10.30
CA THR B 1282 -36.09 -44.07 10.21
C THR B 1282 -35.78 -43.70 8.76
N LYS B 1283 -35.20 -44.63 8.01
CA LYS B 1283 -34.90 -44.36 6.60
C LYS B 1283 -36.17 -44.14 5.79
N GLU B 1284 -37.20 -44.94 6.05
CA GLU B 1284 -38.47 -44.76 5.35
C GLU B 1284 -39.08 -43.40 5.66
N ILE B 1285 -39.03 -42.98 6.93
CA ILE B 1285 -39.58 -41.68 7.30
C ILE B 1285 -38.79 -40.56 6.65
N ALA B 1286 -37.46 -40.68 6.61
CA ALA B 1286 -36.62 -39.67 5.99
C ALA B 1286 -36.95 -39.51 4.51
N LEU B 1287 -37.00 -40.63 3.79
CA LEU B 1287 -37.32 -40.57 2.36
C LEU B 1287 -38.73 -40.02 2.14
N GLN B 1288 -39.69 -40.45 2.96
CA GLN B 1288 -41.07 -39.99 2.80
C GLN B 1288 -41.17 -38.49 3.02
N GLU B 1289 -40.52 -37.96 4.05
CA GLU B 1289 -40.65 -36.53 4.32
C GLU B 1289 -39.86 -35.70 3.32
N LEU B 1290 -38.74 -36.22 2.81
CA LEU B 1290 -38.05 -35.53 1.74
C LEU B 1290 -38.92 -35.44 0.48
N THR B 1291 -39.57 -36.55 0.12
CA THR B 1291 -40.45 -36.53 -1.05
C THR B 1291 -41.65 -35.61 -0.81
N GLU B 1292 -42.18 -35.59 0.42
CA GLU B 1292 -43.29 -34.69 0.73
C GLU B 1292 -42.87 -33.23 0.58
N TYR B 1293 -41.68 -32.87 1.07
CA TYR B 1293 -41.22 -31.50 0.87
C TYR B 1293 -41.01 -31.19 -0.61
N ILE B 1294 -40.48 -32.15 -1.37
CA ILE B 1294 -40.28 -31.93 -2.80
C ILE B 1294 -41.61 -31.67 -3.49
N ALA B 1295 -42.64 -32.43 -3.12
CA ALA B 1295 -43.97 -32.21 -3.67
C ALA B 1295 -44.53 -30.85 -3.26
N THR B 1296 -44.33 -30.47 -1.99
CA THR B 1296 -44.97 -29.26 -1.48
C THR B 1296 -44.32 -27.99 -2.03
N SER B 1297 -42.99 -27.93 -2.06
CA SER B 1297 -42.29 -26.71 -2.41
C SER B 1297 -41.66 -26.72 -3.79
N GLY B 1298 -41.60 -27.87 -4.46
CA GLY B 1298 -41.03 -27.95 -5.78
C GLY B 1298 -39.70 -28.68 -5.80
N ALA B 1299 -38.89 -28.36 -6.81
CA ALA B 1299 -37.62 -29.03 -7.04
C ALA B 1299 -36.48 -28.11 -6.64
N ASP B 1300 -35.51 -28.66 -5.91
CA ASP B 1300 -34.30 -27.94 -5.56
C ASP B 1300 -33.11 -28.86 -5.69
N LEU B 1301 -31.95 -28.28 -5.98
CA LEU B 1301 -30.76 -29.07 -6.27
C LEU B 1301 -30.28 -29.83 -5.04
N LEU B 1302 -30.32 -29.20 -3.86
CA LEU B 1302 -29.78 -29.83 -2.66
C LEU B 1302 -30.57 -31.08 -2.29
N VAL B 1303 -31.90 -30.98 -2.29
CA VAL B 1303 -32.74 -32.13 -1.95
C VAL B 1303 -32.54 -33.26 -2.95
N THR B 1304 -32.46 -32.92 -4.24
CA THR B 1304 -32.23 -33.93 -5.26
C THR B 1304 -30.89 -34.62 -5.08
N LEU B 1305 -29.84 -33.85 -4.77
CA LEU B 1305 -28.53 -34.45 -4.54
C LEU B 1305 -28.54 -35.37 -3.33
N THR B 1306 -29.21 -34.95 -2.24
CA THR B 1306 -29.29 -35.80 -1.06
C THR B 1306 -30.05 -37.09 -1.35
N ILE B 1307 -31.15 -36.99 -2.10
CA ILE B 1307 -31.91 -38.19 -2.46
C ILE B 1307 -31.07 -39.12 -3.33
N ALA B 1308 -30.32 -38.55 -4.27
CA ALA B 1308 -29.45 -39.36 -5.12
C ALA B 1308 -28.38 -40.07 -4.31
N ALA B 1309 -27.79 -39.37 -3.34
CA ALA B 1309 -26.79 -39.99 -2.48
C ALA B 1309 -27.39 -41.11 -1.66
N MET B 1310 -28.60 -40.88 -1.10
CA MET B 1310 -29.26 -41.93 -0.34
C MET B 1310 -29.54 -43.15 -1.20
N SER B 1311 -30.02 -42.93 -2.43
CA SER B 1311 -30.30 -44.05 -3.33
C SER B 1311 -29.03 -44.79 -3.71
N ILE B 1312 -27.95 -44.07 -3.96
CA ILE B 1312 -26.68 -44.72 -4.31
C ILE B 1312 -26.17 -45.55 -3.15
N LEU B 1313 -26.34 -45.04 -1.92
CA LEU B 1313 -25.94 -45.81 -0.74
C LEU B 1313 -26.92 -46.91 -0.39
N ASP B 1314 -28.12 -46.90 -0.98
CA ASP B 1314 -29.11 -47.92 -0.71
C ASP B 1314 -29.28 -48.93 -1.86
N ASP B 1315 -28.68 -48.65 -3.02
CA ASP B 1315 -28.66 -49.56 -4.17
C ASP B 1315 -30.09 -49.89 -4.64
N LYS B 1316 -30.78 -48.85 -5.10
CA LYS B 1316 -32.10 -48.99 -5.71
C LYS B 1316 -31.96 -48.72 -7.20
N ARG B 1317 -32.01 -49.79 -8.01
CA ARG B 1317 -31.70 -49.68 -9.43
C ARG B 1317 -32.71 -48.79 -10.15
N GLU B 1318 -34.00 -48.99 -9.89
CA GLU B 1318 -35.02 -48.17 -10.54
C GLU B 1318 -34.89 -46.70 -10.12
N ASP B 1319 -34.70 -46.46 -8.82
CA ASP B 1319 -34.50 -45.10 -8.34
C ASP B 1319 -33.22 -44.50 -8.91
N LEU B 1320 -32.16 -45.31 -9.01
CA LEU B 1320 -30.91 -44.81 -9.57
C LEU B 1320 -31.09 -44.39 -11.02
N SER B 1321 -31.80 -45.20 -11.81
CA SER B 1321 -32.04 -44.84 -13.20
C SER B 1321 -32.90 -43.58 -13.31
N ILE B 1322 -33.93 -43.47 -12.47
CA ILE B 1322 -34.80 -42.29 -12.50
C ILE B 1322 -34.00 -41.04 -12.16
N ILE B 1323 -33.14 -41.13 -11.15
CA ILE B 1323 -32.33 -39.97 -10.76
C ILE B 1323 -31.30 -39.63 -11.83
N LEU B 1324 -30.72 -40.66 -12.47
CA LEU B 1324 -29.78 -40.41 -13.55
C LEU B 1324 -30.45 -39.68 -14.71
N GLU B 1325 -31.70 -40.06 -15.01
CA GLU B 1325 -32.47 -39.29 -15.97
C GLU B 1325 -32.71 -37.87 -15.47
N GLU B 1326 -32.96 -37.71 -14.17
CA GLU B 1326 -33.23 -36.39 -13.61
C GLU B 1326 -31.97 -35.53 -13.58
N LEU B 1327 -30.86 -36.08 -13.10
CA LEU B 1327 -29.65 -35.28 -12.90
C LEU B 1327 -29.01 -34.83 -14.20
N LYS B 1328 -29.24 -35.53 -15.30
CA LYS B 1328 -28.59 -35.24 -16.56
C LYS B 1328 -29.34 -34.20 -17.39
N ALA B 1329 -30.43 -33.63 -16.86
CA ALA B 1329 -31.21 -32.65 -17.57
C ALA B 1329 -31.57 -31.47 -16.67
N LEU B 1330 -30.60 -31.01 -15.89
CA LEU B 1330 -30.83 -29.86 -15.03
C LEU B 1330 -30.78 -28.57 -15.84
N PRO B 1331 -31.55 -27.55 -15.46
CA PRO B 1331 -31.49 -26.27 -16.17
C PRO B 1331 -30.17 -25.55 -15.90
N LEU B 1332 -29.87 -24.58 -16.77
CA LEU B 1332 -28.63 -23.83 -16.66
C LEU B 1332 -28.56 -23.05 -15.35
N SER B 1333 -29.71 -22.61 -14.83
CA SER B 1333 -29.72 -21.94 -13.54
C SER B 1333 -29.26 -22.87 -12.42
N LYS B 1334 -29.60 -24.16 -12.52
CA LYS B 1334 -29.18 -25.15 -11.53
C LYS B 1334 -27.75 -25.62 -11.74
N GLN B 1335 -27.11 -25.25 -12.85
CA GLN B 1335 -25.70 -25.55 -13.08
C GLN B 1335 -24.78 -24.39 -12.78
N ILE B 1336 -25.25 -23.15 -12.94
CA ILE B 1336 -24.45 -22.00 -12.52
C ILE B 1336 -24.30 -21.98 -11.00
N ILE B 1337 -25.36 -22.40 -10.28
CA ILE B 1337 -25.31 -22.38 -8.83
C ILE B 1337 -24.36 -23.46 -8.30
N ASP B 1338 -24.36 -24.64 -8.93
CA ASP B 1338 -23.52 -25.75 -8.48
C ASP B 1338 -22.08 -25.46 -8.89
N LYS B 1339 -21.42 -24.64 -8.06
CA LYS B 1339 -20.05 -24.22 -8.35
C LYS B 1339 -19.02 -25.31 -8.07
N HIS B 1340 -19.37 -26.34 -7.30
CA HIS B 1340 -18.45 -27.41 -6.98
C HIS B 1340 -18.67 -28.67 -7.79
N LYS B 1341 -19.60 -28.64 -8.75
CA LYS B 1341 -19.84 -29.74 -9.68
C LYS B 1341 -20.10 -31.05 -8.94
N ASP B 1342 -20.95 -30.98 -7.90
CA ASP B 1342 -21.40 -32.19 -7.24
C ASP B 1342 -22.25 -33.03 -8.17
N ALA B 1343 -23.09 -32.38 -8.97
CA ALA B 1343 -23.95 -33.11 -9.90
C ALA B 1343 -23.17 -33.93 -10.92
N PRO B 1344 -22.16 -33.40 -11.60
CA PRO B 1344 -21.41 -34.24 -12.54
C PRO B 1344 -20.72 -35.42 -11.87
N TYR B 1345 -20.23 -35.23 -10.65
CA TYR B 1345 -19.65 -36.35 -9.91
C TYR B 1345 -20.71 -37.42 -9.64
N LEU B 1346 -21.91 -37.00 -9.26
CA LEU B 1346 -22.97 -37.98 -9.03
C LEU B 1346 -23.36 -38.71 -10.32
N ILE B 1347 -23.40 -37.99 -11.44
CA ILE B 1347 -23.70 -38.64 -12.71
C ILE B 1347 -22.64 -39.68 -13.05
N GLU B 1348 -21.36 -39.33 -12.88
CA GLU B 1348 -20.30 -40.29 -13.14
C GLU B 1348 -20.43 -41.51 -12.25
N GLU B 1349 -20.69 -41.29 -10.96
CA GLU B 1349 -20.80 -42.41 -10.02
C GLU B 1349 -21.97 -43.32 -10.37
N ILE B 1350 -23.12 -42.73 -10.72
CA ILE B 1350 -24.28 -43.54 -11.08
C ILE B 1350 -24.02 -44.29 -12.38
N THR B 1351 -23.40 -43.63 -13.36
CA THR B 1351 -23.15 -44.27 -14.64
C THR B 1351 -22.21 -45.46 -14.50
N LYS B 1352 -21.14 -45.31 -13.71
CA LYS B 1352 -20.20 -46.42 -13.57
C LYS B 1352 -20.74 -47.55 -12.70
N ARG B 1353 -21.82 -47.33 -11.96
CA ARG B 1353 -22.40 -48.34 -11.08
C ARG B 1353 -23.61 -49.03 -11.71
N LEU B 1354 -23.93 -48.74 -12.96
CA LEU B 1354 -25.09 -49.33 -13.61
C LEU B 1354 -24.81 -49.91 -14.99
N TYR B 1355 -23.77 -49.47 -15.70
CA TYR B 1355 -23.48 -49.94 -17.04
C TYR B 1355 -22.07 -50.51 -17.11
N ARG B 1356 -21.72 -51.39 -16.17
CA ARG B 1356 -20.41 -52.02 -16.09
C ARG B 1356 -19.31 -51.00 -15.88
N ASN B 1357 -18.62 -50.63 -16.95
CA ASN B 1357 -17.50 -49.69 -16.88
C ASN B 1357 -17.60 -48.65 -17.98
N ASP B 1358 -18.79 -48.09 -18.17
CA ASP B 1358 -18.97 -47.05 -19.17
C ASP B 1358 -18.19 -45.79 -18.79
N THR B 1359 -17.67 -45.10 -19.79
CA THR B 1359 -16.90 -43.88 -19.57
C THR B 1359 -17.86 -42.71 -19.42
N GLY B 1360 -17.81 -42.05 -18.26
CA GLY B 1360 -18.68 -40.93 -17.98
C GLY B 1360 -17.97 -39.60 -18.01
N LYS B 1361 -16.84 -39.54 -18.70
CA LYS B 1361 -16.07 -38.30 -18.79
C LYS B 1361 -16.74 -37.23 -19.65
N GLN B 1362 -17.79 -37.59 -20.38
CA GLN B 1362 -18.44 -36.64 -21.27
C GLN B 1362 -19.10 -35.50 -20.51
N VAL B 1363 -19.66 -35.79 -19.32
CA VAL B 1363 -20.21 -34.71 -18.51
C VAL B 1363 -19.11 -33.76 -18.06
N TRP B 1364 -17.93 -34.28 -17.76
CA TRP B 1364 -16.82 -33.42 -17.40
C TRP B 1364 -16.37 -32.57 -18.59
N GLN B 1365 -16.35 -33.17 -19.78
CA GLN B 1365 -15.99 -32.40 -20.98
C GLN B 1365 -17.00 -31.29 -21.25
N ARG B 1366 -18.30 -31.58 -21.10
CA ARG B 1366 -19.32 -30.55 -21.29
C ARG B 1366 -19.20 -29.45 -20.24
N SER B 1367 -18.95 -29.83 -18.98
CA SER B 1367 -18.80 -28.83 -17.93
C SER B 1367 -17.57 -27.96 -18.17
N ALA B 1368 -16.50 -28.56 -18.69
CA ALA B 1368 -15.31 -27.76 -19.03
C ALA B 1368 -15.58 -26.84 -20.21
N TYR B 1369 -16.38 -27.31 -21.18
CA TYR B 1369 -16.78 -26.45 -22.29
C TYR B 1369 -17.57 -25.25 -21.79
N PHE B 1370 -18.51 -25.49 -20.86
CA PHE B 1370 -19.29 -24.38 -20.30
C PHE B 1370 -18.48 -23.59 -19.28
N PHE B 1371 -17.64 -24.25 -18.51
CA PHE B 1371 -16.86 -23.62 -17.43
C PHE B 1371 -15.39 -23.99 -17.58
N PRO B 1372 -14.70 -23.38 -18.55
CA PRO B 1372 -13.26 -23.67 -18.70
C PRO B 1372 -12.40 -23.14 -17.56
N ASN B 1373 -12.89 -22.21 -16.76
CA ASN B 1373 -12.14 -21.64 -15.65
C ASN B 1373 -12.56 -22.20 -14.30
N ASN B 1374 -13.03 -23.44 -14.25
CA ASN B 1374 -13.41 -24.08 -13.00
C ASN B 1374 -12.29 -25.03 -12.57
N LEU B 1375 -11.93 -24.96 -11.29
CA LEU B 1375 -10.85 -25.79 -10.78
C LEU B 1375 -11.23 -27.26 -10.72
N LYS B 1376 -12.53 -27.55 -10.51
CA LYS B 1376 -12.95 -28.94 -10.32
C LYS B 1376 -12.99 -29.72 -11.63
N VAL B 1377 -13.36 -29.08 -12.75
CA VAL B 1377 -13.59 -29.81 -13.98
C VAL B 1377 -12.28 -30.35 -14.56
N TRP B 1378 -11.18 -29.60 -14.43
CA TRP B 1378 -9.91 -30.01 -15.02
C TRP B 1378 -9.22 -31.12 -14.23
N GLU B 1379 -9.73 -31.47 -13.04
CA GLU B 1379 -9.14 -32.56 -12.28
C GLU B 1379 -9.24 -33.88 -13.03
N ARG B 1380 -10.39 -34.14 -13.66
CA ARG B 1380 -10.63 -35.39 -14.36
C ARG B 1380 -10.09 -35.40 -15.78
N LEU B 1381 -9.75 -34.24 -16.35
CA LEU B 1381 -9.31 -34.15 -17.74
C LEU B 1381 -7.80 -34.02 -17.86
N ASP B 1382 -7.21 -33.00 -17.24
CA ASP B 1382 -5.78 -32.76 -17.37
C ASP B 1382 -5.31 -31.96 -16.17
N LYS B 1383 -4.39 -32.55 -15.39
CA LYS B 1383 -3.88 -31.87 -14.20
C LYS B 1383 -2.92 -30.74 -14.56
N ASN B 1384 -2.33 -30.76 -15.76
CA ASN B 1384 -1.47 -29.67 -16.18
C ASN B 1384 -2.24 -28.37 -16.27
N ILE B 1385 -3.42 -28.40 -16.91
CA ILE B 1385 -4.24 -27.20 -17.03
C ILE B 1385 -4.69 -26.73 -15.65
N GLN B 1386 -5.04 -27.66 -14.76
CA GLN B 1386 -5.46 -27.29 -13.42
C GLN B 1386 -4.34 -26.61 -12.64
N ARG B 1387 -3.12 -27.15 -12.75
CA ARG B 1387 -1.98 -26.52 -12.08
C ARG B 1387 -1.70 -25.14 -12.66
N ARG B 1388 -1.79 -24.99 -13.99
CA ARG B 1388 -1.49 -23.71 -14.61
C ARG B 1388 -2.54 -22.66 -14.25
N ILE B 1389 -3.82 -23.04 -14.22
CA ILE B 1389 -4.89 -22.06 -14.02
C ILE B 1389 -4.83 -21.47 -12.61
N ALA B 1390 -4.58 -22.30 -11.61
CA ALA B 1390 -4.51 -21.84 -10.23
C ALA B 1390 -3.15 -21.27 -9.87
N SER B 1391 -2.19 -21.27 -10.79
CA SER B 1391 -0.80 -20.97 -10.45
C SER B 1391 -0.57 -19.49 -10.15
N ASN B 1392 -1.13 -18.59 -10.97
CA ASN B 1392 -0.73 -17.20 -10.96
C ASN B 1392 -1.84 -16.26 -10.50
N GLY B 1393 -2.89 -16.77 -9.88
CA GLY B 1393 -3.94 -15.94 -9.34
C GLY B 1393 -5.21 -15.86 -10.16
N GLN B 1394 -5.37 -16.69 -11.19
CA GLN B 1394 -6.65 -16.74 -11.90
C GLN B 1394 -7.76 -17.21 -10.97
N ASN B 1395 -7.47 -18.18 -10.11
CA ASN B 1395 -8.40 -18.68 -9.13
C ASN B 1395 -7.75 -18.65 -7.75
N LYS B 1396 -8.58 -18.60 -6.72
CA LYS B 1396 -8.10 -18.55 -5.34
C LYS B 1396 -7.97 -19.97 -4.82
N VAL B 1397 -6.74 -20.38 -4.52
CA VAL B 1397 -6.43 -21.74 -4.12
C VAL B 1397 -5.67 -21.71 -2.79
N THR B 1398 -5.95 -22.68 -1.93
CA THR B 1398 -5.34 -22.72 -0.61
C THR B 1398 -3.96 -23.39 -0.68
N ALA B 1399 -3.24 -23.33 0.44
CA ALA B 1399 -1.89 -23.88 0.48
C ALA B 1399 -1.90 -25.40 0.36
N GLU B 1400 -2.86 -26.07 1.00
CA GLU B 1400 -2.94 -27.52 0.90
C GLU B 1400 -3.24 -27.97 -0.53
N GLU B 1401 -4.20 -27.31 -1.19
CA GLU B 1401 -4.54 -27.68 -2.56
C GLU B 1401 -3.39 -27.38 -3.52
N MET B 1402 -2.72 -26.24 -3.35
CA MET B 1402 -1.59 -25.92 -4.22
C MET B 1402 -0.46 -26.91 -4.01
N SER B 1403 -0.19 -27.30 -2.76
CA SER B 1403 0.82 -28.31 -2.48
C SER B 1403 0.45 -29.65 -3.11
N LYS B 1404 -0.83 -30.00 -3.08
CA LYS B 1404 -1.28 -31.21 -3.76
C LYS B 1404 -1.04 -31.12 -5.26
N LEU B 1405 -1.24 -29.93 -5.84
CA LEU B 1405 -1.00 -29.75 -7.27
C LEU B 1405 0.48 -29.90 -7.61
N TYR B 1406 1.37 -29.34 -6.78
CA TYR B 1406 2.80 -29.49 -7.01
C TYR B 1406 3.24 -30.94 -6.97
N CYS B 1407 2.79 -31.71 -5.98
CA CYS B 1407 3.26 -33.08 -5.84
C CYS B 1407 2.75 -33.97 -6.96
N GLU B 1408 1.61 -33.64 -7.55
CA GLU B 1408 1.00 -34.51 -8.56
C GLU B 1408 1.73 -34.49 -9.89
N SER B 1409 2.72 -33.62 -10.07
CA SER B 1409 3.54 -33.65 -11.26
C SER B 1409 4.62 -34.73 -11.22
N LYS B 1410 4.78 -35.40 -10.07
CA LYS B 1410 5.68 -36.55 -9.92
C LYS B 1410 7.12 -36.20 -10.31
N ASN B 1411 7.60 -35.09 -9.75
CA ASN B 1411 8.96 -34.63 -10.00
C ASN B 1411 9.61 -34.25 -8.68
N LEU B 1412 10.93 -34.46 -8.60
CA LEU B 1412 11.64 -34.24 -7.34
C LEU B 1412 11.57 -32.78 -6.90
N ARG B 1413 11.79 -31.85 -7.85
CA ARG B 1413 11.76 -30.44 -7.50
C ARG B 1413 10.37 -30.01 -7.06
N SER B 1414 9.34 -30.43 -7.79
CA SER B 1414 7.97 -30.06 -7.43
C SER B 1414 7.54 -30.74 -6.14
N ILE B 1415 7.98 -31.97 -5.91
CA ILE B 1415 7.64 -32.66 -4.67
C ILE B 1415 8.29 -31.95 -3.48
N GLN B 1416 9.55 -31.54 -3.62
CA GLN B 1416 10.19 -30.77 -2.56
C GLN B 1416 9.47 -29.45 -2.32
N ARG B 1417 9.03 -28.79 -3.40
CA ARG B 1417 8.29 -27.54 -3.27
C ARG B 1417 6.98 -27.75 -2.50
N GLY B 1418 6.22 -28.79 -2.88
CA GLY B 1418 4.95 -29.05 -2.24
C GLY B 1418 5.07 -29.53 -0.82
N MET B 1419 6.18 -30.20 -0.48
CA MET B 1419 6.42 -30.57 0.90
C MET B 1419 6.89 -29.38 1.73
N PHE B 1420 7.61 -28.44 1.11
CA PHE B 1420 7.96 -27.22 1.82
C PHE B 1420 6.73 -26.37 2.11
N LEU B 1421 5.76 -26.34 1.18
CA LEU B 1421 4.56 -25.55 1.41
C LEU B 1421 3.73 -26.11 2.57
N CYS B 1422 3.47 -27.41 2.56
CA CYS B 1422 2.62 -28.05 3.57
C CYS B 1422 3.36 -29.27 4.13
N PRO B 1423 4.27 -29.06 5.10
CA PRO B 1423 5.05 -30.18 5.63
C PRO B 1423 4.22 -31.24 6.34
N TRP B 1424 3.02 -30.92 6.81
CA TRP B 1424 2.18 -31.88 7.49
C TRP B 1424 1.34 -32.72 6.53
N ASN B 1425 1.44 -32.47 5.24
CA ASN B 1425 0.71 -33.28 4.26
C ASN B 1425 1.30 -34.68 4.22
N VAL B 1426 0.42 -35.68 4.15
CA VAL B 1426 0.87 -37.08 4.15
C VAL B 1426 1.33 -37.48 2.76
N THR B 1427 0.58 -37.09 1.73
CA THR B 1427 0.91 -37.48 0.36
C THR B 1427 2.26 -36.90 -0.07
N ALA B 1428 2.55 -35.67 0.33
CA ALA B 1428 3.81 -35.04 -0.07
C ALA B 1428 5.00 -35.80 0.49
N VAL B 1429 4.99 -36.07 1.80
CA VAL B 1429 6.11 -36.77 2.42
C VAL B 1429 6.19 -38.19 1.90
N LYS B 1430 5.05 -38.84 1.67
CA LYS B 1430 5.06 -40.20 1.15
C LYS B 1430 5.66 -40.25 -0.25
N ALA B 1431 5.31 -39.29 -1.11
CA ALA B 1431 5.88 -39.24 -2.45
C ALA B 1431 7.38 -38.95 -2.40
N LEU B 1432 7.81 -38.03 -1.52
CA LEU B 1432 9.22 -37.74 -1.40
C LEU B 1432 10.00 -38.97 -0.93
N ASN B 1433 9.43 -39.72 0.01
CA ASN B 1433 10.05 -40.98 0.42
C ASN B 1433 10.11 -41.96 -0.75
N GLU B 1434 9.04 -42.02 -1.55
CA GLU B 1434 8.99 -42.97 -2.65
C GLU B 1434 9.88 -42.58 -3.81
N CYS B 1435 10.36 -41.34 -3.87
CA CYS B 1435 11.29 -40.97 -4.94
C CYS B 1435 12.55 -41.81 -4.88
N PHE B 1436 13.36 -41.60 -3.84
CA PHE B 1436 14.59 -42.36 -3.61
C PHE B 1436 15.04 -42.18 -2.16
N SER C 2 13.89 3.47 4.96
CA SER C 2 14.11 2.65 3.78
C SER C 2 13.09 2.97 2.69
N LYS C 3 13.50 3.76 1.71
CA LYS C 3 12.61 4.19 0.63
C LYS C 3 13.12 3.83 -0.75
N VAL C 4 14.43 3.91 -0.99
CA VAL C 4 15.01 3.64 -2.30
C VAL C 4 16.01 2.50 -2.17
N PHE C 5 15.86 1.48 -3.01
CA PHE C 5 16.74 0.33 -3.04
C PHE C 5 17.29 0.16 -4.45
N ILE C 6 18.60 -0.01 -4.56
CA ILE C 6 19.28 -0.14 -5.84
C ILE C 6 19.97 -1.50 -5.89
N ALA C 7 19.75 -2.23 -6.98
CA ALA C 7 20.37 -3.53 -7.15
C ALA C 7 21.87 -3.37 -7.40
N THR C 8 22.68 -4.17 -6.70
CA THR C 8 24.13 -4.12 -6.84
C THR C 8 24.72 -5.35 -7.50
N ALA C 9 24.21 -6.54 -7.22
CA ALA C 9 24.73 -7.77 -7.79
C ALA C 9 23.66 -8.84 -7.75
N ASN C 10 23.79 -9.81 -8.64
CA ASN C 10 22.86 -10.93 -8.70
C ASN C 10 23.56 -12.10 -9.37
N ALA C 11 22.97 -13.28 -9.21
CA ALA C 11 23.53 -14.50 -9.79
C ALA C 11 22.38 -15.42 -10.14
N GLY C 12 22.02 -15.44 -11.43
CA GLY C 12 20.99 -16.35 -11.89
C GLY C 12 21.51 -17.75 -12.10
N LYS C 13 20.61 -18.73 -11.95
CA LYS C 13 20.95 -20.14 -12.05
C LYS C 13 22.09 -20.49 -11.09
N ALA C 14 22.03 -19.91 -9.89
CA ALA C 14 23.07 -20.16 -8.89
C ALA C 14 23.02 -21.60 -8.38
N HIS C 15 21.83 -22.13 -8.15
CA HIS C 15 21.63 -23.50 -7.70
C HIS C 15 20.90 -24.29 -8.77
N ASP C 16 20.90 -25.62 -8.61
CA ASP C 16 20.22 -26.50 -9.54
C ASP C 16 18.77 -26.77 -9.17
N ALA C 17 18.36 -26.42 -7.95
CA ALA C 17 16.98 -26.64 -7.51
C ALA C 17 16.55 -25.41 -6.71
N ASP C 18 15.37 -25.48 -6.13
CA ASP C 18 14.81 -24.35 -5.39
C ASP C 18 15.72 -23.97 -4.22
N ILE C 19 15.98 -22.68 -4.09
CA ILE C 19 16.74 -22.15 -2.96
C ILE C 19 15.74 -21.76 -1.89
N PHE C 20 15.68 -22.56 -0.82
CA PHE C 20 14.62 -22.43 0.17
C PHE C 20 14.96 -21.47 1.30
N SER C 21 16.24 -21.23 1.58
CA SER C 21 16.62 -20.35 2.67
C SER C 21 17.94 -19.69 2.34
N VAL C 22 18.20 -18.57 3.04
CA VAL C 22 19.44 -17.83 2.88
C VAL C 22 19.80 -17.22 4.22
N SER C 23 21.10 -17.13 4.48
CA SER C 23 21.59 -16.52 5.71
C SER C 23 22.90 -15.81 5.41
N ALA C 24 23.25 -14.85 6.26
CA ALA C 24 24.42 -14.03 6.03
C ALA C 24 25.20 -13.85 7.33
N CYS C 25 26.49 -13.59 7.17
CA CYS C 25 27.37 -13.20 8.27
C CYS C 25 28.24 -12.06 7.79
N ASN C 26 29.18 -11.63 8.62
CA ASN C 26 30.05 -10.52 8.25
C ASN C 26 30.95 -10.88 7.07
N SER C 27 31.33 -12.14 6.95
CA SER C 27 32.29 -12.53 5.92
C SER C 27 31.65 -13.04 4.64
N PHE C 28 30.49 -13.70 4.72
CA PHE C 28 29.91 -14.30 3.52
C PHE C 28 28.41 -14.53 3.73
N THR C 29 27.77 -14.97 2.64
CA THR C 29 26.35 -15.28 2.61
C THR C 29 26.18 -16.75 2.24
N VAL C 30 25.28 -17.44 2.93
CA VAL C 30 25.10 -18.88 2.79
C VAL C 30 23.75 -19.16 2.18
N SER C 31 23.71 -20.08 1.22
CA SER C 31 22.49 -20.52 0.57
C SER C 31 22.37 -22.03 0.66
N CYS C 32 21.14 -22.52 0.85
CA CYS C 32 20.84 -23.94 0.81
C CYS C 32 19.75 -24.19 -0.21
N SER C 33 19.86 -25.30 -0.94
CA SER C 33 18.94 -25.61 -2.01
C SER C 33 18.48 -27.06 -1.89
N GLY C 34 17.51 -27.43 -2.72
CA GLY C 34 17.00 -28.78 -2.73
C GLY C 34 17.88 -29.80 -3.43
N ASP C 35 18.94 -29.36 -4.09
CA ASP C 35 19.88 -30.28 -4.72
C ASP C 35 20.94 -30.79 -3.75
N GLY C 36 20.91 -30.35 -2.50
CA GLY C 36 21.81 -30.87 -1.49
C GLY C 36 23.12 -30.16 -1.35
N TYR C 37 23.29 -29.00 -1.97
CA TYR C 37 24.52 -28.24 -1.89
C TYR C 37 24.38 -27.07 -0.94
N LEU C 38 25.53 -26.56 -0.52
CA LEU C 38 25.62 -25.40 0.37
C LEU C 38 26.66 -24.47 -0.23
N LYS C 39 26.27 -23.25 -0.58
CA LYS C 39 27.13 -22.32 -1.30
C LYS C 39 27.47 -21.13 -0.41
N VAL C 40 28.75 -20.75 -0.41
CA VAL C 40 29.26 -19.63 0.36
C VAL C 40 29.68 -18.55 -0.63
N TRP C 41 29.08 -17.37 -0.52
CA TRP C 41 29.34 -16.24 -1.40
C TRP C 41 30.13 -15.19 -0.65
N ASP C 42 31.32 -14.85 -1.15
CA ASP C 42 32.15 -13.85 -0.50
C ASP C 42 31.46 -12.50 -0.50
N ASN C 43 31.44 -11.84 0.66
CA ASN C 43 30.77 -10.55 0.79
C ASN C 43 31.65 -9.39 0.36
N LYS C 44 32.97 -9.54 0.44
CA LYS C 44 33.90 -8.47 0.11
C LYS C 44 34.29 -8.59 -1.36
N LEU C 45 33.38 -8.17 -2.22
CA LEU C 45 33.61 -8.17 -3.66
C LEU C 45 34.26 -6.85 -4.08
N LEU C 46 35.05 -6.94 -5.14
CA LEU C 46 35.66 -5.76 -5.74
C LEU C 46 34.86 -5.32 -6.97
N ASP C 47 35.23 -4.17 -7.51
CA ASP C 47 34.57 -3.66 -8.70
C ASP C 47 34.87 -4.57 -9.89
N ASN C 48 33.84 -4.84 -10.69
CA ASN C 48 33.94 -5.70 -11.87
C ASN C 48 34.37 -7.12 -11.47
N GLU C 49 33.53 -7.75 -10.63
CA GLU C 49 33.74 -9.13 -10.23
C GLU C 49 32.40 -9.87 -10.25
N ASN C 50 32.35 -10.96 -11.00
CA ASN C 50 31.17 -11.81 -11.01
C ASN C 50 31.00 -12.44 -9.63
N PRO C 51 29.79 -12.40 -9.04
CA PRO C 51 29.61 -13.08 -7.74
C PRO C 51 29.94 -14.55 -7.77
N LYS C 52 29.68 -15.24 -8.90
CA LYS C 52 29.96 -16.67 -8.98
C LYS C 52 31.45 -16.98 -9.00
N ASP C 53 32.29 -16.00 -9.34
CA ASP C 53 33.73 -16.22 -9.27
C ASP C 53 34.18 -16.45 -7.83
N LYS C 54 33.68 -15.66 -6.89
CA LYS C 54 34.02 -15.79 -5.48
C LYS C 54 32.93 -16.57 -4.74
N SER C 55 32.77 -17.84 -5.12
CA SER C 55 31.79 -18.71 -4.49
C SER C 55 32.36 -20.10 -4.32
N TYR C 56 31.94 -20.78 -3.26
CA TYR C 56 32.41 -22.12 -2.93
C TYR C 56 31.21 -22.96 -2.52
N SER C 57 31.20 -24.23 -2.93
CA SER C 57 30.07 -25.11 -2.71
C SER C 57 30.52 -26.43 -2.10
N HIS C 58 29.64 -27.03 -1.30
CA HIS C 58 29.91 -28.29 -0.64
C HIS C 58 28.62 -29.11 -0.60
N PHE C 59 28.74 -30.42 -0.80
CA PHE C 59 27.58 -31.32 -0.82
C PHE C 59 27.36 -31.88 0.57
N VAL C 60 26.11 -31.83 1.03
CA VAL C 60 25.75 -32.23 2.40
C VAL C 60 24.88 -33.48 2.40
N HIS C 61 23.69 -33.41 1.82
CA HIS C 61 22.74 -34.51 1.88
C HIS C 61 22.05 -34.68 0.54
N LYS C 62 21.81 -35.94 0.17
CA LYS C 62 21.17 -36.24 -1.11
C LYS C 62 19.70 -35.84 -1.13
N SER C 63 19.05 -35.71 0.02
CA SER C 63 17.64 -35.37 0.09
C SER C 63 17.37 -33.87 0.00
N GLY C 64 18.42 -33.05 0.02
CA GLY C 64 18.25 -31.62 -0.07
C GLY C 64 18.16 -30.94 1.29
N LEU C 65 18.33 -29.63 1.28
CA LEU C 65 18.29 -28.81 2.49
C LEU C 65 17.26 -27.71 2.33
N HIS C 66 16.62 -27.32 3.44
CA HIS C 66 15.61 -26.27 3.41
C HIS C 66 15.73 -25.23 4.51
N HIS C 67 16.60 -25.41 5.49
CA HIS C 67 16.87 -24.40 6.51
C HIS C 67 18.38 -24.25 6.67
N VAL C 68 18.81 -23.03 6.98
CA VAL C 68 20.22 -22.73 7.16
C VAL C 68 20.36 -21.52 8.07
N ASP C 69 21.36 -21.56 8.94
CA ASP C 69 21.70 -20.42 9.78
C ASP C 69 23.19 -20.48 10.10
N VAL C 70 23.82 -19.32 10.19
CA VAL C 70 25.25 -19.21 10.40
C VAL C 70 25.51 -18.42 11.66
N LEU C 71 26.51 -18.85 12.44
CA LEU C 71 26.92 -18.19 13.67
C LEU C 71 28.39 -17.84 13.57
N GLN C 72 28.71 -16.56 13.69
CA GLN C 72 30.08 -16.09 13.65
C GLN C 72 30.34 -15.24 14.88
N ALA C 73 31.44 -15.52 15.58
CA ALA C 73 31.80 -14.77 16.78
C ALA C 73 33.28 -14.95 17.04
N ILE C 74 33.83 -14.02 17.81
CA ILE C 74 35.22 -14.06 18.26
C ILE C 74 35.22 -14.58 19.68
N GLU C 75 35.52 -15.87 19.85
CA GLU C 75 35.32 -16.53 21.13
C GLU C 75 36.40 -16.20 22.16
N ARG C 76 37.57 -15.73 21.71
CA ARG C 76 38.69 -15.49 22.61
C ARG C 76 39.36 -14.19 22.17
N ASP C 77 40.58 -13.97 22.64
CA ASP C 77 41.33 -12.77 22.24
C ASP C 77 41.56 -12.75 20.74
N ALA C 78 41.92 -13.89 20.16
CA ALA C 78 42.17 -14.00 18.73
C ALA C 78 41.42 -15.14 18.05
N PHE C 79 40.88 -16.10 18.78
CA PHE C 79 40.16 -17.21 18.15
C PHE C 79 38.87 -16.71 17.50
N GLU C 80 38.61 -17.22 16.30
CA GLU C 80 37.39 -16.91 15.56
C GLU C 80 36.77 -18.21 15.08
N LEU C 81 35.46 -18.36 15.30
CA LEU C 81 34.72 -19.53 14.88
C LEU C 81 33.53 -19.13 14.03
N CYS C 82 33.29 -19.89 12.97
CA CYS C 82 32.12 -19.70 12.11
C CYS C 82 31.46 -21.05 11.93
N LEU C 83 30.18 -21.15 12.30
CA LEU C 83 29.45 -22.40 12.27
C LEU C 83 28.21 -22.26 11.40
N VAL C 84 27.92 -23.30 10.62
CA VAL C 84 26.74 -23.37 9.79
C VAL C 84 25.92 -24.58 10.21
N ALA C 85 24.64 -24.36 10.49
CA ALA C 85 23.71 -25.42 10.86
C ALA C 85 22.61 -25.52 9.80
N THR C 86 22.36 -26.73 9.33
CA THR C 86 21.35 -26.97 8.32
C THR C 86 20.49 -28.16 8.73
N THR C 87 19.28 -28.21 8.17
CA THR C 87 18.40 -29.36 8.34
C THR C 87 17.89 -29.78 6.97
N SER C 88 17.70 -31.08 6.79
CA SER C 88 17.39 -31.66 5.50
C SER C 88 15.93 -32.08 5.44
N PHE C 89 15.50 -32.52 4.25
CA PHE C 89 14.14 -33.02 4.09
C PHE C 89 13.94 -34.33 4.84
N SER C 90 15.00 -35.12 5.02
CA SER C 90 14.89 -36.34 5.80
C SER C 90 14.77 -36.08 7.29
N GLY C 91 15.16 -34.89 7.75
CA GLY C 91 15.06 -34.53 9.13
C GLY C 91 16.34 -34.62 9.93
N ASP C 92 17.49 -34.40 9.31
CA ASP C 92 18.78 -34.49 9.98
C ASP C 92 19.31 -33.10 10.30
N LEU C 93 19.99 -32.97 11.43
CA LEU C 93 20.60 -31.72 11.85
C LEU C 93 22.11 -31.86 11.70
N LEU C 94 22.71 -31.02 10.86
CA LEU C 94 24.12 -31.10 10.54
C LEU C 94 24.83 -29.80 10.87
N PHE C 95 26.09 -29.93 11.28
CA PHE C 95 26.90 -28.80 11.70
C PHE C 95 28.22 -28.80 10.93
N TYR C 96 28.65 -27.63 10.48
CA TYR C 96 29.87 -27.50 9.69
C TYR C 96 30.67 -26.29 10.17
N ARG C 97 31.99 -26.44 10.20
CA ARG C 97 32.90 -25.37 10.58
C ARG C 97 33.57 -24.80 9.34
N ILE C 98 33.46 -23.49 9.17
CA ILE C 98 33.95 -22.82 7.97
C ILE C 98 35.27 -22.12 8.31
N THR C 99 36.31 -22.44 7.54
CA THR C 99 37.62 -21.83 7.73
C THR C 99 38.24 -21.57 6.36
N ARG C 100 39.22 -20.68 6.33
CA ARG C 100 39.83 -20.22 5.09
C ARG C 100 41.33 -20.54 5.08
N GLU C 101 41.83 -20.89 3.90
CA GLU C 101 43.24 -21.20 3.75
C GLU C 101 44.10 -19.95 3.91
N ASP C 102 45.35 -20.14 4.32
CA ASP C 102 46.25 -19.02 4.54
C ASP C 102 46.73 -18.42 3.22
N GLU C 103 47.06 -19.26 2.24
CA GLU C 103 47.64 -18.79 0.99
C GLU C 103 46.57 -18.55 -0.08
N THR C 104 45.85 -19.61 -0.44
CA THR C 104 44.85 -19.50 -1.51
C THR C 104 43.59 -18.77 -1.08
N LYS C 105 43.37 -18.62 0.23
CA LYS C 105 42.17 -17.98 0.77
C LYS C 105 40.90 -18.71 0.34
N LYS C 106 40.98 -20.03 0.18
CA LYS C 106 39.83 -20.83 -0.18
C LYS C 106 39.10 -21.31 1.06
N VAL C 107 37.79 -21.52 0.94
CA VAL C 107 36.97 -21.92 2.06
C VAL C 107 37.02 -23.43 2.22
N ILE C 108 37.21 -23.88 3.46
CA ILE C 108 37.29 -25.30 3.80
C ILE C 108 36.09 -25.67 4.66
N PHE C 109 35.49 -26.81 4.36
CA PHE C 109 34.34 -27.31 5.11
C PHE C 109 34.77 -28.47 6.00
N GLU C 110 34.42 -28.39 7.28
CA GLU C 110 34.73 -29.45 8.24
C GLU C 110 33.45 -29.85 8.96
N LYS C 111 33.12 -31.13 8.91
CA LYS C 111 31.91 -31.63 9.54
C LYS C 111 32.13 -31.84 11.04
N LEU C 112 31.12 -31.51 11.83
CA LEU C 112 31.17 -31.66 13.28
C LEU C 112 30.10 -32.64 13.73
N ASP C 113 30.40 -33.35 14.82
CA ASP C 113 29.48 -34.30 15.43
C ASP C 113 29.18 -33.80 16.84
N LEU C 114 27.97 -33.27 17.04
CA LEU C 114 27.58 -32.71 18.32
C LEU C 114 26.36 -33.37 18.94
N LEU C 115 25.56 -34.10 18.17
CA LEU C 115 24.36 -34.74 18.69
C LEU C 115 24.66 -36.19 19.06
N ASP C 116 24.11 -36.61 20.20
CA ASP C 116 24.28 -37.99 20.66
C ASP C 116 23.37 -38.93 19.89
N SER C 117 23.53 -40.23 20.12
CA SER C 117 22.77 -41.23 19.38
C SER C 117 21.27 -41.14 19.65
N ASP C 118 20.89 -40.87 20.90
CA ASP C 118 19.46 -40.77 21.22
C ASP C 118 18.85 -39.49 20.64
N MET C 119 19.65 -38.45 20.46
CA MET C 119 19.17 -37.21 19.88
C MET C 119 19.00 -37.30 18.36
N LYS C 120 19.60 -38.30 17.73
CA LYS C 120 19.54 -38.45 16.28
C LYS C 120 18.30 -39.18 15.79
N LYS C 121 17.42 -39.59 16.69
CA LYS C 121 16.20 -40.30 16.32
C LYS C 121 15.04 -39.37 15.99
N HIS C 122 15.22 -38.07 16.14
CA HIS C 122 14.16 -37.11 15.91
C HIS C 122 14.23 -36.52 14.50
N SER C 123 13.13 -35.94 14.06
CA SER C 123 13.03 -35.26 12.78
C SER C 123 12.82 -33.77 13.03
N PHE C 124 13.89 -32.99 12.88
CA PHE C 124 13.83 -31.55 13.08
C PHE C 124 13.40 -30.84 11.81
N TRP C 125 12.68 -29.74 11.97
CA TRP C 125 12.24 -28.93 10.83
C TRP C 125 12.88 -27.55 10.83
N ALA C 126 12.74 -26.79 11.91
CA ALA C 126 13.23 -25.42 11.97
C ALA C 126 14.39 -25.33 12.96
N LEU C 127 15.18 -24.26 12.81
CA LEU C 127 16.34 -24.06 13.66
C LEU C 127 16.67 -22.56 13.69
N LYS C 128 17.43 -22.16 14.70
CA LYS C 128 17.82 -20.76 14.86
C LYS C 128 18.98 -20.67 15.83
N TRP C 129 20.05 -20.01 15.42
CA TRP C 129 21.18 -19.77 16.30
C TRP C 129 20.88 -18.61 17.24
N GLY C 130 21.10 -18.82 18.53
CA GLY C 130 21.04 -17.74 19.49
C GLY C 130 22.41 -17.33 19.96
N ALA C 131 22.90 -16.20 19.45
CA ALA C 131 24.23 -15.74 19.81
C ALA C 131 24.22 -15.08 21.19
N SER C 132 25.41 -14.89 21.75
CA SER C 132 25.53 -14.23 23.03
C SER C 132 25.23 -12.75 22.88
N ASN C 133 24.28 -12.24 23.65
CA ASN C 133 23.84 -10.85 23.59
C ASN C 133 23.71 -10.28 24.99
N ASP C 134 24.69 -10.56 25.84
CA ASP C 134 24.77 -10.13 27.25
C ASP C 134 23.69 -10.76 28.12
N ARG C 135 22.80 -11.58 27.56
CA ARG C 135 21.82 -12.28 28.39
C ARG C 135 22.44 -13.45 29.13
N LEU C 136 23.37 -14.15 28.50
CA LEU C 136 24.07 -15.27 29.12
C LEU C 136 25.33 -15.54 28.29
N LEU C 137 26.36 -16.05 28.95
CA LEU C 137 27.68 -16.12 28.34
C LEU C 137 27.79 -17.20 27.26
N SER C 138 26.82 -18.09 27.15
CA SER C 138 26.89 -19.22 26.22
C SER C 138 25.91 -19.01 25.06
N HIS C 139 26.33 -19.41 23.86
CA HIS C 139 25.45 -19.36 22.70
C HIS C 139 24.36 -20.43 22.84
N ARG C 140 23.25 -20.21 22.14
CA ARG C 140 22.09 -21.07 22.22
C ARG C 140 21.67 -21.55 20.84
N LEU C 141 21.13 -22.75 20.78
CA LEU C 141 20.53 -23.29 19.57
C LEU C 141 19.14 -23.83 19.92
N VAL C 142 18.14 -23.44 19.13
CA VAL C 142 16.77 -23.89 19.32
C VAL C 142 16.28 -24.52 18.04
N ALA C 143 15.50 -25.60 18.17
CA ALA C 143 14.96 -26.31 17.02
C ALA C 143 13.60 -26.89 17.38
N THR C 144 12.80 -27.12 16.35
CA THR C 144 11.50 -27.77 16.49
C THR C 144 11.48 -29.08 15.71
N ASP C 145 10.57 -29.95 16.07
CA ASP C 145 10.41 -31.23 15.39
C ASP C 145 9.00 -31.36 14.84
N VAL C 146 8.73 -32.51 14.20
CA VAL C 146 7.41 -32.75 13.62
C VAL C 146 6.36 -33.11 14.66
N LYS C 147 6.77 -33.43 15.88
CA LYS C 147 5.86 -33.73 16.97
C LYS C 147 5.42 -32.49 17.75
N GLY C 148 5.99 -31.32 17.45
CA GLY C 148 5.59 -30.09 18.09
C GLY C 148 6.46 -29.64 19.24
N THR C 149 7.55 -30.34 19.52
CA THR C 149 8.40 -30.03 20.66
C THR C 149 9.53 -29.09 20.26
N THR C 150 9.88 -28.18 21.16
CA THR C 150 10.98 -27.25 20.99
C THR C 150 12.14 -27.67 21.89
N TYR C 151 13.33 -27.77 21.32
CA TYR C 151 14.53 -28.15 22.04
C TYR C 151 15.47 -26.96 22.17
N ILE C 152 16.20 -26.90 23.28
CA ILE C 152 17.15 -25.83 23.55
C ILE C 152 18.48 -26.45 23.95
N TRP C 153 19.56 -25.98 23.35
CA TRP C 153 20.91 -26.46 23.62
C TRP C 153 21.80 -25.31 24.06
N LYS C 154 22.99 -25.66 24.53
CA LYS C 154 24.07 -24.71 24.78
C LYS C 154 25.32 -25.21 24.09
N PHE C 155 25.97 -24.35 23.33
CA PHE C 155 27.17 -24.71 22.59
C PHE C 155 28.41 -24.29 23.37
N HIS C 156 29.32 -25.25 23.58
CA HIS C 156 30.59 -25.00 24.25
C HIS C 156 31.74 -25.27 23.29
N PRO C 157 32.41 -24.25 22.76
CA PRO C 157 33.49 -24.50 21.81
C PRO C 157 34.70 -25.19 22.44
N PHE C 158 35.11 -24.71 23.61
CA PHE C 158 36.24 -25.28 24.33
C PHE C 158 35.78 -26.18 25.46
N ALA C 159 36.67 -27.07 25.88
CA ALA C 159 36.37 -28.00 26.97
C ALA C 159 37.19 -27.67 28.21
N LEU C 167 43.58 -22.42 24.73
CA LEU C 167 42.51 -22.68 23.78
C LEU C 167 42.64 -24.07 23.15
N ASN C 168 41.63 -24.90 23.33
CA ASN C 168 41.59 -26.23 22.74
C ASN C 168 40.23 -26.43 22.08
N TRP C 169 40.25 -26.84 20.81
CA TRP C 169 39.01 -27.02 20.06
C TRP C 169 38.39 -28.37 20.41
N SER C 170 37.20 -28.33 21.01
CA SER C 170 36.46 -29.52 21.38
C SER C 170 34.98 -29.17 21.55
N PRO C 171 34.25 -28.97 20.45
CA PRO C 171 32.86 -28.53 20.57
C PRO C 171 31.97 -29.57 21.22
N THR C 172 30.96 -29.08 21.93
CA THR C 172 30.01 -29.94 22.64
C THR C 172 28.68 -29.22 22.77
N LEU C 173 27.59 -29.95 22.52
CA LEU C 173 26.24 -29.42 22.67
C LEU C 173 25.60 -30.04 23.91
N GLU C 174 25.08 -29.20 24.79
CA GLU C 174 24.46 -29.64 26.02
C GLU C 174 22.98 -29.27 26.01
N LEU C 175 22.12 -30.28 26.18
CA LEU C 175 20.68 -30.06 26.13
C LEU C 175 20.21 -29.43 27.43
N GLN C 176 19.46 -28.32 27.32
CA GLN C 176 18.89 -27.64 28.47
C GLN C 176 17.53 -28.22 28.85
N GLY C 177 16.65 -28.37 27.87
CA GLY C 177 15.33 -28.92 28.14
C GLY C 177 14.46 -28.84 26.90
N THR C 178 13.21 -29.23 27.07
CA THR C 178 12.24 -29.25 25.98
C THR C 178 10.95 -28.56 26.40
N VAL C 179 10.25 -28.00 25.43
CA VAL C 179 8.94 -27.38 25.64
C VAL C 179 7.94 -28.08 24.72
N GLU C 180 6.85 -28.55 25.30
CA GLU C 180 5.85 -29.31 24.54
C GLU C 180 4.79 -28.40 23.95
N SER C 181 4.00 -28.95 23.04
CA SER C 181 2.95 -28.19 22.39
C SER C 181 1.84 -27.84 23.39
N PRO C 182 1.21 -26.68 23.22
CA PRO C 182 0.19 -26.25 24.21
C PRO C 182 -1.13 -26.99 24.09
N MET C 183 -1.37 -27.70 22.99
CA MET C 183 -2.67 -28.29 22.73
C MET C 183 -2.56 -29.81 22.59
N THR C 184 -3.66 -30.49 22.91
CA THR C 184 -3.78 -31.92 22.75
C THR C 184 -4.85 -32.23 21.71
N PRO C 185 -4.54 -33.00 20.66
CA PRO C 185 -3.25 -33.64 20.35
C PRO C 185 -2.21 -32.64 19.83
N SER C 186 -0.94 -33.03 19.83
CA SER C 186 0.12 -32.13 19.37
C SER C 186 -0.03 -31.82 17.88
N GLN C 187 0.46 -30.65 17.50
CA GLN C 187 0.42 -30.19 16.12
C GLN C 187 1.83 -30.08 15.56
N PHE C 188 1.94 -29.56 14.35
CA PHE C 188 3.24 -29.37 13.69
C PHE C 188 3.80 -28.00 14.06
N ALA C 189 5.04 -27.99 14.52
CA ALA C 189 5.75 -26.75 14.82
C ALA C 189 6.48 -26.30 13.57
N THR C 190 6.00 -25.21 12.96
CA THR C 190 6.48 -24.79 11.65
C THR C 190 7.59 -23.74 11.72
N SER C 191 7.65 -22.94 12.77
CA SER C 191 8.64 -21.87 12.86
C SER C 191 9.02 -21.64 14.31
N VAL C 192 10.18 -21.02 14.49
CA VAL C 192 10.72 -20.76 15.82
C VAL C 192 11.61 -19.53 15.75
N ASP C 193 11.74 -18.83 16.88
CA ASP C 193 12.62 -17.68 16.96
C ASP C 193 13.07 -17.52 18.41
N ILE C 194 14.17 -16.80 18.58
CA ILE C 194 14.71 -16.49 19.90
C ILE C 194 15.15 -15.04 19.91
N SER C 195 14.86 -14.33 21.00
CA SER C 195 15.14 -12.91 21.12
C SER C 195 16.36 -12.67 21.97
N GLU C 196 16.84 -11.42 21.96
CA GLU C 196 17.99 -11.05 22.77
C GLU C 196 17.65 -10.93 24.25
N ARG C 197 16.38 -10.74 24.58
CA ARG C 197 15.93 -10.62 25.96
C ARG C 197 15.67 -11.97 26.62
N GLY C 198 15.79 -13.06 25.89
CA GLY C 198 15.60 -14.38 26.46
C GLY C 198 14.17 -14.89 26.36
N LEU C 199 13.61 -14.85 25.15
CA LEU C 199 12.28 -15.35 24.90
C LEU C 199 12.29 -16.26 23.68
N ILE C 200 11.38 -17.24 23.67
CA ILE C 200 11.26 -18.19 22.58
C ILE C 200 9.81 -18.16 22.09
N ALA C 201 9.64 -18.07 20.78
CA ALA C 201 8.31 -18.09 20.16
C ALA C 201 8.24 -19.24 19.16
N THR C 202 7.13 -19.96 19.18
CA THR C 202 6.92 -21.09 18.28
C THR C 202 5.57 -20.94 17.59
N GLY C 203 5.55 -21.23 16.28
CA GLY C 203 4.34 -21.19 15.50
C GLY C 203 3.87 -22.59 15.17
N PHE C 204 2.55 -22.73 14.97
CA PHE C 204 1.95 -24.02 14.70
C PHE C 204 1.03 -23.93 13.49
N ASN C 205 0.71 -25.09 12.92
CA ASN C 205 -0.05 -25.16 11.69
C ASN C 205 -1.54 -24.84 11.88
N ASN C 206 -2.02 -24.77 13.11
CA ASN C 206 -3.41 -24.41 13.36
C ASN C 206 -3.61 -22.92 13.59
N GLY C 207 -2.53 -22.13 13.64
CA GLY C 207 -2.62 -20.71 13.85
C GLY C 207 -2.30 -20.24 15.26
N THR C 208 -1.75 -21.10 16.11
CA THR C 208 -1.47 -20.78 17.50
C THR C 208 0.02 -20.51 17.69
N VAL C 209 0.33 -19.45 18.44
CA VAL C 209 1.70 -19.11 18.80
C VAL C 209 1.84 -19.23 20.30
N GLN C 210 2.93 -19.87 20.74
CA GLN C 210 3.23 -20.01 22.16
C GLN C 210 4.57 -19.36 22.47
N ILE C 211 4.63 -18.67 23.61
CA ILE C 211 5.83 -17.97 24.05
C ILE C 211 6.25 -18.53 25.39
N SER C 212 7.53 -18.85 25.53
CA SER C 212 8.08 -19.44 26.75
C SER C 212 9.35 -18.70 27.16
N GLU C 213 9.67 -18.80 28.45
CA GLU C 213 10.83 -18.13 29.02
C GLU C 213 12.08 -18.97 28.79
N LEU C 214 13.15 -18.32 28.33
CA LEU C 214 14.38 -19.04 28.01
C LEU C 214 15.02 -19.65 29.25
N SER C 215 15.01 -18.92 30.37
CA SER C 215 15.74 -19.38 31.56
C SER C 215 15.07 -20.60 32.18
N THR C 216 13.76 -20.55 32.38
CA THR C 216 13.06 -21.58 33.14
C THR C 216 12.26 -22.54 32.26
N LEU C 217 12.07 -22.23 30.99
CA LEU C 217 11.42 -23.13 30.03
C LEU C 217 9.98 -23.45 30.45
N ARG C 218 9.20 -22.41 30.68
CA ARG C 218 7.79 -22.59 30.96
C ARG C 218 6.96 -21.65 30.10
N PRO C 219 5.77 -22.08 29.69
CA PRO C 219 4.95 -21.23 28.81
C PRO C 219 4.48 -19.97 29.50
N LEU C 220 4.31 -18.92 28.71
CA LEU C 220 3.78 -17.64 29.18
C LEU C 220 2.46 -17.28 28.53
N TYR C 221 2.39 -17.28 27.20
CA TYR C 221 1.24 -16.79 26.47
C TYR C 221 0.78 -17.85 25.47
N ASN C 222 -0.49 -17.76 25.09
CA ASN C 222 -1.06 -18.60 24.04
C ASN C 222 -2.16 -17.77 23.37
N PHE C 223 -1.80 -17.07 22.29
CA PHE C 223 -2.76 -16.28 21.55
C PHE C 223 -3.01 -16.88 20.18
N GLU C 224 -4.24 -16.70 19.71
CA GLU C 224 -4.72 -17.33 18.48
C GLU C 224 -4.97 -16.24 17.44
N SER C 225 -4.34 -16.39 16.28
CA SER C 225 -4.37 -15.36 15.25
C SER C 225 -5.34 -15.68 14.12
N GLN C 226 -6.14 -16.74 14.25
CA GLN C 226 -7.05 -17.11 13.18
C GLN C 226 -8.15 -16.07 13.02
N HIS C 227 -8.40 -15.66 11.77
CA HIS C 227 -9.52 -14.77 11.49
C HIS C 227 -10.85 -15.45 11.79
N SER C 228 -10.97 -16.73 11.41
CA SER C 228 -12.16 -17.51 11.69
C SER C 228 -11.79 -18.98 11.59
N MET C 229 -12.44 -19.80 12.41
CA MET C 229 -12.19 -21.24 12.45
C MET C 229 -13.22 -22.03 11.64
N ILE C 230 -13.70 -21.45 10.54
CA ILE C 230 -14.61 -22.20 9.67
C ILE C 230 -13.87 -23.32 8.94
N ASN C 231 -12.67 -23.03 8.45
CA ASN C 231 -11.85 -24.00 7.74
C ASN C 231 -10.50 -24.15 8.45
N ASN C 232 -9.75 -25.16 8.02
CA ASN C 232 -8.49 -25.53 8.66
C ASN C 232 -7.28 -24.87 7.98
N SER C 233 -7.47 -23.71 7.37
CA SER C 233 -6.38 -22.92 6.80
C SER C 233 -5.68 -22.12 7.89
N ASN C 234 -4.90 -21.12 7.48
CA ASN C 234 -4.26 -20.16 8.38
C ASN C 234 -3.20 -20.80 9.28
N SER C 235 -2.19 -21.41 8.67
CA SER C 235 -1.01 -21.84 9.40
C SER C 235 -0.01 -20.70 9.50
N ILE C 236 0.94 -20.84 10.41
CA ILE C 236 1.96 -19.82 10.65
C ILE C 236 3.21 -20.18 9.84
N ARG C 237 3.70 -19.21 9.08
CA ARG C 237 4.88 -19.41 8.24
C ARG C 237 6.15 -18.81 8.81
N SER C 238 6.05 -17.69 9.52
CA SER C 238 7.24 -17.02 10.04
C SER C 238 6.89 -16.24 11.30
N VAL C 239 7.74 -16.36 12.32
CA VAL C 239 7.64 -15.57 13.54
C VAL C 239 8.98 -14.88 13.77
N LYS C 240 8.94 -13.57 14.01
CA LYS C 240 10.16 -12.79 14.17
C LYS C 240 10.01 -11.82 15.33
N PHE C 241 11.06 -11.72 16.13
CA PHE C 241 11.13 -10.76 17.22
C PHE C 241 11.76 -9.46 16.74
N SER C 242 11.31 -8.35 17.31
CA SER C 242 11.94 -7.07 17.02
C SER C 242 13.34 -7.03 17.62
N PRO C 243 14.31 -6.43 16.93
CA PRO C 243 15.69 -6.46 17.44
C PRO C 243 15.88 -5.81 18.80
N GLN C 244 15.13 -4.76 19.12
CA GLN C 244 15.31 -4.09 20.41
C GLN C 244 14.01 -3.98 21.18
N GLY C 245 12.89 -3.81 20.47
CA GLY C 245 11.61 -3.59 21.12
C GLY C 245 10.96 -4.89 21.59
N SER C 246 9.85 -4.71 22.30
CA SER C 246 9.04 -5.85 22.72
C SER C 246 7.87 -6.01 21.75
N LEU C 247 8.21 -6.54 20.57
CA LEU C 247 7.24 -6.69 19.50
C LEU C 247 7.52 -8.00 18.77
N LEU C 248 6.45 -8.65 18.33
CA LEU C 248 6.54 -9.94 17.66
C LEU C 248 5.65 -9.92 16.43
N ALA C 249 6.24 -10.15 15.26
CA ALA C 249 5.51 -10.14 14.00
C ALA C 249 5.17 -11.57 13.60
N ILE C 250 3.92 -11.80 13.23
CA ILE C 250 3.41 -13.12 12.85
C ILE C 250 2.98 -13.06 11.40
N ALA C 251 3.46 -14.02 10.60
CA ALA C 251 2.99 -14.21 9.23
C ALA C 251 2.15 -15.47 9.19
N HIS C 252 0.89 -15.34 8.80
CA HIS C 252 -0.03 -16.46 8.78
C HIS C 252 -0.89 -16.40 7.52
N ASP C 253 -1.38 -17.55 7.11
CA ASP C 253 -2.21 -17.66 5.92
C ASP C 253 -3.64 -17.26 6.23
N SER C 254 -4.38 -16.92 5.18
CA SER C 254 -5.83 -16.75 5.29
C SER C 254 -6.43 -17.21 3.95
N ASN C 255 -6.75 -18.50 3.88
CA ASN C 255 -7.47 -19.15 2.78
C ASN C 255 -7.15 -18.55 1.41
N SER C 256 -5.88 -18.62 1.01
CA SER C 256 -5.25 -18.08 -0.21
C SER C 256 -4.83 -16.62 -0.10
N PHE C 257 -4.83 -16.03 1.09
CA PHE C 257 -4.32 -14.69 1.29
C PHE C 257 -3.18 -14.72 2.30
N GLY C 258 -2.41 -13.63 2.33
CA GLY C 258 -1.30 -13.51 3.26
C GLY C 258 -1.51 -12.38 4.25
N CYS C 259 -1.32 -12.66 5.54
CA CYS C 259 -1.61 -11.71 6.59
C CYS C 259 -0.43 -11.57 7.53
N ILE C 260 -0.28 -10.37 8.10
CA ILE C 260 0.75 -10.08 9.09
C ILE C 260 0.08 -9.41 10.28
N THR C 261 0.32 -9.93 11.48
CA THR C 261 -0.24 -9.39 12.71
C THR C 261 0.88 -9.07 13.70
N LEU C 262 0.72 -7.96 14.41
CA LEU C 262 1.73 -7.49 15.36
C LEU C 262 1.23 -7.66 16.78
N TYR C 263 2.09 -8.22 17.64
CA TYR C 263 1.81 -8.40 19.06
C TYR C 263 2.95 -7.78 19.87
N GLU C 264 2.65 -7.41 21.10
CA GLU C 264 3.65 -6.92 22.04
C GLU C 264 3.85 -7.97 23.12
N THR C 265 5.11 -8.28 23.41
CA THR C 265 5.46 -9.48 24.17
C THR C 265 5.48 -9.26 25.68
N GLU C 266 5.31 -8.03 26.16
CA GLU C 266 5.29 -7.82 27.61
C GLU C 266 4.02 -8.40 28.24
N PHE C 267 2.87 -8.19 27.59
CA PHE C 267 1.60 -8.71 28.08
C PHE C 267 0.87 -9.59 27.09
N GLY C 268 1.30 -9.63 25.83
CA GLY C 268 0.69 -10.50 24.85
C GLY C 268 -0.69 -10.06 24.41
N GLU C 269 -0.79 -8.84 23.85
CA GLU C 269 -2.04 -8.32 23.35
C GLU C 269 -1.90 -7.97 21.88
N ARG C 270 -3.01 -8.08 21.15
CA ARG C 270 -3.01 -7.80 19.72
C ARG C 270 -2.92 -6.30 19.49
N ILE C 271 -1.98 -5.90 18.64
CA ILE C 271 -1.74 -4.49 18.34
C ILE C 271 -2.43 -4.06 17.05
N GLY C 272 -2.28 -4.85 15.99
CA GLY C 272 -2.90 -4.51 14.72
C GLY C 272 -2.42 -5.46 13.64
N SER C 273 -2.73 -5.08 12.40
CA SER C 273 -2.36 -5.86 11.24
C SER C 273 -1.98 -4.92 10.10
N LEU C 274 -1.17 -5.44 9.18
CA LEU C 274 -0.75 -4.69 7.99
C LEU C 274 -1.52 -5.19 6.79
N SER C 275 -2.06 -4.26 6.00
CA SER C 275 -2.85 -4.63 4.84
C SER C 275 -2.83 -3.51 3.82
N VAL C 276 -2.98 -3.89 2.56
CA VAL C 276 -3.08 -2.94 1.44
C VAL C 276 -4.24 -3.37 0.56
N PRO C 277 -4.81 -2.44 -0.21
CA PRO C 277 -5.85 -2.81 -1.17
C PRO C 277 -5.29 -3.73 -2.25
N THR C 278 -5.95 -4.86 -2.46
CA THR C 278 -5.54 -5.84 -3.45
C THR C 278 -6.76 -6.33 -4.22
N HIS C 279 -6.53 -6.80 -5.44
CA HIS C 279 -7.61 -7.33 -6.27
C HIS C 279 -8.10 -8.66 -5.69
N LEU C 285 -12.40 -7.46 -0.77
CA LEU C 285 -11.91 -6.61 0.30
C LEU C 285 -11.51 -7.44 1.51
N GLY C 286 -10.91 -6.78 2.50
CA GLY C 286 -10.44 -7.46 3.70
C GLY C 286 -9.11 -6.92 4.18
N GLU C 287 -8.55 -7.55 5.21
CA GLU C 287 -7.26 -7.14 5.78
C GLU C 287 -6.22 -8.19 5.41
N PHE C 288 -5.59 -8.00 4.25
CA PHE C 288 -4.54 -8.89 3.77
C PHE C 288 -3.34 -8.08 3.33
N ALA C 289 -2.14 -8.59 3.65
CA ALA C 289 -0.91 -7.88 3.34
C ALA C 289 -0.37 -8.21 1.96
N HIS C 290 -0.54 -9.46 1.50
CA HIS C 290 -0.05 -9.89 0.21
C HIS C 290 -1.17 -10.60 -0.53
N SER C 291 -1.03 -10.68 -1.86
CA SER C 291 -2.05 -11.31 -2.67
C SER C 291 -2.03 -12.83 -2.50
N SER C 292 -0.85 -13.45 -2.54
CA SER C 292 -0.81 -14.91 -2.47
C SER C 292 -0.56 -15.42 -1.07
N TRP C 293 0.61 -15.14 -0.50
CA TRP C 293 1.07 -15.64 0.79
C TRP C 293 2.31 -14.87 1.20
N VAL C 294 2.55 -14.80 2.50
CA VAL C 294 3.78 -14.25 3.05
C VAL C 294 4.66 -15.40 3.50
N MET C 295 5.84 -15.52 2.92
CA MET C 295 6.73 -16.63 3.21
C MET C 295 7.84 -16.31 4.19
N SER C 296 8.23 -15.04 4.30
CA SER C 296 9.33 -14.66 5.18
C SER C 296 9.11 -13.24 5.67
N LEU C 297 9.77 -12.92 6.78
CA LEU C 297 9.75 -11.59 7.37
C LEU C 297 11.16 -11.24 7.83
N SER C 298 11.44 -9.94 7.92
CA SER C 298 12.77 -9.50 8.33
C SER C 298 12.68 -8.08 8.85
N PHE C 299 13.40 -7.81 9.94
CA PHE C 299 13.52 -6.49 10.52
C PHE C 299 14.88 -5.90 10.16
N ASN C 300 14.95 -4.58 10.07
CA ASN C 300 16.22 -3.91 9.86
C ASN C 300 16.95 -3.75 11.19
N ASP C 301 18.10 -3.08 11.15
CA ASP C 301 18.92 -2.96 12.36
C ASP C 301 18.21 -2.15 13.43
N SER C 302 17.54 -1.06 13.05
CA SER C 302 16.86 -0.20 14.01
C SER C 302 15.49 -0.73 14.43
N GLY C 303 14.96 -1.73 13.75
CA GLY C 303 13.66 -2.27 14.10
C GLY C 303 12.49 -1.39 13.77
N GLU C 304 12.65 -0.48 12.80
CA GLU C 304 11.57 0.41 12.40
C GLU C 304 10.93 0.04 11.08
N THR C 305 11.58 -0.79 10.28
CA THR C 305 11.07 -1.22 8.98
C THR C 305 11.00 -2.74 8.94
N LEU C 306 9.92 -3.26 8.37
CA LEU C 306 9.71 -4.69 8.22
C LEU C 306 9.56 -5.01 6.73
N CYS C 307 10.23 -6.07 6.30
CA CYS C 307 10.17 -6.54 4.92
C CYS C 307 9.48 -7.89 4.87
N SER C 308 8.47 -8.01 4.02
CA SER C 308 7.73 -9.25 3.84
C SER C 308 7.97 -9.77 2.42
N ALA C 309 8.34 -11.04 2.32
CA ALA C 309 8.51 -11.70 1.04
C ALA C 309 7.22 -12.43 0.69
N GLY C 310 6.68 -12.14 -0.50
CA GLY C 310 5.40 -12.68 -0.91
C GLY C 310 5.54 -13.72 -2.00
N TRP C 311 4.62 -14.69 -2.00
CA TRP C 311 4.55 -15.66 -3.08
C TRP C 311 4.11 -15.03 -4.40
N ASP C 312 3.47 -13.87 -4.35
CA ASP C 312 3.05 -13.17 -5.56
C ASP C 312 4.22 -12.55 -6.32
N GLY C 313 5.41 -12.53 -5.74
CA GLY C 313 6.58 -12.01 -6.41
C GLY C 313 6.94 -10.58 -6.08
N LYS C 314 6.62 -10.11 -4.88
CA LYS C 314 6.87 -8.72 -4.50
C LYS C 314 7.51 -8.68 -3.13
N LEU C 315 8.35 -7.66 -2.93
CA LEU C 315 8.90 -7.33 -1.62
C LEU C 315 8.26 -6.05 -1.15
N ARG C 316 7.56 -6.10 -0.03
CA ARG C 316 6.85 -4.96 0.52
C ARG C 316 7.53 -4.51 1.81
N PHE C 317 7.65 -3.19 1.97
CA PHE C 317 8.29 -2.60 3.14
C PHE C 317 7.25 -1.81 3.91
N TRP C 318 7.19 -2.03 5.23
CA TRP C 318 6.16 -1.46 6.08
C TRP C 318 6.80 -0.60 7.16
N ASP C 319 6.06 0.44 7.57
CA ASP C 319 6.44 1.26 8.70
C ASP C 319 5.80 0.68 9.95
N VAL C 320 6.63 0.28 10.92
CA VAL C 320 6.14 -0.46 12.08
C VAL C 320 5.20 0.41 12.92
N LYS C 321 5.59 1.66 13.18
CA LYS C 321 4.82 2.51 14.08
C LYS C 321 3.48 2.88 13.49
N THR C 322 3.45 3.29 12.22
CA THR C 322 2.21 3.72 11.59
C THR C 322 1.45 2.59 10.89
N LYS C 323 2.05 1.41 10.78
CA LYS C 323 1.41 0.25 10.16
C LYS C 323 0.96 0.56 8.73
N GLU C 324 1.81 1.27 7.99
CA GLU C 324 1.49 1.66 6.61
C GLU C 324 2.62 1.23 5.69
N ARG C 325 2.26 0.86 4.47
CA ARG C 325 3.25 0.46 3.48
C ARG C 325 4.10 1.65 3.05
N ILE C 326 5.37 1.38 2.77
CA ILE C 326 6.32 2.40 2.35
C ILE C 326 6.64 2.29 0.85
N THR C 327 7.08 1.11 0.41
CA THR C 327 7.48 0.94 -0.98
C THR C 327 7.38 -0.54 -1.34
N THR C 328 7.40 -0.82 -2.64
CA THR C 328 7.29 -2.18 -3.15
C THR C 328 8.35 -2.41 -4.22
N LEU C 329 9.01 -3.56 -4.15
CA LEU C 329 10.00 -3.98 -5.13
C LEU C 329 9.45 -5.16 -5.93
N ASN C 330 9.51 -5.07 -7.25
CA ASN C 330 9.04 -6.12 -8.13
C ASN C 330 10.22 -6.96 -8.62
N MET C 331 10.00 -8.26 -8.74
CA MET C 331 11.03 -9.20 -9.16
C MET C 331 10.71 -9.70 -10.56
N HIS C 332 11.71 -9.66 -11.45
CA HIS C 332 11.57 -10.13 -12.81
C HIS C 332 12.73 -11.05 -13.15
N CYS C 333 12.47 -12.01 -14.05
CA CYS C 333 13.53 -12.93 -14.47
C CYS C 333 14.55 -12.26 -15.38
N ASP C 334 14.22 -11.10 -15.96
CA ASP C 334 15.12 -10.39 -16.85
C ASP C 334 16.05 -9.42 -16.11
N ASP C 335 15.98 -9.37 -14.78
CA ASP C 335 16.85 -8.51 -14.00
C ASP C 335 18.27 -9.06 -13.89
N ILE C 336 18.51 -10.30 -14.32
CA ILE C 336 19.84 -10.90 -14.23
C ILE C 336 20.77 -10.20 -15.21
N GLU C 337 21.95 -9.81 -14.73
CA GLU C 337 22.90 -9.09 -15.57
C GLU C 337 23.36 -9.94 -16.74
N ILE C 338 23.98 -11.07 -16.48
CA ILE C 338 24.44 -11.96 -17.54
C ILE C 338 23.22 -12.62 -18.18
N GLU C 339 22.98 -12.32 -19.45
CA GLU C 339 21.78 -12.80 -20.13
C GLU C 339 21.76 -14.31 -20.31
N GLU C 340 22.94 -14.96 -20.29
CA GLU C 340 22.99 -16.40 -20.43
C GLU C 340 22.51 -17.13 -19.17
N ASP C 341 22.35 -16.42 -18.06
CA ASP C 341 21.91 -17.01 -16.81
C ASP C 341 20.42 -16.79 -16.54
N ILE C 342 19.69 -16.24 -17.51
CA ILE C 342 18.27 -15.94 -17.31
C ILE C 342 17.46 -17.21 -17.53
N LEU C 343 16.60 -17.53 -16.56
CA LEU C 343 15.73 -18.69 -16.62
C LEU C 343 14.30 -18.19 -16.83
N ALA C 344 13.87 -18.13 -18.09
CA ALA C 344 12.55 -17.60 -18.41
C ALA C 344 11.43 -18.58 -18.04
N VAL C 345 11.65 -19.88 -18.29
CA VAL C 345 10.63 -20.89 -18.04
C VAL C 345 11.27 -22.04 -17.26
N ASP C 346 10.42 -22.75 -16.52
CA ASP C 346 10.87 -23.85 -15.67
C ASP C 346 10.97 -25.13 -16.50
N GLU C 347 11.11 -26.27 -15.82
CA GLU C 347 11.23 -27.56 -16.49
C GLU C 347 9.91 -28.03 -17.11
N HIS C 348 8.78 -27.40 -16.77
CA HIS C 348 7.50 -27.73 -17.38
C HIS C 348 6.99 -26.64 -18.31
N GLY C 349 7.84 -25.67 -18.65
CA GLY C 349 7.44 -24.59 -19.53
C GLY C 349 6.63 -23.49 -18.88
N ASP C 350 6.44 -23.55 -17.57
CA ASP C 350 5.67 -22.53 -16.87
C ASP C 350 6.47 -21.24 -16.75
N SER C 351 5.76 -20.11 -16.79
CA SER C 351 6.40 -18.82 -16.78
C SER C 351 7.03 -18.51 -15.43
N LEU C 352 8.11 -17.73 -15.47
CA LEU C 352 8.80 -17.26 -14.26
C LEU C 352 9.06 -15.76 -14.36
N ALA C 353 8.21 -15.03 -15.08
CA ALA C 353 8.39 -13.59 -15.23
C ALA C 353 8.21 -12.85 -13.90
N GLU C 354 7.37 -13.39 -13.01
CA GLU C 354 7.16 -12.83 -11.68
C GLU C 354 7.31 -13.98 -10.68
N PRO C 355 8.54 -14.38 -10.36
CA PRO C 355 8.74 -15.52 -9.47
C PRO C 355 8.53 -15.15 -8.02
N GLY C 356 7.94 -16.08 -7.27
CA GLY C 356 7.74 -15.86 -5.85
C GLY C 356 9.04 -15.88 -5.09
N VAL C 357 9.04 -15.19 -3.96
CA VAL C 357 10.22 -15.09 -3.10
C VAL C 357 10.11 -16.13 -1.99
N PHE C 358 11.19 -16.87 -1.77
CA PHE C 358 11.24 -17.85 -0.69
C PHE C 358 11.70 -17.24 0.63
N ASP C 359 12.75 -16.42 0.60
CA ASP C 359 13.33 -15.91 1.82
C ASP C 359 13.94 -14.54 1.55
N VAL C 360 14.01 -13.73 2.60
CA VAL C 360 14.57 -12.39 2.53
C VAL C 360 15.35 -12.12 3.81
N LYS C 361 16.47 -11.41 3.68
CA LYS C 361 17.37 -11.18 4.79
C LYS C 361 17.97 -9.78 4.70
N PHE C 362 18.00 -9.09 5.84
CA PHE C 362 18.65 -7.79 5.94
C PHE C 362 20.09 -7.99 6.38
N LEU C 363 21.01 -7.33 5.69
CA LEU C 363 22.43 -7.39 6.01
C LEU C 363 22.86 -6.11 6.70
N LYS C 364 23.62 -6.24 7.78
CA LYS C 364 24.03 -5.07 8.54
C LYS C 364 24.99 -4.20 7.73
N LYS C 365 25.17 -2.97 8.20
CA LYS C 365 26.04 -2.02 7.51
C LYS C 365 27.49 -2.49 7.59
N GLY C 366 28.17 -2.50 6.44
CA GLY C 366 29.54 -2.93 6.36
C GLY C 366 29.72 -4.41 6.11
N TRP C 367 28.65 -5.20 6.18
CA TRP C 367 28.77 -6.63 5.89
C TRP C 367 29.08 -6.86 4.42
N ARG C 368 28.36 -6.18 3.54
CA ARG C 368 28.42 -6.40 2.10
C ARG C 368 29.02 -5.17 1.44
N SER C 369 30.19 -5.33 0.82
CA SER C 369 30.89 -4.23 0.18
C SER C 369 30.88 -4.41 -1.33
N GLY C 370 31.13 -3.31 -2.03
CA GLY C 370 31.12 -3.33 -3.48
C GLY C 370 30.77 -2.00 -4.11
N MET C 371 29.76 -2.00 -5.00
CA MET C 371 29.39 -0.81 -5.77
C MET C 371 28.63 0.16 -4.86
N GLY C 372 29.38 0.90 -4.06
CA GLY C 372 28.81 1.96 -3.24
C GLY C 372 28.18 1.50 -1.94
N ALA C 373 28.18 0.21 -1.64
CA ALA C 373 27.59 -0.31 -0.42
C ALA C 373 28.69 -0.46 0.62
N ASP C 374 28.97 0.63 1.33
CA ASP C 374 30.00 0.61 2.36
C ASP C 374 29.49 1.17 3.68
N LEU C 375 28.55 2.11 3.62
CA LEU C 375 28.09 2.82 4.81
C LEU C 375 26.59 2.75 5.02
N ASN C 376 25.88 1.86 4.34
CA ASN C 376 24.45 1.74 4.49
C ASN C 376 24.05 0.26 4.50
N GLU C 377 22.84 0.01 4.98
CA GLU C 377 22.32 -1.33 5.12
C GLU C 377 22.05 -1.96 3.76
N SER C 378 22.15 -3.28 3.69
CA SER C 378 21.96 -4.04 2.48
C SER C 378 20.76 -4.98 2.63
N LEU C 379 20.54 -5.81 1.61
CA LEU C 379 19.40 -6.72 1.60
C LEU C 379 19.66 -7.82 0.58
N CYS C 380 19.26 -9.04 0.92
CA CYS C 380 19.41 -10.19 0.05
C CYS C 380 18.12 -10.99 0.02
N CYS C 381 17.82 -11.58 -1.14
CA CYS C 381 16.63 -12.40 -1.30
C CYS C 381 16.90 -13.49 -2.32
N VAL C 382 16.19 -14.61 -2.17
CA VAL C 382 16.24 -15.73 -3.10
C VAL C 382 14.85 -15.95 -3.67
N CYS C 383 14.76 -16.19 -4.97
CA CYS C 383 13.49 -16.24 -5.68
C CYS C 383 13.30 -17.62 -6.32
N LEU C 384 12.16 -17.79 -6.97
CA LEU C 384 11.76 -19.06 -7.56
C LEU C 384 12.48 -19.38 -8.86
N ASP C 385 13.10 -18.38 -9.49
CA ASP C 385 13.88 -18.61 -10.71
C ASP C 385 15.28 -19.13 -10.43
N ARG C 386 15.54 -19.58 -9.20
CA ARG C 386 16.85 -20.11 -8.80
C ARG C 386 17.93 -19.04 -8.91
N SER C 387 17.67 -17.88 -8.31
CA SER C 387 18.59 -16.75 -8.34
C SER C 387 18.74 -16.16 -6.96
N ILE C 388 19.88 -15.51 -6.73
CA ILE C 388 20.17 -14.80 -5.49
C ILE C 388 20.51 -13.36 -5.86
N ARG C 389 19.93 -12.40 -5.14
CA ARG C 389 20.01 -11.00 -5.50
C ARG C 389 20.39 -10.17 -4.29
N TRP C 390 21.15 -9.10 -4.53
CA TRP C 390 21.61 -8.18 -3.50
C TRP C 390 21.16 -6.77 -3.83
N PHE C 391 20.75 -6.03 -2.80
CA PHE C 391 20.32 -4.64 -2.93
C PHE C 391 21.02 -3.82 -1.86
N ARG C 392 21.02 -2.50 -2.07
CA ARG C 392 21.55 -1.56 -1.09
C ARG C 392 20.61 -0.38 -0.94
N GLU C 393 20.55 0.16 0.27
CA GLU C 393 19.71 1.32 0.55
C GLU C 393 20.42 2.59 0.12
N ALA C 394 19.71 3.44 -0.63
CA ALA C 394 20.30 4.67 -1.14
C ALA C 394 20.67 5.62 0.00
N GLY C 395 21.75 6.36 -0.21
CA GLY C 395 22.22 7.30 0.78
C GLY C 395 23.23 6.70 1.74
N GLY C 396 23.29 7.25 2.96
CA GLY C 396 24.22 6.75 3.95
C GLY C 396 23.68 6.87 5.36
N LYS C 397 24.52 6.59 6.36
CA LYS C 397 24.12 6.68 7.75
C LYS C 397 25.32 6.85 8.66
N LYS D 3 -35.94 -15.50 -44.35
CA LYS D 3 -36.61 -16.02 -45.54
C LYS D 3 -37.15 -17.43 -45.31
N VAL D 4 -36.84 -18.34 -46.23
CA VAL D 4 -37.26 -19.72 -46.14
C VAL D 4 -36.05 -20.62 -46.33
N PHE D 5 -35.92 -21.62 -45.45
CA PHE D 5 -34.82 -22.56 -45.49
C PHE D 5 -35.36 -23.97 -45.63
N ILE D 6 -34.77 -24.74 -46.56
CA ILE D 6 -35.24 -26.08 -46.90
C ILE D 6 -34.15 -27.07 -46.56
N ALA D 7 -34.50 -28.13 -45.82
CA ALA D 7 -33.54 -29.16 -45.48
C ALA D 7 -33.14 -29.96 -46.71
N THR D 8 -31.86 -30.37 -46.75
CA THR D 8 -31.35 -31.16 -47.86
C THR D 8 -30.89 -32.53 -47.40
N ALA D 9 -30.01 -32.62 -46.41
CA ALA D 9 -29.48 -33.89 -45.93
C ALA D 9 -29.51 -33.90 -44.40
N ASN D 10 -29.56 -35.11 -43.85
CA ASN D 10 -29.63 -35.28 -42.40
C ASN D 10 -28.99 -36.61 -42.04
N ALA D 11 -27.84 -36.56 -41.37
CA ALA D 11 -27.15 -37.76 -40.90
C ALA D 11 -27.26 -37.82 -39.38
N GLY D 12 -27.82 -38.92 -38.88
CA GLY D 12 -28.01 -39.10 -37.46
C GLY D 12 -26.96 -40.02 -36.84
N LYS D 13 -26.77 -39.84 -35.53
CA LYS D 13 -25.81 -40.65 -34.76
C LYS D 13 -24.42 -40.60 -35.40
N ALA D 14 -24.01 -39.41 -35.83
CA ALA D 14 -22.73 -39.26 -36.50
C ALA D 14 -21.57 -39.58 -35.56
N HIS D 15 -21.69 -39.20 -34.30
CA HIS D 15 -20.65 -39.44 -33.31
C HIS D 15 -21.25 -40.11 -32.08
N ASP D 16 -20.37 -40.65 -31.24
CA ASP D 16 -20.78 -41.19 -29.95
C ASP D 16 -20.60 -40.19 -28.82
N ALA D 17 -19.60 -39.32 -28.91
CA ALA D 17 -19.45 -38.18 -28.01
C ALA D 17 -19.98 -36.93 -28.68
N ASP D 18 -20.28 -35.92 -27.86
CA ASP D 18 -20.93 -34.71 -28.35
C ASP D 18 -20.03 -33.94 -29.30
N ILE D 19 -20.65 -33.05 -30.07
CA ILE D 19 -19.98 -32.28 -31.12
C ILE D 19 -19.85 -30.84 -30.64
N PHE D 20 -18.63 -30.31 -30.68
CA PHE D 20 -18.35 -28.99 -30.13
C PHE D 20 -18.16 -27.90 -31.17
N SER D 21 -17.67 -28.23 -32.37
CA SER D 21 -17.41 -27.20 -33.36
C SER D 21 -17.37 -27.84 -34.75
N VAL D 22 -17.85 -27.08 -35.74
CA VAL D 22 -17.86 -27.49 -37.13
C VAL D 22 -17.31 -26.35 -37.97
N SER D 23 -16.50 -26.69 -38.97
CA SER D 23 -16.03 -25.73 -39.95
C SER D 23 -15.98 -26.40 -41.31
N ALA D 24 -15.98 -25.60 -42.37
CA ALA D 24 -16.05 -26.14 -43.72
C ALA D 24 -15.19 -25.30 -44.64
N CYS D 25 -14.82 -25.91 -45.77
CA CYS D 25 -14.08 -25.26 -46.84
C CYS D 25 -14.92 -25.33 -48.13
N ASN D 26 -14.32 -24.90 -49.24
CA ASN D 26 -14.99 -24.95 -50.52
C ASN D 26 -15.11 -26.37 -51.08
N SER D 27 -14.42 -27.35 -50.48
CA SER D 27 -14.41 -28.71 -50.99
C SER D 27 -15.04 -29.73 -50.07
N PHE D 28 -14.91 -29.57 -48.75
CA PHE D 28 -15.45 -30.55 -47.82
C PHE D 28 -15.79 -29.88 -46.49
N THR D 29 -16.64 -30.54 -45.72
CA THR D 29 -17.04 -30.08 -44.39
C THR D 29 -16.41 -30.98 -43.34
N VAL D 30 -15.63 -30.38 -42.45
CA VAL D 30 -14.89 -31.13 -41.43
C VAL D 30 -15.56 -30.91 -40.08
N SER D 31 -15.68 -31.99 -39.31
CA SER D 31 -16.32 -31.95 -38.00
C SER D 31 -15.38 -32.53 -36.95
N CYS D 32 -15.55 -32.06 -35.72
CA CYS D 32 -14.75 -32.55 -34.59
C CYS D 32 -15.66 -32.83 -33.41
N SER D 33 -15.35 -33.91 -32.69
CA SER D 33 -16.14 -34.32 -31.54
C SER D 33 -15.21 -34.64 -30.37
N GLY D 34 -15.80 -34.82 -29.19
CA GLY D 34 -15.04 -35.09 -27.99
C GLY D 34 -14.49 -36.49 -27.87
N ASP D 35 -14.87 -37.39 -28.78
CA ASP D 35 -14.39 -38.76 -28.76
C ASP D 35 -13.00 -38.93 -29.35
N GLY D 36 -12.49 -37.91 -30.05
CA GLY D 36 -11.19 -37.98 -30.66
C GLY D 36 -11.16 -38.37 -32.12
N TYR D 37 -12.30 -38.37 -32.79
CA TYR D 37 -12.38 -38.71 -34.21
C TYR D 37 -12.69 -37.45 -35.00
N LEU D 38 -11.91 -37.22 -36.06
CA LEU D 38 -12.10 -36.09 -36.94
C LEU D 38 -12.71 -36.57 -38.24
N LYS D 39 -13.92 -36.12 -38.54
CA LYS D 39 -14.68 -36.56 -39.70
C LYS D 39 -14.71 -35.46 -40.76
N VAL D 40 -14.91 -35.88 -42.00
CA VAL D 40 -15.07 -34.96 -43.12
C VAL D 40 -16.29 -35.38 -43.92
N TRP D 41 -17.06 -34.39 -44.35
CA TRP D 41 -18.24 -34.60 -45.18
C TRP D 41 -17.99 -33.97 -46.55
N ASP D 42 -18.42 -34.66 -47.60
CA ASP D 42 -18.21 -34.18 -48.96
C ASP D 42 -19.22 -33.08 -49.28
N ASN D 43 -18.72 -31.87 -49.53
CA ASN D 43 -19.59 -30.76 -49.86
C ASN D 43 -20.27 -30.98 -51.21
N LYS D 44 -19.50 -31.41 -52.22
CA LYS D 44 -20.03 -31.69 -53.55
C LYS D 44 -20.46 -33.15 -53.59
N LEU D 45 -21.77 -33.39 -53.55
CA LEU D 45 -22.31 -34.74 -53.58
C LEU D 45 -23.62 -34.74 -54.34
N LEU D 46 -24.02 -35.91 -54.81
CA LEU D 46 -25.30 -36.07 -55.48
C LEU D 46 -26.44 -35.75 -54.52
N ASP D 47 -27.49 -35.11 -55.05
CA ASP D 47 -28.61 -34.72 -54.21
C ASP D 47 -29.34 -35.94 -53.64
N ASN D 48 -29.51 -36.98 -54.46
CA ASN D 48 -30.24 -38.18 -54.02
C ASN D 48 -29.25 -39.26 -53.57
N GLU D 49 -28.62 -38.98 -52.43
CA GLU D 49 -27.71 -39.94 -51.82
C GLU D 49 -27.52 -39.57 -50.35
N ASN D 50 -27.43 -40.60 -49.51
CA ASN D 50 -27.29 -40.38 -48.08
C ASN D 50 -25.96 -39.70 -47.77
N PRO D 51 -25.95 -38.72 -46.87
CA PRO D 51 -24.66 -38.09 -46.49
C PRO D 51 -23.68 -39.05 -45.84
N LYS D 52 -24.16 -40.04 -45.10
CA LYS D 52 -23.26 -40.96 -44.40
C LYS D 52 -22.41 -41.76 -45.37
N ASP D 53 -22.87 -41.92 -46.61
CA ASP D 53 -22.15 -42.74 -47.59
C ASP D 53 -20.81 -42.14 -47.98
N LYS D 54 -20.62 -40.83 -47.78
CA LYS D 54 -19.38 -40.18 -48.17
C LYS D 54 -18.70 -39.52 -46.98
N SER D 55 -18.61 -40.24 -45.86
CA SER D 55 -17.99 -39.74 -44.64
C SER D 55 -16.69 -40.50 -44.40
N TYR D 56 -15.60 -39.76 -44.20
CA TYR D 56 -14.29 -40.33 -43.94
C TYR D 56 -13.85 -39.93 -42.54
N SER D 57 -13.51 -40.93 -41.72
CA SER D 57 -13.16 -40.71 -40.32
C SER D 57 -11.67 -40.93 -40.09
N HIS D 58 -11.19 -40.42 -38.97
CA HIS D 58 -9.79 -40.58 -38.58
C HIS D 58 -9.65 -40.27 -37.09
N PHE D 59 -8.93 -41.15 -36.38
CA PHE D 59 -8.68 -40.95 -34.96
C PHE D 59 -7.59 -39.93 -34.75
N VAL D 60 -7.79 -39.02 -33.80
CA VAL D 60 -6.89 -37.89 -33.59
C VAL D 60 -6.20 -37.96 -32.23
N HIS D 61 -6.99 -37.94 -31.14
CA HIS D 61 -6.41 -37.87 -29.81
C HIS D 61 -7.36 -38.52 -28.82
N LYS D 62 -6.82 -38.89 -27.65
CA LYS D 62 -7.60 -39.55 -26.62
C LYS D 62 -8.28 -38.58 -25.66
N SER D 63 -7.66 -37.42 -25.40
CA SER D 63 -8.27 -36.46 -24.49
C SER D 63 -9.60 -35.95 -25.04
N GLY D 64 -9.65 -35.67 -26.34
CA GLY D 64 -10.87 -35.19 -26.97
C GLY D 64 -10.72 -33.82 -27.60
N LEU D 65 -11.40 -33.59 -28.72
CA LEU D 65 -11.26 -32.38 -29.50
C LEU D 65 -12.47 -31.48 -29.32
N HIS D 66 -12.25 -30.17 -29.45
CA HIS D 66 -13.34 -29.21 -29.44
C HIS D 66 -13.16 -28.06 -30.43
N HIS D 67 -12.11 -28.05 -31.23
CA HIS D 67 -11.84 -26.96 -32.16
C HIS D 67 -11.30 -27.50 -33.47
N VAL D 68 -11.65 -26.85 -34.58
CA VAL D 68 -11.21 -27.27 -35.90
C VAL D 68 -11.36 -26.11 -36.85
N ASP D 69 -10.39 -25.97 -37.76
CA ASP D 69 -10.43 -24.94 -38.79
C ASP D 69 -9.67 -25.45 -40.01
N VAL D 70 -10.24 -25.23 -41.18
CA VAL D 70 -9.68 -25.72 -42.43
C VAL D 70 -9.36 -24.53 -43.33
N LEU D 71 -8.19 -24.56 -43.95
CA LEU D 71 -7.74 -23.51 -44.86
C LEU D 71 -7.52 -24.11 -46.24
N GLN D 72 -8.15 -23.53 -47.25
CA GLN D 72 -8.04 -23.98 -48.63
C GLN D 72 -7.60 -22.83 -49.51
N ALA D 73 -6.60 -23.08 -50.35
CA ALA D 73 -6.08 -22.05 -51.24
C ALA D 73 -5.38 -22.72 -52.42
N ILE D 74 -5.13 -21.94 -53.45
CA ILE D 74 -4.42 -22.39 -54.65
C ILE D 74 -3.05 -21.72 -54.64
N GLU D 75 -2.01 -22.53 -54.52
CA GLU D 75 -0.64 -22.03 -54.45
C GLU D 75 -0.14 -21.69 -55.85
N ARG D 76 1.17 -21.48 -55.98
CA ARG D 76 1.75 -21.17 -57.28
C ARG D 76 1.48 -22.29 -58.26
N ASP D 77 1.24 -21.91 -59.52
CA ASP D 77 0.82 -22.82 -60.59
C ASP D 77 -0.54 -23.39 -60.16
N ALA D 78 -0.77 -24.70 -60.24
CA ALA D 78 -2.03 -25.31 -59.84
C ALA D 78 -1.88 -26.14 -58.57
N PHE D 79 -0.95 -25.77 -57.70
CA PHE D 79 -0.70 -26.51 -56.47
C PHE D 79 -1.85 -26.29 -55.50
N GLU D 80 -2.73 -27.28 -55.38
CA GLU D 80 -3.85 -27.19 -54.46
C GLU D 80 -3.36 -27.31 -53.02
N LEU D 81 -3.94 -26.52 -52.13
CA LEU D 81 -3.58 -26.52 -50.72
C LEU D 81 -4.83 -26.72 -49.87
N CYS D 82 -4.78 -27.72 -48.98
CA CYS D 82 -5.89 -27.98 -48.05
C CYS D 82 -5.28 -28.44 -46.73
N LEU D 83 -5.21 -27.52 -45.78
CA LEU D 83 -4.62 -27.80 -44.47
C LEU D 83 -5.69 -27.65 -43.40
N VAL D 84 -5.58 -28.46 -42.34
CA VAL D 84 -6.55 -28.49 -41.26
C VAL D 84 -5.81 -28.41 -39.94
N ALA D 85 -6.29 -27.56 -39.03
CA ALA D 85 -5.74 -27.46 -37.69
C ALA D 85 -6.84 -27.69 -36.68
N THR D 86 -6.47 -28.26 -35.53
CA THR D 86 -7.45 -28.63 -34.52
C THR D 86 -6.78 -28.67 -33.15
N THR D 87 -7.61 -28.63 -32.11
CA THR D 87 -7.15 -28.56 -30.73
C THR D 87 -7.82 -29.62 -29.88
N SER D 88 -7.02 -30.33 -29.08
CA SER D 88 -7.52 -31.37 -28.19
C SER D 88 -7.68 -30.83 -26.78
N PHE D 89 -8.50 -31.53 -25.98
CA PHE D 89 -8.76 -31.12 -24.60
C PHE D 89 -7.51 -31.14 -23.73
N SER D 90 -6.47 -31.87 -24.12
CA SER D 90 -5.23 -31.85 -23.36
C SER D 90 -4.46 -30.55 -23.58
N GLY D 91 -4.61 -29.92 -24.75
CA GLY D 91 -3.95 -28.66 -25.00
C GLY D 91 -2.93 -28.69 -26.12
N ASP D 92 -3.15 -29.53 -27.12
CA ASP D 92 -2.22 -29.71 -28.22
C ASP D 92 -2.80 -29.15 -29.53
N LEU D 93 -1.93 -28.58 -30.34
CA LEU D 93 -2.28 -28.14 -31.69
C LEU D 93 -1.88 -29.25 -32.66
N LEU D 94 -2.82 -29.65 -33.52
CA LEU D 94 -2.66 -30.81 -34.38
C LEU D 94 -2.99 -30.40 -35.82
N PHE D 95 -1.99 -29.96 -36.56
CA PHE D 95 -2.15 -29.54 -37.94
C PHE D 95 -2.17 -30.76 -38.85
N TYR D 96 -3.18 -30.86 -39.70
CA TYR D 96 -3.36 -32.01 -40.57
C TYR D 96 -3.49 -31.56 -42.02
N ARG D 97 -2.91 -32.34 -42.92
CA ARG D 97 -3.01 -32.11 -44.35
C ARG D 97 -4.04 -33.06 -44.96
N ILE D 98 -4.84 -32.54 -45.89
CA ILE D 98 -5.86 -33.31 -46.58
C ILE D 98 -5.50 -33.38 -48.06
N THR D 99 -5.39 -34.60 -48.59
CA THR D 99 -5.09 -34.82 -50.00
C THR D 99 -5.99 -35.92 -50.52
N ARG D 100 -6.48 -35.73 -51.74
CA ARG D 100 -7.43 -36.65 -52.36
C ARG D 100 -6.70 -37.60 -53.31
N GLU D 101 -7.00 -38.88 -53.20
CA GLU D 101 -6.42 -39.89 -54.07
C GLU D 101 -7.33 -40.10 -55.28
N ASP D 102 -6.80 -39.81 -56.47
CA ASP D 102 -7.59 -39.92 -57.69
C ASP D 102 -7.83 -41.37 -58.11
N GLU D 103 -7.16 -42.33 -57.48
CA GLU D 103 -7.33 -43.73 -57.86
C GLU D 103 -8.75 -44.20 -57.57
N THR D 104 -9.26 -43.93 -56.37
CA THR D 104 -10.59 -44.37 -55.98
C THR D 104 -11.33 -43.31 -55.19
N LYS D 105 -11.05 -42.03 -55.47
CA LYS D 105 -11.69 -40.91 -54.78
C LYS D 105 -11.52 -41.01 -53.26
N LYS D 106 -10.31 -41.35 -52.83
CA LYS D 106 -10.01 -41.53 -51.42
C LYS D 106 -9.48 -40.23 -50.81
N VAL D 107 -9.11 -40.29 -49.54
CA VAL D 107 -8.61 -39.15 -48.80
C VAL D 107 -7.35 -39.60 -48.05
N ILE D 108 -6.46 -38.64 -47.79
CA ILE D 108 -5.20 -38.91 -47.12
C ILE D 108 -5.15 -38.03 -45.87
N PHE D 109 -5.49 -38.62 -44.72
CA PHE D 109 -5.32 -37.94 -43.44
C PHE D 109 -3.85 -38.02 -43.05
N GLU D 110 -3.15 -36.90 -43.21
CA GLU D 110 -1.71 -36.83 -42.97
C GLU D 110 -1.43 -35.87 -41.82
N LYS D 111 -0.97 -36.40 -40.69
CA LYS D 111 -0.56 -35.56 -39.58
C LYS D 111 0.69 -34.78 -39.95
N LEU D 112 0.71 -33.50 -39.55
CA LEU D 112 1.84 -32.63 -39.83
C LEU D 112 2.26 -31.94 -38.54
N ASP D 113 3.56 -31.83 -38.33
CA ASP D 113 4.12 -31.23 -37.11
C ASP D 113 4.83 -29.93 -37.47
N LEU D 114 4.39 -28.83 -36.85
CA LEU D 114 4.93 -27.52 -37.17
C LEU D 114 5.32 -26.73 -35.93
N LEU D 115 5.36 -27.36 -34.76
CA LEU D 115 5.65 -26.70 -33.50
C LEU D 115 6.98 -27.19 -32.96
N ASP D 116 7.80 -26.26 -32.46
CA ASP D 116 9.09 -26.61 -31.90
C ASP D 116 8.93 -27.22 -30.52
N SER D 117 10.07 -27.48 -29.85
CA SER D 117 10.04 -28.14 -28.55
C SER D 117 9.57 -27.24 -27.43
N ASP D 118 9.62 -25.92 -27.62
CA ASP D 118 9.16 -25.01 -26.57
C ASP D 118 7.71 -24.59 -26.78
N MET D 119 7.28 -24.41 -28.03
CA MET D 119 5.86 -24.14 -28.29
C MET D 119 4.99 -25.37 -28.11
N LYS D 120 5.59 -26.56 -27.97
CA LYS D 120 4.85 -27.77 -27.69
C LYS D 120 4.55 -27.94 -26.21
N LYS D 121 5.06 -27.06 -25.36
CA LYS D 121 4.84 -27.13 -23.91
C LYS D 121 3.70 -26.25 -23.44
N HIS D 122 2.94 -25.67 -24.37
CA HIS D 122 1.81 -24.82 -24.02
C HIS D 122 0.51 -25.61 -24.10
N SER D 123 -0.60 -24.91 -23.92
CA SER D 123 -1.93 -25.51 -24.00
C SER D 123 -2.88 -24.50 -24.61
N PHE D 124 -3.57 -24.91 -25.68
CA PHE D 124 -4.36 -24.01 -26.51
C PHE D 124 -5.84 -24.34 -26.39
N TRP D 125 -6.67 -23.33 -26.63
CA TRP D 125 -8.11 -23.49 -26.59
C TRP D 125 -8.79 -23.19 -27.92
N ALA D 126 -8.54 -22.03 -28.51
CA ALA D 126 -9.24 -21.59 -29.70
C ALA D 126 -8.26 -21.11 -30.75
N LEU D 127 -8.56 -21.38 -32.02
CA LEU D 127 -7.72 -20.97 -33.13
C LEU D 127 -8.58 -20.71 -34.35
N LYS D 128 -7.97 -20.07 -35.36
CA LYS D 128 -8.65 -19.76 -36.61
C LYS D 128 -7.61 -19.43 -37.66
N TRP D 129 -7.68 -20.12 -38.81
CA TRP D 129 -6.77 -19.84 -39.90
C TRP D 129 -7.05 -18.47 -40.50
N GLY D 130 -5.99 -17.83 -40.98
CA GLY D 130 -6.13 -16.57 -41.69
C GLY D 130 -5.79 -16.70 -43.16
N ALA D 131 -6.76 -16.42 -44.02
CA ALA D 131 -6.55 -16.53 -45.46
C ALA D 131 -5.72 -15.35 -45.98
N SER D 132 -5.25 -15.48 -47.21
CA SER D 132 -4.45 -14.45 -47.86
C SER D 132 -5.35 -13.60 -48.75
N ASN D 133 -5.51 -12.33 -48.40
CA ASN D 133 -6.31 -11.40 -49.16
C ASN D 133 -5.39 -10.48 -49.97
N ASP D 134 -5.98 -9.48 -50.62
CA ASP D 134 -5.19 -8.52 -51.38
C ASP D 134 -4.31 -7.64 -50.48
N ARG D 135 -4.58 -7.62 -49.17
CA ARG D 135 -3.77 -6.81 -48.27
C ARG D 135 -2.34 -7.33 -48.19
N LEU D 136 -2.18 -8.63 -47.94
CA LEU D 136 -0.87 -9.24 -47.81
C LEU D 136 -0.90 -10.64 -48.41
N LEU D 137 0.25 -11.08 -48.92
CA LEU D 137 0.33 -12.35 -49.62
C LEU D 137 0.36 -13.54 -48.66
N SER D 138 0.98 -13.40 -47.50
CA SER D 138 1.17 -14.53 -46.61
C SER D 138 -0.10 -14.84 -45.82
N HIS D 139 -0.28 -16.13 -45.51
CA HIS D 139 -1.34 -16.56 -44.62
C HIS D 139 -0.91 -16.39 -43.16
N ARG D 140 -1.87 -16.55 -42.25
CA ARG D 140 -1.60 -16.34 -40.84
C ARG D 140 -2.46 -17.30 -40.02
N LEU D 141 -2.08 -17.45 -38.75
CA LEU D 141 -2.81 -18.31 -37.82
C LEU D 141 -2.76 -17.68 -36.43
N VAL D 142 -3.89 -17.74 -35.73
CA VAL D 142 -4.01 -17.17 -34.39
C VAL D 142 -4.53 -18.26 -33.45
N ALA D 143 -4.03 -18.27 -32.22
CA ALA D 143 -4.41 -19.28 -31.24
C ALA D 143 -4.40 -18.67 -29.84
N THR D 144 -5.36 -19.07 -29.02
CA THR D 144 -5.47 -18.57 -27.66
C THR D 144 -4.73 -19.51 -26.70
N ASP D 145 -4.93 -19.30 -25.39
CA ASP D 145 -4.20 -20.02 -24.37
C ASP D 145 -5.08 -20.08 -23.12
N VAL D 146 -4.71 -20.98 -22.20
CA VAL D 146 -5.41 -21.07 -20.92
C VAL D 146 -5.02 -19.96 -19.97
N LYS D 147 -3.92 -19.26 -20.24
CA LYS D 147 -3.51 -18.11 -19.45
C LYS D 147 -3.94 -16.79 -20.06
N GLY D 148 -4.66 -16.81 -21.17
CA GLY D 148 -5.16 -15.62 -21.82
C GLY D 148 -4.33 -15.13 -22.99
N THR D 149 -3.12 -15.64 -23.18
CA THR D 149 -2.26 -15.18 -24.24
C THR D 149 -2.76 -15.65 -25.60
N THR D 150 -2.50 -14.85 -26.63
CA THR D 150 -2.78 -15.22 -28.01
C THR D 150 -1.49 -15.16 -28.83
N TYR D 151 -1.35 -16.09 -29.76
CA TYR D 151 -0.16 -16.24 -30.58
C TYR D 151 -0.51 -16.02 -32.05
N ILE D 152 0.48 -15.62 -32.84
CA ILE D 152 0.27 -15.38 -34.26
C ILE D 152 1.51 -15.78 -35.07
N TRP D 153 1.38 -16.84 -35.85
CA TRP D 153 2.41 -17.26 -36.79
C TRP D 153 2.14 -16.66 -38.16
N LYS D 154 3.20 -16.62 -38.98
CA LYS D 154 3.08 -16.39 -40.41
C LYS D 154 3.42 -17.69 -41.12
N PHE D 155 2.47 -18.21 -41.89
CA PHE D 155 2.64 -19.51 -42.53
C PHE D 155 3.32 -19.33 -43.88
N HIS D 156 4.47 -19.96 -44.05
CA HIS D 156 5.16 -19.98 -45.33
C HIS D 156 5.08 -21.39 -45.90
N PRO D 157 4.28 -21.63 -46.94
CA PRO D 157 4.12 -23.00 -47.44
C PRO D 157 5.32 -23.51 -48.23
N PHE D 158 6.20 -22.63 -48.69
CA PHE D 158 7.38 -23.03 -49.45
C PHE D 158 8.61 -22.31 -48.91
N ALA D 159 9.75 -22.96 -49.06
CA ALA D 159 11.02 -22.39 -48.62
C ALA D 159 12.14 -22.73 -49.60
N ASN D 168 9.80 -26.39 -53.15
CA ASN D 168 9.10 -27.64 -52.86
C ASN D 168 8.19 -27.50 -51.65
N TRP D 169 7.51 -28.59 -51.29
CA TRP D 169 6.58 -28.60 -50.16
C TRP D 169 7.39 -28.70 -48.88
N SER D 170 7.70 -27.55 -48.28
CA SER D 170 8.43 -27.48 -47.02
C SER D 170 7.76 -26.46 -46.11
N PRO D 171 6.63 -26.83 -45.48
CA PRO D 171 5.91 -25.87 -44.64
C PRO D 171 6.68 -25.53 -43.37
N THR D 172 6.60 -24.26 -42.97
CA THR D 172 7.22 -23.81 -41.74
C THR D 172 6.33 -22.76 -41.10
N LEU D 173 6.50 -22.58 -39.79
CA LEU D 173 5.74 -21.60 -39.01
C LEU D 173 6.70 -20.60 -38.41
N GLU D 174 6.50 -19.32 -38.73
CA GLU D 174 7.33 -18.23 -38.21
C GLU D 174 6.50 -17.42 -37.23
N LEU D 175 6.96 -17.36 -35.98
CA LEU D 175 6.20 -16.70 -34.92
C LEU D 175 6.46 -15.20 -34.97
N GLN D 176 5.43 -14.45 -35.38
CA GLN D 176 5.56 -13.00 -35.45
C GLN D 176 5.60 -12.38 -34.06
N GLY D 177 4.72 -12.82 -33.16
CA GLY D 177 4.70 -12.28 -31.83
C GLY D 177 3.54 -12.85 -31.04
N THR D 178 3.39 -12.34 -29.82
CA THR D 178 2.32 -12.73 -28.92
C THR D 178 1.69 -11.48 -28.30
N VAL D 179 0.40 -11.59 -27.99
CA VAL D 179 -0.34 -10.54 -27.30
C VAL D 179 -0.93 -11.13 -26.03
N GLU D 180 -0.71 -10.45 -24.91
CA GLU D 180 -1.12 -10.96 -23.60
C GLU D 180 -2.56 -10.55 -23.28
N SER D 181 -3.06 -11.06 -22.16
CA SER D 181 -4.43 -10.74 -21.76
C SER D 181 -4.51 -9.31 -21.22
N PRO D 182 -5.64 -8.63 -21.45
CA PRO D 182 -5.76 -7.25 -20.95
C PRO D 182 -5.69 -7.14 -19.44
N MET D 183 -6.22 -8.11 -18.72
CA MET D 183 -6.40 -8.02 -17.27
C MET D 183 -5.25 -8.70 -16.53
N THR D 184 -5.13 -8.36 -15.26
CA THR D 184 -4.17 -8.98 -14.35
C THR D 184 -4.78 -9.02 -12.95
N PRO D 185 -5.01 -10.21 -12.38
CA PRO D 185 -4.67 -11.56 -12.86
C PRO D 185 -5.41 -11.95 -14.14
N SER D 186 -4.81 -12.84 -14.92
CA SER D 186 -5.33 -13.18 -16.24
C SER D 186 -6.63 -13.97 -16.11
N GLN D 187 -7.29 -14.16 -17.26
CA GLN D 187 -8.50 -14.94 -17.34
C GLN D 187 -8.41 -15.86 -18.55
N PHE D 188 -9.21 -16.93 -18.52
CA PHE D 188 -9.20 -17.91 -19.60
C PHE D 188 -9.73 -17.30 -20.88
N ALA D 189 -8.93 -17.35 -21.94
CA ALA D 189 -9.36 -16.87 -23.26
C ALA D 189 -10.25 -17.91 -23.91
N THR D 190 -11.45 -17.51 -24.31
CA THR D 190 -12.46 -18.44 -24.78
C THR D 190 -12.63 -18.44 -26.29
N SER D 191 -12.67 -17.28 -26.93
CA SER D 191 -12.90 -17.18 -28.36
C SER D 191 -11.89 -16.23 -28.98
N VAL D 192 -11.56 -16.49 -30.25
CA VAL D 192 -10.66 -15.64 -31.02
C VAL D 192 -11.21 -15.54 -32.44
N ASP D 193 -10.84 -14.45 -33.13
CA ASP D 193 -11.26 -14.25 -34.50
C ASP D 193 -10.25 -13.37 -35.21
N ILE D 194 -10.23 -13.49 -36.54
CA ILE D 194 -9.36 -12.69 -37.39
C ILE D 194 -10.20 -12.10 -38.52
N SER D 195 -9.73 -10.99 -39.06
CA SER D 195 -10.46 -10.26 -40.10
C SER D 195 -9.58 -10.08 -41.32
N GLU D 196 -10.23 -9.82 -42.46
CA GLU D 196 -9.53 -9.62 -43.72
C GLU D 196 -8.91 -8.23 -43.84
N ARG D 197 -9.29 -7.29 -42.98
CA ARG D 197 -8.71 -5.95 -42.98
C ARG D 197 -7.54 -5.81 -42.04
N GLY D 198 -7.17 -6.87 -41.33
CA GLY D 198 -6.02 -6.83 -40.45
C GLY D 198 -6.36 -6.51 -39.00
N LEU D 199 -7.33 -7.22 -38.43
CA LEU D 199 -7.72 -7.02 -37.05
C LEU D 199 -7.91 -8.36 -36.36
N ILE D 200 -7.56 -8.42 -35.08
CA ILE D 200 -7.66 -9.63 -34.27
C ILE D 200 -8.51 -9.32 -33.04
N ALA D 201 -9.43 -10.23 -32.73
CA ALA D 201 -10.30 -10.08 -31.57
C ALA D 201 -10.23 -11.34 -30.71
N THR D 202 -10.34 -11.14 -29.39
CA THR D 202 -10.22 -12.22 -28.42
C THR D 202 -11.32 -12.10 -27.38
N GLY D 203 -11.87 -13.23 -26.96
CA GLY D 203 -12.94 -13.27 -25.99
C GLY D 203 -12.51 -13.95 -24.71
N PHE D 204 -13.14 -13.55 -23.60
CA PHE D 204 -12.80 -14.04 -22.27
C PHE D 204 -14.06 -14.37 -21.50
N ASN D 205 -13.92 -15.23 -20.49
CA ASN D 205 -15.05 -15.61 -19.66
C ASN D 205 -15.48 -14.50 -18.71
N ASN D 206 -14.59 -13.53 -18.44
CA ASN D 206 -14.96 -12.38 -17.63
C ASN D 206 -16.03 -11.57 -18.34
N GLY D 207 -15.88 -11.37 -19.64
CA GLY D 207 -16.84 -10.60 -20.41
C GLY D 207 -16.18 -9.47 -21.17
N THR D 208 -14.87 -9.56 -21.35
CA THR D 208 -14.06 -8.50 -21.94
C THR D 208 -13.58 -8.93 -23.33
N VAL D 209 -13.72 -8.01 -24.29
CA VAL D 209 -13.26 -8.22 -25.67
C VAL D 209 -12.16 -7.22 -25.96
N GLN D 210 -11.06 -7.70 -26.54
CA GLN D 210 -9.92 -6.88 -26.89
C GLN D 210 -9.62 -6.99 -28.38
N ILE D 211 -9.32 -5.87 -29.01
CA ILE D 211 -9.09 -5.78 -30.44
C ILE D 211 -7.67 -5.31 -30.69
N SER D 212 -6.97 -6.02 -31.59
CA SER D 212 -5.64 -5.65 -32.04
C SER D 212 -5.60 -5.71 -33.56
N GLU D 213 -4.45 -5.32 -34.13
CA GLU D 213 -4.25 -5.40 -35.57
C GLU D 213 -3.00 -6.21 -35.88
N LEU D 214 -2.98 -6.81 -37.09
CA LEU D 214 -1.93 -7.75 -37.45
C LEU D 214 -0.56 -7.09 -37.49
N SER D 215 -0.48 -5.87 -38.03
CA SER D 215 0.81 -5.31 -38.42
C SER D 215 1.68 -4.99 -37.20
N THR D 216 1.11 -4.39 -36.17
CA THR D 216 1.91 -3.81 -35.08
C THR D 216 1.79 -4.56 -33.76
N LEU D 217 0.83 -5.47 -33.63
CA LEU D 217 0.66 -6.28 -32.41
C LEU D 217 0.45 -5.41 -31.18
N ARG D 218 -0.30 -4.33 -31.33
CA ARG D 218 -0.67 -3.55 -30.15
C ARG D 218 -2.20 -3.51 -30.03
N PRO D 219 -2.73 -3.59 -28.82
CA PRO D 219 -4.19 -3.52 -28.66
C PRO D 219 -4.72 -2.14 -29.01
N LEU D 220 -5.89 -2.12 -29.65
CA LEU D 220 -6.50 -0.89 -30.11
C LEU D 220 -7.74 -0.51 -29.31
N TYR D 221 -8.64 -1.44 -29.07
CA TYR D 221 -9.86 -1.20 -28.31
C TYR D 221 -9.99 -2.22 -27.20
N ASN D 222 -10.92 -1.95 -26.28
CA ASN D 222 -11.16 -2.82 -25.13
C ASN D 222 -12.56 -2.52 -24.62
N PHE D 223 -13.44 -3.51 -24.66
CA PHE D 223 -14.82 -3.35 -24.24
C PHE D 223 -15.12 -4.30 -23.08
N GLU D 224 -16.11 -3.91 -22.27
CA GLU D 224 -16.56 -4.70 -21.13
C GLU D 224 -18.02 -5.08 -21.32
N SER D 225 -18.53 -5.86 -20.38
CA SER D 225 -19.90 -6.34 -20.43
C SER D 225 -20.90 -5.21 -20.19
N ASN D 231 -26.90 -17.71 -10.06
CA ASN D 231 -25.83 -16.83 -9.63
C ASN D 231 -25.54 -15.75 -10.67
N ASN D 232 -24.35 -15.79 -11.26
CA ASN D 232 -23.97 -14.82 -12.27
C ASN D 232 -23.03 -15.49 -13.27
N SER D 233 -23.18 -15.10 -14.54
CA SER D 233 -22.34 -15.64 -15.61
C SER D 233 -22.40 -14.69 -16.79
N ASN D 234 -21.26 -14.08 -17.14
CA ASN D 234 -21.16 -13.18 -18.29
C ASN D 234 -19.88 -13.56 -19.04
N SER D 235 -19.99 -14.53 -19.94
CA SER D 235 -18.84 -15.08 -20.65
C SER D 235 -19.02 -14.88 -22.15
N ILE D 236 -17.94 -14.46 -22.81
CA ILE D 236 -17.96 -14.23 -24.25
C ILE D 236 -17.89 -15.57 -24.95
N ARG D 237 -18.94 -15.90 -25.71
CA ARG D 237 -18.99 -17.16 -26.43
C ARG D 237 -18.48 -17.07 -27.85
N SER D 238 -18.90 -16.03 -28.59
CA SER D 238 -18.56 -15.90 -29.99
C SER D 238 -18.09 -14.48 -30.28
N VAL D 239 -17.13 -14.37 -31.20
CA VAL D 239 -16.66 -13.10 -31.71
C VAL D 239 -16.44 -13.24 -33.22
N LYS D 240 -17.13 -12.43 -34.02
CA LYS D 240 -17.05 -12.53 -35.46
C LYS D 240 -16.99 -11.14 -36.08
N PHE D 241 -15.98 -10.91 -36.90
CA PHE D 241 -15.85 -9.67 -37.66
C PHE D 241 -16.71 -9.72 -38.92
N SER D 242 -17.05 -8.54 -39.43
CA SER D 242 -17.80 -8.44 -40.66
C SER D 242 -16.94 -8.86 -41.85
N PRO D 243 -17.54 -9.48 -42.87
CA PRO D 243 -16.73 -9.87 -44.03
C PRO D 243 -16.22 -8.69 -44.84
N GLN D 244 -17.03 -7.64 -44.99
CA GLN D 244 -16.65 -6.46 -45.75
C GLN D 244 -17.27 -5.24 -45.07
N GLY D 245 -16.45 -4.50 -44.34
CA GLY D 245 -16.88 -3.32 -43.64
C GLY D 245 -16.15 -3.18 -42.33
N SER D 246 -16.77 -2.46 -41.39
CA SER D 246 -16.20 -2.22 -40.06
C SER D 246 -17.28 -2.52 -39.03
N LEU D 247 -17.41 -3.78 -38.63
CA LEU D 247 -18.43 -4.16 -37.68
C LEU D 247 -17.99 -5.45 -36.98
N LEU D 248 -18.44 -5.60 -35.73
CA LEU D 248 -18.08 -6.75 -34.91
C LEU D 248 -19.27 -7.17 -34.07
N ALA D 249 -19.56 -8.47 -34.07
CA ALA D 249 -20.68 -9.02 -33.30
C ALA D 249 -20.14 -9.80 -32.11
N ILE D 250 -20.76 -9.60 -30.95
CA ILE D 250 -20.33 -10.20 -29.69
C ILE D 250 -21.50 -10.96 -29.08
N ALA D 251 -21.22 -12.15 -28.56
CA ALA D 251 -22.22 -12.99 -27.92
C ALA D 251 -21.98 -12.98 -26.41
N HIS D 252 -22.80 -12.23 -25.69
CA HIS D 252 -22.73 -12.16 -24.24
C HIS D 252 -23.50 -13.30 -23.60
N ASP D 253 -23.29 -13.46 -22.30
CA ASP D 253 -24.09 -14.36 -21.46
C ASP D 253 -24.73 -13.55 -20.35
N SER D 254 -26.04 -13.68 -20.21
CA SER D 254 -26.73 -13.12 -19.06
C SER D 254 -26.93 -14.23 -18.03
N ASN D 255 -27.69 -13.96 -16.98
CA ASN D 255 -28.01 -14.99 -15.99
C ASN D 255 -28.97 -15.98 -16.64
N SER D 256 -28.42 -17.06 -17.20
CA SER D 256 -29.19 -18.09 -17.91
C SER D 256 -29.91 -17.53 -19.13
N PHE D 257 -29.31 -16.56 -19.80
CA PHE D 257 -29.91 -15.93 -20.98
C PHE D 257 -28.82 -15.65 -22.00
N GLY D 258 -29.23 -15.32 -23.22
CA GLY D 258 -28.32 -15.02 -24.30
C GLY D 258 -28.49 -13.59 -24.79
N CYS D 259 -27.36 -12.96 -25.15
CA CYS D 259 -27.35 -11.60 -25.63
C CYS D 259 -26.42 -11.48 -26.83
N ILE D 260 -26.72 -10.51 -27.70
CA ILE D 260 -25.88 -10.17 -28.83
C ILE D 260 -25.75 -8.66 -28.90
N THR D 261 -24.54 -8.18 -29.16
CA THR D 261 -24.26 -6.75 -29.22
C THR D 261 -23.42 -6.44 -30.44
N LEU D 262 -23.75 -5.34 -31.12
CA LEU D 262 -23.04 -4.92 -32.32
C LEU D 262 -22.11 -3.75 -32.00
N TYR D 263 -20.94 -3.77 -32.63
CA TYR D 263 -19.93 -2.73 -32.47
C TYR D 263 -19.43 -2.29 -33.83
N GLU D 264 -18.94 -1.05 -33.90
CA GLU D 264 -18.43 -0.48 -35.13
C GLU D 264 -16.93 -0.23 -34.98
N THR D 265 -16.16 -0.73 -35.94
CA THR D 265 -14.71 -0.57 -35.91
C THR D 265 -14.33 0.82 -36.40
N GLU D 266 -13.05 1.17 -36.18
CA GLU D 266 -12.44 2.42 -36.59
C GLU D 266 -12.95 3.60 -35.76
N PHE D 267 -13.92 3.34 -34.90
CA PHE D 267 -14.42 4.36 -33.99
C PHE D 267 -14.50 3.81 -32.57
N GLY D 268 -14.73 2.50 -32.46
CA GLY D 268 -14.87 1.88 -31.16
C GLY D 268 -16.17 2.18 -30.45
N GLU D 269 -17.22 2.54 -31.20
CA GLU D 269 -18.51 2.86 -30.63
C GLU D 269 -19.44 1.66 -30.72
N ARG D 270 -20.56 1.77 -30.01
CA ARG D 270 -21.56 0.70 -29.92
C ARG D 270 -22.77 1.07 -30.77
N ILE D 271 -23.19 0.14 -31.63
CA ILE D 271 -24.33 0.40 -32.51
C ILE D 271 -25.63 0.09 -31.79
N GLY D 272 -25.74 -1.09 -31.21
CA GLY D 272 -26.96 -1.47 -30.53
C GLY D 272 -26.93 -2.95 -30.18
N SER D 273 -28.11 -3.46 -29.82
CA SER D 273 -28.27 -4.84 -29.42
C SER D 273 -29.47 -5.46 -30.11
N LEU D 274 -29.37 -6.76 -30.41
CA LEU D 274 -30.47 -7.51 -30.98
C LEU D 274 -31.29 -8.14 -29.87
N SER D 275 -32.61 -8.07 -30.02
CA SER D 275 -33.50 -8.59 -28.98
C SER D 275 -34.86 -8.92 -29.57
N VAL D 276 -35.59 -9.76 -28.85
CA VAL D 276 -36.96 -10.12 -29.21
C VAL D 276 -37.83 -9.84 -27.98
N PRO D 277 -39.13 -9.62 -28.18
CA PRO D 277 -39.99 -9.27 -27.04
C PRO D 277 -40.04 -10.40 -26.01
N THR D 278 -40.18 -10.00 -24.75
CA THR D 278 -40.21 -10.94 -23.63
C THR D 278 -41.63 -11.13 -23.11
N GLU D 287 -32.37 -6.35 -22.51
CA GLU D 287 -32.63 -6.89 -23.84
C GLU D 287 -31.89 -8.21 -24.04
N PHE D 288 -32.63 -9.25 -24.41
CA PHE D 288 -32.08 -10.58 -24.62
C PHE D 288 -32.48 -11.08 -26.00
N ALA D 289 -31.62 -11.91 -26.59
CA ALA D 289 -31.87 -12.49 -27.90
C ALA D 289 -32.45 -13.89 -27.82
N HIS D 290 -31.86 -14.76 -26.98
CA HIS D 290 -32.32 -16.12 -26.81
C HIS D 290 -32.70 -16.38 -25.36
N SER D 291 -33.60 -17.35 -25.17
CA SER D 291 -33.98 -17.73 -23.81
C SER D 291 -32.80 -18.34 -23.06
N SER D 292 -32.05 -19.22 -23.72
CA SER D 292 -30.86 -19.82 -23.15
C SER D 292 -29.62 -19.14 -23.74
N TRP D 293 -28.45 -19.71 -23.46
CA TRP D 293 -27.20 -19.12 -23.93
C TRP D 293 -27.12 -19.14 -25.45
N VAL D 294 -26.39 -18.16 -25.99
CA VAL D 294 -26.08 -18.10 -27.43
C VAL D 294 -24.65 -18.58 -27.63
N MET D 295 -24.48 -19.52 -28.57
CA MET D 295 -23.21 -20.20 -28.75
C MET D 295 -22.40 -19.66 -29.93
N SER D 296 -22.96 -19.67 -31.13
CA SER D 296 -22.19 -19.44 -32.35
C SER D 296 -22.78 -18.30 -33.18
N LEU D 297 -21.91 -17.62 -33.91
CA LEU D 297 -22.28 -16.55 -34.82
C LEU D 297 -21.63 -16.81 -36.18
N SER D 298 -22.23 -16.23 -37.23
CA SER D 298 -21.70 -16.39 -38.58
C SER D 298 -22.29 -15.37 -39.54
N PHE D 299 -21.43 -14.61 -40.21
CA PHE D 299 -21.85 -13.69 -41.26
C PHE D 299 -21.91 -14.41 -42.61
N ASN D 300 -22.75 -13.88 -43.50
CA ASN D 300 -22.82 -14.40 -44.86
C ASN D 300 -21.79 -13.71 -45.74
N ASP D 301 -21.80 -14.05 -47.03
CA ASP D 301 -20.76 -13.59 -47.94
C ASP D 301 -20.73 -12.07 -48.05
N SER D 302 -21.91 -11.45 -48.18
CA SER D 302 -21.95 -10.00 -48.34
C SER D 302 -22.00 -9.28 -46.99
N GLY D 303 -22.78 -9.79 -46.04
CA GLY D 303 -22.75 -9.25 -44.69
C GLY D 303 -24.00 -8.55 -44.20
N GLU D 304 -25.18 -9.00 -44.63
CA GLU D 304 -26.43 -8.40 -44.19
C GLU D 304 -27.19 -9.26 -43.19
N THR D 305 -27.09 -10.58 -43.28
CA THR D 305 -27.84 -11.49 -42.41
C THR D 305 -26.89 -12.12 -41.40
N LEU D 306 -27.32 -12.14 -40.14
CA LEU D 306 -26.57 -12.74 -39.05
C LEU D 306 -27.39 -13.89 -38.46
N CYS D 307 -26.83 -15.09 -38.50
CA CYS D 307 -27.45 -16.25 -37.89
C CYS D 307 -26.92 -16.42 -36.47
N SER D 308 -27.73 -17.05 -35.63
CA SER D 308 -27.41 -17.16 -34.21
C SER D 308 -27.77 -18.55 -33.71
N ALA D 309 -26.78 -19.27 -33.18
CA ALA D 309 -27.01 -20.57 -32.57
C ALA D 309 -27.11 -20.41 -31.07
N GLY D 310 -28.16 -21.02 -30.49
CA GLY D 310 -28.43 -20.91 -29.07
C GLY D 310 -28.52 -22.28 -28.41
N TRP D 311 -28.36 -22.27 -27.09
CA TRP D 311 -28.52 -23.48 -26.29
C TRP D 311 -29.99 -23.76 -25.98
N ASP D 312 -30.89 -22.89 -26.42
CA ASP D 312 -32.32 -23.14 -26.32
C ASP D 312 -32.86 -23.98 -27.47
N GLY D 313 -32.08 -24.18 -28.53
CA GLY D 313 -32.47 -25.06 -29.60
C GLY D 313 -33.07 -24.39 -30.82
N LYS D 314 -32.87 -23.09 -30.99
CA LYS D 314 -33.46 -22.36 -32.10
C LYS D 314 -32.40 -21.52 -32.80
N LEU D 315 -32.56 -21.39 -34.11
CA LEU D 315 -31.69 -20.54 -34.92
C LEU D 315 -32.44 -19.27 -35.29
N ARG D 316 -31.80 -18.12 -35.07
CA ARG D 316 -32.43 -16.82 -35.31
C ARG D 316 -31.58 -16.05 -36.30
N PHE D 317 -32.18 -15.68 -37.42
CA PHE D 317 -31.53 -14.88 -38.45
C PHE D 317 -31.92 -13.42 -38.27
N TRP D 318 -30.94 -12.53 -38.35
CA TRP D 318 -31.12 -11.13 -38.04
C TRP D 318 -30.66 -10.28 -39.21
N ASP D 319 -31.25 -9.09 -39.34
CA ASP D 319 -30.82 -8.12 -40.34
C ASP D 319 -29.97 -7.06 -39.66
N VAL D 320 -28.71 -6.95 -40.09
CA VAL D 320 -27.78 -6.02 -39.46
C VAL D 320 -28.21 -4.57 -39.71
N LYS D 321 -28.76 -4.30 -40.89
CA LYS D 321 -29.08 -2.92 -41.26
C LYS D 321 -30.22 -2.37 -40.40
N THR D 322 -31.27 -3.16 -40.19
CA THR D 322 -32.44 -2.69 -39.45
C THR D 322 -32.48 -3.16 -38.01
N LYS D 323 -31.56 -4.03 -37.60
CA LYS D 323 -31.49 -4.53 -36.22
C LYS D 323 -32.80 -5.20 -35.80
N GLU D 324 -33.42 -5.92 -36.72
CA GLU D 324 -34.67 -6.61 -36.46
C GLU D 324 -34.59 -8.04 -36.93
N ARG D 325 -35.20 -8.94 -36.18
CA ARG D 325 -35.17 -10.36 -36.52
C ARG D 325 -35.93 -10.63 -37.82
N ILE D 326 -35.35 -11.47 -38.66
CA ILE D 326 -35.95 -11.85 -39.93
C ILE D 326 -36.76 -13.13 -39.81
N THR D 327 -36.19 -14.16 -39.18
CA THR D 327 -36.88 -15.43 -39.03
C THR D 327 -36.32 -16.13 -37.81
N THR D 328 -36.90 -17.30 -37.49
CA THR D 328 -36.47 -18.09 -36.35
C THR D 328 -36.85 -19.54 -36.61
N LEU D 329 -35.86 -20.43 -36.60
CA LEU D 329 -36.08 -21.84 -36.89
C LEU D 329 -36.20 -22.63 -35.60
N ASN D 330 -37.07 -23.64 -35.62
CA ASN D 330 -37.22 -24.59 -34.52
C ASN D 330 -36.97 -25.98 -35.06
N MET D 331 -35.87 -26.60 -34.61
CA MET D 331 -35.50 -27.93 -35.08
C MET D 331 -35.88 -29.03 -34.09
N HIS D 332 -36.59 -28.69 -33.02
CA HIS D 332 -37.21 -29.73 -32.20
C HIS D 332 -38.43 -30.32 -32.88
N CYS D 333 -39.14 -29.52 -33.67
CA CYS D 333 -40.25 -30.00 -34.50
C CYS D 333 -40.04 -29.47 -35.91
N ASP D 334 -40.15 -30.37 -36.89
CA ASP D 334 -39.84 -30.00 -38.27
C ASP D 334 -40.80 -28.95 -38.80
N ASP D 335 -42.08 -29.07 -38.48
CA ASP D 335 -43.08 -28.14 -38.98
C ASP D 335 -42.87 -26.74 -38.40
N ILE D 336 -43.24 -25.73 -39.17
CA ILE D 336 -43.10 -24.34 -38.75
C ILE D 336 -44.37 -23.56 -39.06
N ASP D 341 -42.72 -14.63 -32.26
CA ASP D 341 -41.96 -15.35 -31.25
C ASP D 341 -41.70 -14.49 -30.03
N ILE D 342 -41.63 -15.13 -28.87
CA ILE D 342 -41.47 -14.42 -27.59
C ILE D 342 -40.60 -15.27 -26.68
N LEU D 343 -39.81 -14.60 -25.85
CA LEU D 343 -38.98 -15.30 -24.86
C LEU D 343 -39.88 -15.85 -23.76
N ALA D 344 -40.20 -17.14 -23.86
CA ALA D 344 -41.08 -17.80 -22.90
C ALA D 344 -40.24 -18.42 -21.79
N VAL D 345 -40.48 -18.00 -20.56
CA VAL D 345 -39.81 -18.53 -19.38
C VAL D 345 -40.85 -19.00 -18.38
N ASP D 346 -40.45 -19.94 -17.53
CA ASP D 346 -41.37 -20.53 -16.57
C ASP D 346 -41.45 -19.66 -15.32
N GLU D 347 -42.11 -20.18 -14.28
CA GLU D 347 -42.31 -19.41 -13.06
C GLU D 347 -41.02 -19.15 -12.31
N HIS D 348 -39.95 -19.89 -12.61
CA HIS D 348 -38.66 -19.67 -11.96
C HIS D 348 -37.69 -18.83 -12.78
N GLY D 349 -37.89 -18.73 -14.09
CA GLY D 349 -37.00 -18.01 -14.95
C GLY D 349 -36.19 -18.88 -15.91
N ASP D 350 -36.63 -20.09 -16.19
CA ASP D 350 -35.92 -21.02 -17.05
C ASP D 350 -36.62 -21.13 -18.40
N SER D 351 -35.85 -21.43 -19.44
CA SER D 351 -36.40 -21.56 -20.78
C SER D 351 -37.35 -22.75 -20.85
N LEU D 352 -38.34 -22.65 -21.73
CA LEU D 352 -39.31 -23.72 -21.94
C LEU D 352 -38.88 -24.69 -23.04
N ALA D 353 -37.69 -24.53 -23.62
CA ALA D 353 -37.23 -25.34 -24.72
C ALA D 353 -36.04 -26.19 -24.30
N GLU D 354 -35.97 -27.42 -24.83
CA GLU D 354 -34.88 -28.33 -24.51
C GLU D 354 -33.57 -27.85 -25.12
N PRO D 355 -32.43 -28.26 -24.56
CA PRO D 355 -31.13 -27.82 -25.09
C PRO D 355 -30.93 -28.26 -26.54
N GLY D 356 -30.32 -27.37 -27.32
CA GLY D 356 -30.22 -27.57 -28.75
C GLY D 356 -28.85 -27.66 -29.37
N VAL D 357 -28.44 -26.59 -30.06
CA VAL D 357 -27.33 -26.61 -31.00
C VAL D 357 -26.07 -26.06 -30.36
N PHE D 358 -24.92 -26.64 -30.73
CA PHE D 358 -23.61 -26.15 -30.33
C PHE D 358 -23.02 -25.14 -31.32
N ASP D 359 -23.17 -25.40 -32.62
CA ASP D 359 -22.48 -24.59 -33.63
C ASP D 359 -23.29 -24.57 -34.91
N VAL D 360 -23.20 -23.44 -35.62
CA VAL D 360 -23.80 -23.27 -36.93
C VAL D 360 -22.77 -22.62 -37.85
N LYS D 361 -23.00 -22.76 -39.16
CA LYS D 361 -22.04 -22.28 -40.15
C LYS D 361 -22.76 -21.88 -41.42
N PHE D 362 -22.21 -20.87 -42.10
CA PHE D 362 -22.61 -20.49 -43.44
C PHE D 362 -21.64 -21.05 -44.46
N LEU D 363 -22.18 -21.41 -45.63
CA LEU D 363 -21.39 -21.85 -46.77
C LEU D 363 -21.68 -20.91 -47.94
N LYS D 364 -20.63 -20.48 -48.63
CA LYS D 364 -20.77 -19.47 -49.67
C LYS D 364 -21.42 -20.09 -50.91
N LYS D 365 -21.50 -19.32 -51.99
CA LYS D 365 -22.16 -19.77 -53.20
C LYS D 365 -21.37 -20.88 -53.88
N GLY D 366 -22.08 -21.86 -54.42
CA GLY D 366 -21.45 -22.93 -55.15
C GLY D 366 -20.74 -23.97 -54.31
N TRP D 367 -21.08 -24.08 -53.03
CA TRP D 367 -20.44 -25.04 -52.15
C TRP D 367 -21.24 -26.33 -51.99
N ARG D 368 -22.55 -26.30 -52.24
CA ARG D 368 -23.37 -27.48 -52.23
C ARG D 368 -24.41 -27.38 -53.35
N SER D 369 -24.91 -28.52 -53.79
CA SER D 369 -25.92 -28.56 -54.85
C SER D 369 -26.94 -29.66 -54.58
N GLU D 377 -26.60 -20.36 -50.88
CA GLU D 377 -25.93 -20.49 -49.58
C GLU D 377 -26.47 -21.68 -48.81
N SER D 378 -25.62 -22.28 -47.98
CA SER D 378 -25.96 -23.46 -47.22
C SER D 378 -25.93 -23.16 -45.73
N LEU D 379 -26.18 -24.20 -44.93
CA LEU D 379 -26.33 -24.05 -43.48
C LEU D 379 -25.96 -25.38 -42.81
N CYS D 380 -24.79 -25.43 -42.20
CA CYS D 380 -24.36 -26.61 -41.45
C CYS D 380 -24.71 -26.43 -39.98
N CYS D 381 -25.25 -27.50 -39.38
CA CYS D 381 -25.76 -27.44 -38.01
C CYS D 381 -25.45 -28.75 -37.31
N VAL D 382 -24.70 -28.68 -36.22
CA VAL D 382 -24.38 -29.84 -35.39
C VAL D 382 -25.05 -29.65 -34.03
N CYS D 383 -25.79 -30.68 -33.60
CA CYS D 383 -26.71 -30.53 -32.48
C CYS D 383 -26.32 -31.45 -31.33
N LEU D 384 -27.00 -31.23 -30.19
CA LEU D 384 -26.79 -32.03 -28.99
C LEU D 384 -27.23 -33.48 -29.18
N ASP D 385 -28.13 -33.73 -30.12
CA ASP D 385 -28.64 -35.08 -30.41
C ASP D 385 -27.63 -35.95 -31.13
N ARG D 386 -26.36 -35.53 -31.18
CA ARG D 386 -25.28 -36.25 -31.83
C ARG D 386 -25.49 -36.37 -33.34
N SER D 387 -26.31 -35.48 -33.91
CA SER D 387 -26.66 -35.52 -35.32
C SER D 387 -26.22 -34.24 -36.00
N ILE D 388 -26.17 -34.29 -37.33
CA ILE D 388 -25.79 -33.16 -38.17
C ILE D 388 -26.88 -32.95 -39.21
N ARG D 389 -27.24 -31.68 -39.45
CA ARG D 389 -28.30 -31.33 -40.37
C ARG D 389 -27.85 -30.20 -41.28
N TRP D 390 -28.41 -30.16 -42.49
CA TRP D 390 -28.07 -29.15 -43.48
C TRP D 390 -29.33 -28.41 -43.92
N PHE D 391 -29.13 -27.14 -44.30
CA PHE D 391 -30.21 -26.31 -44.83
C PHE D 391 -29.66 -25.50 -45.99
N ARG D 392 -30.54 -25.13 -46.91
CA ARG D 392 -30.14 -24.33 -48.06
C ARG D 392 -30.96 -23.05 -48.16
N MET E 5 -25.87 -23.25 43.41
CA MET E 5 -27.28 -22.91 43.30
C MET E 5 -27.48 -21.41 43.15
N SER E 6 -28.55 -21.04 42.44
CA SER E 6 -28.87 -19.64 42.22
C SER E 6 -30.37 -19.42 42.41
N LEU E 7 -30.74 -18.22 42.83
CA LEU E 7 -32.15 -17.90 43.06
C LEU E 7 -32.95 -17.96 41.76
N LEU E 8 -32.40 -17.41 40.68
CA LEU E 8 -33.10 -17.44 39.41
C LEU E 8 -33.29 -18.87 38.90
N GLU E 9 -32.26 -19.70 39.02
CA GLU E 9 -32.38 -21.09 38.61
C GLU E 9 -33.40 -21.83 39.46
N GLN E 10 -33.42 -21.56 40.77
CA GLN E 10 -34.42 -22.19 41.63
C GLN E 10 -35.83 -21.77 41.24
N LEU E 11 -36.03 -20.48 40.95
CA LEU E 11 -37.35 -20.03 40.53
C LEU E 11 -37.75 -20.65 39.20
N ALA E 12 -36.81 -20.77 38.26
CA ALA E 12 -37.10 -21.39 36.98
C ALA E 12 -37.49 -22.85 37.14
N ARG E 13 -36.76 -23.57 38.01
CA ARG E 13 -37.10 -24.97 38.27
C ARG E 13 -38.44 -25.10 38.97
N LYS E 14 -38.77 -24.16 39.87
CA LYS E 14 -40.08 -24.17 40.50
C LYS E 14 -41.20 -23.97 39.47
N ARG E 15 -40.98 -23.07 38.52
CA ARG E 15 -41.98 -22.83 37.48
C ARG E 15 -42.06 -23.96 36.46
N ILE E 16 -41.10 -24.88 36.46
CA ILE E 16 -41.14 -26.02 35.55
C ILE E 16 -42.04 -27.11 36.11
N VAL E 80 -16.50 -4.91 45.79
CA VAL E 80 -16.30 -6.35 45.88
C VAL E 80 -14.87 -6.64 46.30
N SER E 81 -13.99 -6.88 45.32
CA SER E 81 -12.59 -7.15 45.62
C SER E 81 -11.91 -5.93 46.25
N LEU E 82 -12.20 -4.74 45.76
CA LEU E 82 -11.58 -3.54 46.30
C LEU E 82 -12.12 -3.22 47.69
N SER E 83 -13.40 -3.54 47.93
CA SER E 83 -13.98 -3.26 49.24
C SER E 83 -13.45 -4.22 50.31
N LEU E 84 -13.29 -5.51 49.96
CA LEU E 84 -12.77 -6.48 50.91
C LEU E 84 -11.33 -6.14 51.29
N LYS E 85 -10.51 -5.76 50.31
CA LYS E 85 -9.12 -5.39 50.60
C LYS E 85 -9.06 -4.13 51.45
N LEU E 86 -9.96 -3.17 51.20
CA LEU E 86 -9.97 -1.93 51.96
C LEU E 86 -10.29 -2.18 53.43
N SER E 87 -11.26 -3.06 53.69
CA SER E 87 -11.61 -3.38 55.08
C SER E 87 -10.47 -4.14 55.76
N ALA E 88 -9.86 -5.10 55.06
CA ALA E 88 -8.78 -5.88 55.64
C ALA E 88 -7.57 -5.01 55.96
N LEU E 89 -7.25 -4.06 55.08
CA LEU E 89 -6.11 -3.19 55.32
C LEU E 89 -6.33 -2.32 56.55
N LYS E 90 -7.53 -1.79 56.73
CA LYS E 90 -7.83 -0.95 57.88
C LYS E 90 -7.93 -1.78 59.15
#